data_2Z0S
# 
_entry.id   2Z0S 
# 
_audit_conform.dict_name       mmcif_pdbx.dic 
_audit_conform.dict_version    5.380 
_audit_conform.dict_location   http://mmcif.pdb.org/dictionaries/ascii/mmcif_pdbx.dic 
# 
loop_
_database_2.database_id 
_database_2.database_code 
_database_2.pdbx_database_accession 
_database_2.pdbx_DOI 
PDB   2Z0S         pdb_00002z0s 10.2210/pdb2z0s/pdb 
RCSB  RCSB027376   ?            ?                   
WWPDB D_1000027376 ?            ?                   
# 
_pdbx_database_related.db_name        TargetDB 
_pdbx_database_related.db_id          ape001001448.1 
_pdbx_database_related.details        . 
_pdbx_database_related.content_type   unspecified 
# 
_pdbx_database_status.status_code                     REL 
_pdbx_database_status.entry_id                        2Z0S 
_pdbx_database_status.recvd_initial_deposition_date   2007-05-07 
_pdbx_database_status.deposit_site                    PDBJ 
_pdbx_database_status.process_site                    PDBJ 
_pdbx_database_status.status_code_sf                  REL 
_pdbx_database_status.status_code_mr                  ? 
_pdbx_database_status.SG_entry                        Y 
_pdbx_database_status.pdb_format_compatible           Y 
_pdbx_database_status.status_code_cs                  ? 
_pdbx_database_status.status_code_nmr_data            ? 
_pdbx_database_status.methods_development_category    ? 
# 
loop_
_audit_author.name 
_audit_author.pdbx_ordinal 
'Murayama, K.'                                           1 
'Kato-Murayama, M.'                                      2 
'Takemoto, C.'                                           3 
'Terada, T.'                                             4 
'Shirouzu, M.'                                           5 
'Yokoyama, S.'                                           6 
'RIKEN Structural Genomics/Proteomics Initiative (RSGI)' 7 
# 
_citation.id                        primary 
_citation.title                     'Crystal structure of putative exosome complex RNA-binding protein' 
_citation.journal_abbrev            'To be Published' 
_citation.journal_volume            ? 
_citation.page_first                ? 
_citation.page_last                 ? 
_citation.year                      ? 
_citation.journal_id_ASTM           ? 
_citation.country                   ? 
_citation.journal_id_ISSN           ? 
_citation.journal_id_CSD            0353 
_citation.book_publisher            ? 
_citation.pdbx_database_id_PubMed   ? 
_citation.pdbx_database_id_DOI      ? 
# 
loop_
_citation_author.citation_id 
_citation_author.name 
_citation_author.ordinal 
_citation_author.identifier_ORCID 
primary 'Murayama, K.'      1 ? 
primary 'Kato-Murayama, M.' 2 ? 
primary 'Takemoto, C.'      3 ? 
primary 'Terada, T.'        4 ? 
primary 'Shirouzu, M.'      5 ? 
primary 'Yokoyama, S.'      6 ? 
# 
_cell.entry_id           2Z0S 
_cell.length_a           97.414 
_cell.length_b           97.414 
_cell.length_c           136.548 
_cell.angle_alpha        90.00 
_cell.angle_beta         90.00 
_cell.angle_gamma        120.00 
_cell.Z_PDB              12 
_cell.pdbx_unique_axis   ? 
_cell.length_a_esd       ? 
_cell.length_b_esd       ? 
_cell.length_c_esd       ? 
_cell.angle_alpha_esd    ? 
_cell.angle_beta_esd     ? 
_cell.angle_gamma_esd    ? 
# 
_symmetry.entry_id                         2Z0S 
_symmetry.space_group_name_H-M             'P 61 2 2' 
_symmetry.pdbx_full_space_group_name_H-M   ? 
_symmetry.cell_setting                     ? 
_symmetry.Int_Tables_number                178 
_symmetry.space_group_name_Hall            ? 
# 
_entity.id                         1 
_entity.type                       polymer 
_entity.src_method                 man 
_entity.pdbx_description           'Probable exosome complex RNA-binding protein 1' 
_entity.formula_weight             26096.549 
_entity.pdbx_number_of_molecules   1 
_entity.pdbx_ec                    ? 
_entity.pdbx_mutation              ? 
_entity.pdbx_fragment              ? 
_entity.details                    ? 
# 
_entity_poly.entity_id                      1 
_entity_poly.type                           'polypeptide(L)' 
_entity_poly.nstd_linkage                   no 
_entity_poly.nstd_monomer                   no 
_entity_poly.pdbx_seq_one_letter_code       
;MSSERQLAGRIVVPGEPLPEEVEASPPYVIDYKGVKRATVVGLLREKGDGGGRAFVKLKEIYVPQAGDVVIGLIQSVGIM
NWFVDINSPYVAVLSVQDFLGRPFNPAVDDMQSLLKVGDYIKAKVVAFDKTRSPLLTVQGEGLGRIVRGKIVEISPAKVP
RVIGRKMSMLKTLEEKTECKIFVARNGRIHLECPNEDLEAIAVMAIKIIDEEAYTSGLTKRIIKFIEEERRIREV
;
_entity_poly.pdbx_seq_one_letter_code_can   
;MSSERQLAGRIVVPGEPLPEEVEASPPYVIDYKGVKRATVVGLLREKGDGGGRAFVKLKEIYVPQAGDVVIGLIQSVGIM
NWFVDINSPYVAVLSVQDFLGRPFNPAVDDMQSLLKVGDYIKAKVVAFDKTRSPLLTVQGEGLGRIVRGKIVEISPAKVP
RVIGRKMSMLKTLEEKTECKIFVARNGRIHLECPNEDLEAIAVMAIKIIDEEAYTSGLTKRIIKFIEEERRIREV
;
_entity_poly.pdbx_strand_id                 A 
_entity_poly.pdbx_target_identifier         ape001001448.1 
# 
loop_
_entity_poly_seq.entity_id 
_entity_poly_seq.num 
_entity_poly_seq.mon_id 
_entity_poly_seq.hetero 
1 1   MET n 
1 2   SER n 
1 3   SER n 
1 4   GLU n 
1 5   ARG n 
1 6   GLN n 
1 7   LEU n 
1 8   ALA n 
1 9   GLY n 
1 10  ARG n 
1 11  ILE n 
1 12  VAL n 
1 13  VAL n 
1 14  PRO n 
1 15  GLY n 
1 16  GLU n 
1 17  PRO n 
1 18  LEU n 
1 19  PRO n 
1 20  GLU n 
1 21  GLU n 
1 22  VAL n 
1 23  GLU n 
1 24  ALA n 
1 25  SER n 
1 26  PRO n 
1 27  PRO n 
1 28  TYR n 
1 29  VAL n 
1 30  ILE n 
1 31  ASP n 
1 32  TYR n 
1 33  LYS n 
1 34  GLY n 
1 35  VAL n 
1 36  LYS n 
1 37  ARG n 
1 38  ALA n 
1 39  THR n 
1 40  VAL n 
1 41  VAL n 
1 42  GLY n 
1 43  LEU n 
1 44  LEU n 
1 45  ARG n 
1 46  GLU n 
1 47  LYS n 
1 48  GLY n 
1 49  ASP n 
1 50  GLY n 
1 51  GLY n 
1 52  GLY n 
1 53  ARG n 
1 54  ALA n 
1 55  PHE n 
1 56  VAL n 
1 57  LYS n 
1 58  LEU n 
1 59  LYS n 
1 60  GLU n 
1 61  ILE n 
1 62  TYR n 
1 63  VAL n 
1 64  PRO n 
1 65  GLN n 
1 66  ALA n 
1 67  GLY n 
1 68  ASP n 
1 69  VAL n 
1 70  VAL n 
1 71  ILE n 
1 72  GLY n 
1 73  LEU n 
1 74  ILE n 
1 75  GLN n 
1 76  SER n 
1 77  VAL n 
1 78  GLY n 
1 79  ILE n 
1 80  MET n 
1 81  ASN n 
1 82  TRP n 
1 83  PHE n 
1 84  VAL n 
1 85  ASP n 
1 86  ILE n 
1 87  ASN n 
1 88  SER n 
1 89  PRO n 
1 90  TYR n 
1 91  VAL n 
1 92  ALA n 
1 93  VAL n 
1 94  LEU n 
1 95  SER n 
1 96  VAL n 
1 97  GLN n 
1 98  ASP n 
1 99  PHE n 
1 100 LEU n 
1 101 GLY n 
1 102 ARG n 
1 103 PRO n 
1 104 PHE n 
1 105 ASN n 
1 106 PRO n 
1 107 ALA n 
1 108 VAL n 
1 109 ASP n 
1 110 ASP n 
1 111 MET n 
1 112 GLN n 
1 113 SER n 
1 114 LEU n 
1 115 LEU n 
1 116 LYS n 
1 117 VAL n 
1 118 GLY n 
1 119 ASP n 
1 120 TYR n 
1 121 ILE n 
1 122 LYS n 
1 123 ALA n 
1 124 LYS n 
1 125 VAL n 
1 126 VAL n 
1 127 ALA n 
1 128 PHE n 
1 129 ASP n 
1 130 LYS n 
1 131 THR n 
1 132 ARG n 
1 133 SER n 
1 134 PRO n 
1 135 LEU n 
1 136 LEU n 
1 137 THR n 
1 138 VAL n 
1 139 GLN n 
1 140 GLY n 
1 141 GLU n 
1 142 GLY n 
1 143 LEU n 
1 144 GLY n 
1 145 ARG n 
1 146 ILE n 
1 147 VAL n 
1 148 ARG n 
1 149 GLY n 
1 150 LYS n 
1 151 ILE n 
1 152 VAL n 
1 153 GLU n 
1 154 ILE n 
1 155 SER n 
1 156 PRO n 
1 157 ALA n 
1 158 LYS n 
1 159 VAL n 
1 160 PRO n 
1 161 ARG n 
1 162 VAL n 
1 163 ILE n 
1 164 GLY n 
1 165 ARG n 
1 166 LYS n 
1 167 MET n 
1 168 SER n 
1 169 MET n 
1 170 LEU n 
1 171 LYS n 
1 172 THR n 
1 173 LEU n 
1 174 GLU n 
1 175 GLU n 
1 176 LYS n 
1 177 THR n 
1 178 GLU n 
1 179 CYS n 
1 180 LYS n 
1 181 ILE n 
1 182 PHE n 
1 183 VAL n 
1 184 ALA n 
1 185 ARG n 
1 186 ASN n 
1 187 GLY n 
1 188 ARG n 
1 189 ILE n 
1 190 HIS n 
1 191 LEU n 
1 192 GLU n 
1 193 CYS n 
1 194 PRO n 
1 195 ASN n 
1 196 GLU n 
1 197 ASP n 
1 198 LEU n 
1 199 GLU n 
1 200 ALA n 
1 201 ILE n 
1 202 ALA n 
1 203 VAL n 
1 204 MET n 
1 205 ALA n 
1 206 ILE n 
1 207 LYS n 
1 208 ILE n 
1 209 ILE n 
1 210 ASP n 
1 211 GLU n 
1 212 GLU n 
1 213 ALA n 
1 214 TYR n 
1 215 THR n 
1 216 SER n 
1 217 GLY n 
1 218 LEU n 
1 219 THR n 
1 220 LYS n 
1 221 ARG n 
1 222 ILE n 
1 223 ILE n 
1 224 LYS n 
1 225 PHE n 
1 226 ILE n 
1 227 GLU n 
1 228 GLU n 
1 229 GLU n 
1 230 ARG n 
1 231 ARG n 
1 232 ILE n 
1 233 ARG n 
1 234 GLU n 
1 235 VAL n 
# 
_entity_src_gen.entity_id                          1 
_entity_src_gen.pdbx_src_id                        1 
_entity_src_gen.pdbx_alt_source_flag               sample 
_entity_src_gen.pdbx_seq_type                      ? 
_entity_src_gen.pdbx_beg_seq_num                   ? 
_entity_src_gen.pdbx_end_seq_num                   ? 
_entity_src_gen.gene_src_common_name               ? 
_entity_src_gen.gene_src_genus                     Aeropyrum 
_entity_src_gen.pdbx_gene_src_gene                 ? 
_entity_src_gen.gene_src_species                   ? 
_entity_src_gen.gene_src_strain                    ? 
_entity_src_gen.gene_src_tissue                    ? 
_entity_src_gen.gene_src_tissue_fraction           ? 
_entity_src_gen.gene_src_details                   ? 
_entity_src_gen.pdbx_gene_src_fragment             ? 
_entity_src_gen.pdbx_gene_src_scientific_name      'Aeropyrum pernix' 
_entity_src_gen.pdbx_gene_src_ncbi_taxonomy_id     56636 
_entity_src_gen.pdbx_gene_src_variant              ? 
_entity_src_gen.pdbx_gene_src_cell_line            ? 
_entity_src_gen.pdbx_gene_src_atcc                 ? 
_entity_src_gen.pdbx_gene_src_organ                ? 
_entity_src_gen.pdbx_gene_src_organelle            ? 
_entity_src_gen.pdbx_gene_src_cell                 ? 
_entity_src_gen.pdbx_gene_src_cellular_location    ? 
_entity_src_gen.host_org_common_name               ? 
_entity_src_gen.pdbx_host_org_scientific_name      'Escherichia coli' 
_entity_src_gen.pdbx_host_org_ncbi_taxonomy_id     562 
_entity_src_gen.host_org_genus                     Escherichia 
_entity_src_gen.pdbx_host_org_gene                 ? 
_entity_src_gen.pdbx_host_org_organ                ? 
_entity_src_gen.host_org_species                   ? 
_entity_src_gen.pdbx_host_org_tissue               ? 
_entity_src_gen.pdbx_host_org_tissue_fraction      ? 
_entity_src_gen.pdbx_host_org_strain               ? 
_entity_src_gen.pdbx_host_org_variant              ? 
_entity_src_gen.pdbx_host_org_cell_line            ? 
_entity_src_gen.pdbx_host_org_atcc                 ? 
_entity_src_gen.pdbx_host_org_culture_collection   ? 
_entity_src_gen.pdbx_host_org_cell                 ? 
_entity_src_gen.pdbx_host_org_organelle            ? 
_entity_src_gen.pdbx_host_org_cellular_location    ? 
_entity_src_gen.pdbx_host_org_vector_type          PLASMID 
_entity_src_gen.pdbx_host_org_vector               ? 
_entity_src_gen.host_org_details                   ? 
_entity_src_gen.expression_system_id               ? 
_entity_src_gen.plasmid_name                       pET11a 
_entity_src_gen.plasmid_details                    ? 
_entity_src_gen.pdbx_description                   ? 
# 
_struct_ref.id                         1 
_struct_ref.db_name                    UNP 
_struct_ref.db_code                    ECR1_AERPE 
_struct_ref.pdbx_db_accession          Q9YC02 
_struct_ref.entity_id                  1 
_struct_ref.pdbx_seq_one_letter_code   
;MSSERQLAGRIVVPGEPLPEEVEASPPYVIDYKGVKRATVVGLLREKGDGGGRAFVKLKEIYVPQAGDVVIGLIQSVGIM
NWFVDINSPYVAVLSVQDFLGRPFNPAVDDMQSLLKVGDYIKAKVVAFDKTRSPLLTVQGEGLGRIVRGKIVEISPAKVP
RVIGRKMSMLKTLEEKTECKIFVARNGRIHLECPNEDLEAIAVMAIKIIDEEAYTSGLTKRIIKFIEEERRIREV
;
_struct_ref.pdbx_align_begin           1 
_struct_ref.pdbx_db_isoform            ? 
# 
_struct_ref_seq.align_id                      1 
_struct_ref_seq.ref_id                        1 
_struct_ref_seq.pdbx_PDB_id_code              2Z0S 
_struct_ref_seq.pdbx_strand_id                A 
_struct_ref_seq.seq_align_beg                 1 
_struct_ref_seq.pdbx_seq_align_beg_ins_code   ? 
_struct_ref_seq.seq_align_end                 235 
_struct_ref_seq.pdbx_seq_align_end_ins_code   ? 
_struct_ref_seq.pdbx_db_accession             Q9YC02 
_struct_ref_seq.db_align_beg                  1 
_struct_ref_seq.pdbx_db_align_beg_ins_code    ? 
_struct_ref_seq.db_align_end                  235 
_struct_ref_seq.pdbx_db_align_end_ins_code    ? 
_struct_ref_seq.pdbx_auth_seq_align_beg       1 
_struct_ref_seq.pdbx_auth_seq_align_end       235 
# 
loop_
_chem_comp.id 
_chem_comp.type 
_chem_comp.mon_nstd_flag 
_chem_comp.name 
_chem_comp.pdbx_synonyms 
_chem_comp.formula 
_chem_comp.formula_weight 
ALA 'L-peptide linking' y ALANINE         ? 'C3 H7 N O2'     89.093  
ARG 'L-peptide linking' y ARGININE        ? 'C6 H15 N4 O2 1' 175.209 
ASN 'L-peptide linking' y ASPARAGINE      ? 'C4 H8 N2 O3'    132.118 
ASP 'L-peptide linking' y 'ASPARTIC ACID' ? 'C4 H7 N O4'     133.103 
CYS 'L-peptide linking' y CYSTEINE        ? 'C3 H7 N O2 S'   121.158 
GLN 'L-peptide linking' y GLUTAMINE       ? 'C5 H10 N2 O3'   146.144 
GLU 'L-peptide linking' y 'GLUTAMIC ACID' ? 'C5 H9 N O4'     147.129 
GLY 'peptide linking'   y GLYCINE         ? 'C2 H5 N O2'     75.067  
HIS 'L-peptide linking' y HISTIDINE       ? 'C6 H10 N3 O2 1' 156.162 
ILE 'L-peptide linking' y ISOLEUCINE      ? 'C6 H13 N O2'    131.173 
LEU 'L-peptide linking' y LEUCINE         ? 'C6 H13 N O2'    131.173 
LYS 'L-peptide linking' y LYSINE          ? 'C6 H15 N2 O2 1' 147.195 
MET 'L-peptide linking' y METHIONINE      ? 'C5 H11 N O2 S'  149.211 
PHE 'L-peptide linking' y PHENYLALANINE   ? 'C9 H11 N O2'    165.189 
PRO 'L-peptide linking' y PROLINE         ? 'C5 H9 N O2'     115.130 
SER 'L-peptide linking' y SERINE          ? 'C3 H7 N O3'     105.093 
THR 'L-peptide linking' y THREONINE       ? 'C4 H9 N O3'     119.119 
TRP 'L-peptide linking' y TRYPTOPHAN      ? 'C11 H12 N2 O2'  204.225 
TYR 'L-peptide linking' y TYROSINE        ? 'C9 H11 N O3'    181.189 
VAL 'L-peptide linking' y VALINE          ? 'C5 H11 N O2'    117.146 
# 
_exptl.entry_id          2Z0S 
_exptl.method            'X-RAY DIFFRACTION' 
_exptl.crystals_number   1 
# 
_exptl_crystal.id                    1 
_exptl_crystal.density_meas          ? 
_exptl_crystal.density_Matthews      3.58 
_exptl_crystal.density_percent_sol   65.67 
_exptl_crystal.description           ? 
_exptl_crystal.F_000                 ? 
_exptl_crystal.preparation           ? 
# 
_exptl_crystal_grow.crystal_id      1 
_exptl_crystal_grow.method          'VAPOR DIFFUSION, SITTING DROP' 
_exptl_crystal_grow.temp            293 
_exptl_crystal_grow.temp_details    ? 
_exptl_crystal_grow.pH              ? 
_exptl_crystal_grow.pdbx_details    '10% Ethanol, 1.5M NaCl, VAPOR DIFFUSION, SITTING DROP, temperature 293K' 
_exptl_crystal_grow.pdbx_pH_range   . 
# 
_diffrn.id                     1 
_diffrn.ambient_temp           100 
_diffrn.ambient_temp_details   ? 
_diffrn.crystal_id             1 
# 
_diffrn_detector.diffrn_id              1 
_diffrn_detector.detector               CCD 
_diffrn_detector.type                   'RIGAKU JUPITER 210' 
_diffrn_detector.pdbx_collection_date   2006-10-17 
_diffrn_detector.details                ? 
# 
_diffrn_radiation.diffrn_id                        1 
_diffrn_radiation.wavelength_id                    1 
_diffrn_radiation.pdbx_monochromatic_or_laue_m_l   M 
_diffrn_radiation.monochromator                    ? 
_diffrn_radiation.pdbx_diffrn_protocol             'SINGLE WAVELENGTH' 
_diffrn_radiation.pdbx_scattering_type             x-ray 
# 
_diffrn_radiation_wavelength.id           1 
_diffrn_radiation_wavelength.wavelength   1.00 
_diffrn_radiation_wavelength.wt           1.0 
# 
_diffrn_source.diffrn_id                   1 
_diffrn_source.source                      SYNCHROTRON 
_diffrn_source.type                        'SPRING-8 BEAMLINE BL26B2' 
_diffrn_source.pdbx_synchrotron_site       SPring-8 
_diffrn_source.pdbx_synchrotron_beamline   BL26B2 
_diffrn_source.pdbx_wavelength             ? 
_diffrn_source.pdbx_wavelength_list        1.00 
# 
_reflns.entry_id                     2Z0S 
_reflns.observed_criterion_sigma_I   ? 
_reflns.observed_criterion_sigma_F   -3.0 
_reflns.d_resolution_low             50.00 
_reflns.d_resolution_high            3.20 
_reflns.number_obs                   6813 
_reflns.number_all                   ? 
_reflns.percent_possible_obs         100 
_reflns.pdbx_Rmerge_I_obs            ? 
_reflns.pdbx_Rsym_value              0.081 
_reflns.pdbx_netI_over_sigmaI        43.6 
_reflns.B_iso_Wilson_estimate        ? 
_reflns.pdbx_redundancy              19.5 
_reflns.R_free_details               ? 
_reflns.limit_h_max                  ? 
_reflns.limit_h_min                  ? 
_reflns.limit_k_max                  ? 
_reflns.limit_k_min                  ? 
_reflns.limit_l_max                  ? 
_reflns.limit_l_min                  ? 
_reflns.observed_criterion_F_max     ? 
_reflns.observed_criterion_F_min     ? 
_reflns.pdbx_chi_squared             ? 
_reflns.pdbx_scaling_rejects         ? 
_reflns.pdbx_diffrn_id               1 
_reflns.pdbx_ordinal                 1 
# 
_reflns_shell.d_res_high             3.20 
_reflns_shell.d_res_low              3.31 
_reflns_shell.percent_possible_all   100 
_reflns_shell.Rmerge_I_obs           ? 
_reflns_shell.pdbx_Rsym_value        ? 
_reflns_shell.meanI_over_sigI_obs    ? 
_reflns_shell.pdbx_redundancy        ? 
_reflns_shell.percent_possible_obs   ? 
_reflns_shell.number_unique_all      ? 
_reflns_shell.number_measured_all    ? 
_reflns_shell.number_measured_obs    ? 
_reflns_shell.number_unique_obs      ? 
_reflns_shell.pdbx_chi_squared       ? 
_reflns_shell.pdbx_diffrn_id         ? 
_reflns_shell.pdbx_ordinal           1 
# 
_refine.entry_id                                 2Z0S 
_refine.ls_number_reflns_obs                     6777 
_refine.ls_number_reflns_all                     ? 
_refine.pdbx_ls_sigma_I                          ? 
_refine.pdbx_ls_sigma_F                          0.0 
_refine.pdbx_data_cutoff_high_absF               2398620.47 
_refine.pdbx_data_cutoff_low_absF                0.000000 
_refine.pdbx_data_cutoff_high_rms_absF           ? 
_refine.ls_d_res_low                             48.71 
_refine.ls_d_res_high                            3.20 
_refine.ls_percent_reflns_obs                    100.0 
_refine.ls_R_factor_obs                          0.277 
_refine.ls_R_factor_all                          ? 
_refine.ls_R_factor_R_work                       0.277 
_refine.ls_R_factor_R_free                       0.331 
_refine.ls_R_factor_R_free_error                 0.012 
_refine.ls_R_factor_R_free_error_details         ? 
_refine.ls_percent_reflns_R_free                 10.9 
_refine.ls_number_reflns_R_free                  739 
_refine.ls_number_parameters                     ? 
_refine.ls_number_restraints                     ? 
_refine.occupancy_min                            ? 
_refine.occupancy_max                            ? 
_refine.correlation_coeff_Fo_to_Fc               ? 
_refine.correlation_coeff_Fo_to_Fc_free          ? 
_refine.B_iso_mean                               89.6 
_refine.aniso_B[1][1]                            -24.73 
_refine.aniso_B[2][2]                            -24.73 
_refine.aniso_B[3][3]                            49.46 
_refine.aniso_B[1][2]                            5.18 
_refine.aniso_B[1][3]                            0.00 
_refine.aniso_B[2][3]                            0.00 
_refine.solvent_model_details                    'FLAT MODEL' 
_refine.solvent_model_param_ksol                 0.327704 
_refine.solvent_model_param_bsol                 53.4381 
_refine.pdbx_solvent_vdw_probe_radii             ? 
_refine.pdbx_solvent_ion_probe_radii             ? 
_refine.pdbx_solvent_shrinkage_radii             ? 
_refine.pdbx_ls_cross_valid_method               THROUGHOUT 
_refine.details                                  ? 
_refine.pdbx_starting_model                      'PDB ENTRY 2BA0' 
_refine.pdbx_method_to_determine_struct          'MOLECULAR REPLACEMENT' 
_refine.pdbx_isotropic_thermal_model             RESTRAINED 
_refine.pdbx_stereochemistry_target_values       ? 
_refine.pdbx_stereochem_target_val_spec_case     ? 
_refine.pdbx_R_Free_selection_details            RANDOM 
_refine.pdbx_overall_ESU_R                       ? 
_refine.pdbx_overall_ESU_R_Free                  ? 
_refine.overall_SU_ML                            ? 
_refine.overall_SU_B                             ? 
_refine.ls_redundancy_reflns_obs                 ? 
_refine.B_iso_min                                ? 
_refine.B_iso_max                                ? 
_refine.overall_SU_R_Cruickshank_DPI             ? 
_refine.overall_SU_R_free                        ? 
_refine.ls_wR_factor_R_free                      ? 
_refine.ls_wR_factor_R_work                      ? 
_refine.overall_FOM_free_R_set                   ? 
_refine.overall_FOM_work_R_set                   ? 
_refine.pdbx_refine_id                           'X-RAY DIFFRACTION' 
_refine.pdbx_diffrn_id                           1 
_refine.pdbx_TLS_residual_ADP_flag               ? 
_refine.pdbx_overall_phase_error                 ? 
_refine.pdbx_overall_SU_R_free_Cruickshank_DPI   ? 
_refine.pdbx_overall_SU_R_Blow_DPI               ? 
_refine.pdbx_overall_SU_R_free_Blow_DPI          ? 
# 
_refine_analyze.entry_id                        2Z0S 
_refine_analyze.Luzzati_coordinate_error_obs    0.44 
_refine_analyze.Luzzati_sigma_a_obs             0.56 
_refine_analyze.Luzzati_d_res_low_obs           5.00 
_refine_analyze.Luzzati_coordinate_error_free   0.59 
_refine_analyze.Luzzati_sigma_a_free            0.71 
_refine_analyze.Luzzati_d_res_low_free          ? 
_refine_analyze.number_disordered_residues      ? 
_refine_analyze.occupancy_sum_hydrogen          ? 
_refine_analyze.occupancy_sum_non_hydrogen      ? 
_refine_analyze.pdbx_Luzzati_d_res_high_obs     ? 
_refine_analyze.pdbx_refine_id                  'X-RAY DIFFRACTION' 
# 
_refine_hist.pdbx_refine_id                   'X-RAY DIFFRACTION' 
_refine_hist.cycle_id                         LAST 
_refine_hist.pdbx_number_atoms_protein        1377 
_refine_hist.pdbx_number_atoms_nucleic_acid   0 
_refine_hist.pdbx_number_atoms_ligand         0 
_refine_hist.number_atoms_solvent             0 
_refine_hist.number_atoms_total               1377 
_refine_hist.d_res_high                       3.20 
_refine_hist.d_res_low                        48.71 
# 
loop_
_refine_ls_restr.type 
_refine_ls_restr.dev_ideal 
_refine_ls_restr.dev_ideal_target 
_refine_ls_restr.weight 
_refine_ls_restr.number 
_refine_ls_restr.pdbx_refine_id 
_refine_ls_restr.pdbx_restraint_function 
c_bond_d                0.008 ?    ? ? 'X-RAY DIFFRACTION' ? 
c_bond_d_na             ?     ?    ? ? 'X-RAY DIFFRACTION' ? 
c_bond_d_prot           ?     ?    ? ? 'X-RAY DIFFRACTION' ? 
c_angle_d               ?     ?    ? ? 'X-RAY DIFFRACTION' ? 
c_angle_d_na            ?     ?    ? ? 'X-RAY DIFFRACTION' ? 
c_angle_d_prot          ?     ?    ? ? 'X-RAY DIFFRACTION' ? 
c_angle_deg             1.5   ?    ? ? 'X-RAY DIFFRACTION' ? 
c_angle_deg_na          ?     ?    ? ? 'X-RAY DIFFRACTION' ? 
c_angle_deg_prot        ?     ?    ? ? 'X-RAY DIFFRACTION' ? 
c_dihedral_angle_d      24.2  ?    ? ? 'X-RAY DIFFRACTION' ? 
c_dihedral_angle_d_na   ?     ?    ? ? 'X-RAY DIFFRACTION' ? 
c_dihedral_angle_d_prot ?     ?    ? ? 'X-RAY DIFFRACTION' ? 
c_improper_angle_d      0.89  ?    ? ? 'X-RAY DIFFRACTION' ? 
c_improper_angle_d_na   ?     ?    ? ? 'X-RAY DIFFRACTION' ? 
c_improper_angle_d_prot ?     ?    ? ? 'X-RAY DIFFRACTION' ? 
c_mcbond_it             12.91 1.50 ? ? 'X-RAY DIFFRACTION' ? 
c_mcangle_it            20.46 2.00 ? ? 'X-RAY DIFFRACTION' ? 
c_scbond_it             12.72 2.00 ? ? 'X-RAY DIFFRACTION' ? 
c_scangle_it            19.04 2.50 ? ? 'X-RAY DIFFRACTION' ? 
# 
_refine_ls_shell.pdbx_total_number_of_bins_used   6 
_refine_ls_shell.d_res_high                       3.20 
_refine_ls_shell.d_res_low                        3.40 
_refine_ls_shell.number_reflns_R_work             969 
_refine_ls_shell.R_factor_R_work                  0.371 
_refine_ls_shell.percent_reflns_obs               100.0 
_refine_ls_shell.R_factor_R_free                  0.398 
_refine_ls_shell.R_factor_R_free_error            0.035 
_refine_ls_shell.percent_reflns_R_free            11.7 
_refine_ls_shell.number_reflns_R_free             128 
_refine_ls_shell.number_reflns_all                ? 
_refine_ls_shell.R_factor_all                     ? 
_refine_ls_shell.number_reflns_obs                ? 
_refine_ls_shell.redundancy_reflns_obs            ? 
_refine_ls_shell.pdbx_refine_id                   'X-RAY DIFFRACTION' 
# 
_pdbx_xplor_file.serial_no        1 
_pdbx_xplor_file.param_file       protein_rep.param 
_pdbx_xplor_file.topol_file       protein.top 
_pdbx_xplor_file.pdbx_refine_id   'X-RAY DIFFRACTION' 
# 
_struct.entry_id                  2Z0S 
_struct.title                     'Crystal structure of putative exosome complex RNA-binding protein' 
_struct.pdbx_model_details        ? 
_struct.pdbx_CASP_flag            ? 
_struct.pdbx_model_type_details   ? 
# 
_struct_keywords.entry_id        2Z0S 
_struct_keywords.pdbx_keywords   'RNA BINDING PROTEIN' 
_struct_keywords.text            
;alpha/beta protein, Cytoplasm, Exosome, RNA BINDING PROTEIN, Structural Genomics, NPPSFA, National Project on Protein Structural and Functional Analyses, RIKEN Structural Genomics/Proteomics Initiative, RSGI
;
# 
_struct_asym.id                            A 
_struct_asym.pdbx_blank_PDB_chainid_flag   N 
_struct_asym.pdbx_modified                 N 
_struct_asym.entity_id                     1 
_struct_asym.details                       ? 
# 
_struct_biol.id        1 
_struct_biol.details   ? 
# 
loop_
_struct_conf.conf_type_id 
_struct_conf.id 
_struct_conf.pdbx_PDB_helix_id 
_struct_conf.beg_label_comp_id 
_struct_conf.beg_label_asym_id 
_struct_conf.beg_label_seq_id 
_struct_conf.pdbx_beg_PDB_ins_code 
_struct_conf.end_label_comp_id 
_struct_conf.end_label_asym_id 
_struct_conf.end_label_seq_id 
_struct_conf.pdbx_end_PDB_ins_code 
_struct_conf.beg_auth_comp_id 
_struct_conf.beg_auth_asym_id 
_struct_conf.beg_auth_seq_id 
_struct_conf.end_auth_comp_id 
_struct_conf.end_auth_asym_id 
_struct_conf.end_auth_seq_id 
_struct_conf.pdbx_PDB_helix_class 
_struct_conf.details 
_struct_conf.pdbx_PDB_helix_length 
HELX_P HELX_P1 1 VAL A 96  ? GLY A 101 ? VAL A 96  GLY A 101 1 ? 6  
HELX_P HELX_P2 2 SER A 155 ? ILE A 163 ? SER A 155 ILE A 163 5 ? 9  
HELX_P HELX_P3 3 GLY A 164 ? LYS A 166 ? GLY A 164 LYS A 166 5 ? 3  
HELX_P HELX_P4 4 MET A 167 ? GLU A 178 ? MET A 167 GLU A 178 1 ? 12 
HELX_P HELX_P5 5 ASN A 195 ? GLU A 212 ? ASN A 195 GLU A 212 1 ? 18 
HELX_P HELX_P6 6 LEU A 218 ? ARG A 233 ? LEU A 218 ARG A 233 1 ? 16 
# 
_struct_conf_type.id          HELX_P 
_struct_conf_type.criteria    ? 
_struct_conf_type.reference   ? 
# 
loop_
_struct_sheet.id 
_struct_sheet.type 
_struct_sheet.number_strands 
_struct_sheet.details 
A ? 7 ? 
B ? 3 ? 
# 
loop_
_struct_sheet_order.sheet_id 
_struct_sheet_order.range_id_1 
_struct_sheet_order.range_id_2 
_struct_sheet_order.offset 
_struct_sheet_order.sense 
A 1 2 ? anti-parallel 
A 2 3 ? anti-parallel 
A 3 4 ? parallel      
A 4 5 ? anti-parallel 
A 5 6 ? anti-parallel 
A 6 7 ? anti-parallel 
B 1 2 ? anti-parallel 
B 2 3 ? anti-parallel 
# 
loop_
_struct_sheet_range.sheet_id 
_struct_sheet_range.id 
_struct_sheet_range.beg_label_comp_id 
_struct_sheet_range.beg_label_asym_id 
_struct_sheet_range.beg_label_seq_id 
_struct_sheet_range.pdbx_beg_PDB_ins_code 
_struct_sheet_range.end_label_comp_id 
_struct_sheet_range.end_label_asym_id 
_struct_sheet_range.end_label_seq_id 
_struct_sheet_range.pdbx_end_PDB_ins_code 
_struct_sheet_range.beg_auth_comp_id 
_struct_sheet_range.beg_auth_asym_id 
_struct_sheet_range.beg_auth_seq_id 
_struct_sheet_range.end_auth_comp_id 
_struct_sheet_range.end_auth_asym_id 
_struct_sheet_range.end_auth_seq_id 
A 1 GLY A 144 ? ARG A 145 ? GLY A 144 ARG A 145 
A 2 TYR A 120 ? PHE A 128 ? TYR A 120 PHE A 128 
A 3 PRO A 134 ? THR A 137 ? PRO A 134 THR A 137 
A 4 ALA A 92  ? SER A 95  ? ALA A 92  SER A 95  
A 5 ASN A 81  ? ASP A 85  ? ASN A 81  ASP A 85  
A 6 VAL A 70  ? VAL A 77  ? VAL A 70  VAL A 77  
A 7 TYR A 120 ? PHE A 128 ? TYR A 120 PHE A 128 
B 1 LYS A 150 ? GLU A 153 ? LYS A 150 GLU A 153 
B 2 ARG A 188 ? GLU A 192 ? ARG A 188 GLU A 192 
B 3 LYS A 180 ? ALA A 184 ? LYS A 180 ALA A 184 
# 
loop_
_pdbx_struct_sheet_hbond.sheet_id 
_pdbx_struct_sheet_hbond.range_id_1 
_pdbx_struct_sheet_hbond.range_id_2 
_pdbx_struct_sheet_hbond.range_1_label_atom_id 
_pdbx_struct_sheet_hbond.range_1_label_comp_id 
_pdbx_struct_sheet_hbond.range_1_label_asym_id 
_pdbx_struct_sheet_hbond.range_1_label_seq_id 
_pdbx_struct_sheet_hbond.range_1_PDB_ins_code 
_pdbx_struct_sheet_hbond.range_1_auth_atom_id 
_pdbx_struct_sheet_hbond.range_1_auth_comp_id 
_pdbx_struct_sheet_hbond.range_1_auth_asym_id 
_pdbx_struct_sheet_hbond.range_1_auth_seq_id 
_pdbx_struct_sheet_hbond.range_2_label_atom_id 
_pdbx_struct_sheet_hbond.range_2_label_comp_id 
_pdbx_struct_sheet_hbond.range_2_label_asym_id 
_pdbx_struct_sheet_hbond.range_2_label_seq_id 
_pdbx_struct_sheet_hbond.range_2_PDB_ins_code 
_pdbx_struct_sheet_hbond.range_2_auth_atom_id 
_pdbx_struct_sheet_hbond.range_2_auth_comp_id 
_pdbx_struct_sheet_hbond.range_2_auth_asym_id 
_pdbx_struct_sheet_hbond.range_2_auth_seq_id 
A 1 2 O GLY A 144 ? O GLY A 144 N LYS A 122 ? N LYS A 122 
A 2 3 N ALA A 127 ? N ALA A 127 O LEU A 135 ? O LEU A 135 
A 3 4 O LEU A 136 ? O LEU A 136 N VAL A 93  ? N VAL A 93  
A 4 5 O LEU A 94  ? O LEU A 94  N TRP A 82  ? N TRP A 82  
A 5 6 O ASP A 85  ? O ASP A 85  N LEU A 73  ? N LEU A 73  
A 6 7 N VAL A 70  ? N VAL A 70  O ALA A 123 ? O ALA A 123 
B 1 2 N LYS A 150 ? N LYS A 150 O LEU A 191 ? O LEU A 191 
B 2 3 O GLU A 192 ? O GLU A 192 N LYS A 180 ? N LYS A 180 
# 
_atom_sites.entry_id                    2Z0S 
_atom_sites.fract_transf_matrix[1][1]   0.00635207 
_atom_sites.fract_transf_matrix[1][2]   -0.00155898 
_atom_sites.fract_transf_matrix[1][3]   0.00988536 
_atom_sites.fract_transf_matrix[2][1]   0.01164962 
_atom_sites.fract_transf_matrix[2][2]   -0.00207502 
_atom_sites.fract_transf_matrix[2][3]   -0.00070563 
_atom_sites.fract_transf_matrix[3][1]   0.00130067 
_atom_sites.fract_transf_matrix[3][2]   0.00720033 
_atom_sites.fract_transf_matrix[3][3]   0.00029976 
_atom_sites.fract_transf_vector[1]      0.455108 
_atom_sites.fract_transf_vector[2]      0.432995 
_atom_sites.fract_transf_vector[3]      0.005993 
# 
loop_
_atom_type.symbol 
C 
N 
O 
S 
# 
loop_
_atom_site.group_PDB 
_atom_site.id 
_atom_site.type_symbol 
_atom_site.label_atom_id 
_atom_site.label_alt_id 
_atom_site.label_comp_id 
_atom_site.label_asym_id 
_atom_site.label_entity_id 
_atom_site.label_seq_id 
_atom_site.pdbx_PDB_ins_code 
_atom_site.Cartn_x 
_atom_site.Cartn_y 
_atom_site.Cartn_z 
_atom_site.occupancy 
_atom_site.B_iso_or_equiv 
_atom_site.pdbx_formal_charge 
_atom_site.auth_seq_id 
_atom_site.auth_comp_id 
_atom_site.auth_asym_id 
_atom_site.auth_atom_id 
_atom_site.pdbx_PDB_model_num 
ATOM 1    N N   . GLU A 1 60  ? 12.866  14.481  -2.090  1.00 129.82 ? 60  GLU A N   1 
ATOM 2    C CA  . GLU A 1 60  ? 11.489  14.798  -1.600  1.00 130.65 ? 60  GLU A CA  1 
ATOM 3    C C   . GLU A 1 60  ? 10.647  13.530  -1.412  1.00 131.08 ? 60  GLU A C   1 
ATOM 4    O O   . GLU A 1 60  ? 10.421  12.778  -2.365  1.00 131.16 ? 60  GLU A O   1 
ATOM 5    C CB  . GLU A 1 60  ? 10.797  15.735  -2.586  1.00 128.28 ? 60  GLU A CB  1 
ATOM 6    C CG  . GLU A 1 60  ? 9.667   16.528  -1.977  1.00 129.91 ? 60  GLU A CG  1 
ATOM 7    C CD  . GLU A 1 60  ? 10.106  17.282  -0.738  1.00 131.97 ? 60  GLU A CD  1 
ATOM 8    O OE1 . GLU A 1 60  ? 11.209  17.868  -0.760  1.00 130.33 ? 60  GLU A OE1 1 
ATOM 9    O OE2 . GLU A 1 60  ? 9.349   17.296  0.254   1.00 132.41 ? 60  GLU A OE2 1 
ATOM 10   N N   . ILE A 1 61  ? 10.176  13.302  -0.183  1.00 132.64 ? 61  ILE A N   1 
ATOM 11   C CA  . ILE A 1 61  ? 9.379   12.114  0.124   1.00 131.43 ? 61  ILE A CA  1 
ATOM 12   C C   . ILE A 1 61  ? 8.044   12.403  0.832   1.00 128.20 ? 61  ILE A C   1 
ATOM 13   O O   . ILE A 1 61  ? 7.684   13.557  1.084   1.00 128.00 ? 61  ILE A O   1 
ATOM 14   C CB  . ILE A 1 61  ? 10.212  11.101  0.970   1.00 139.57 ? 61  ILE A CB  1 
ATOM 15   C CG1 . ILE A 1 61  ? 11.543  10.818  0.267   1.00 140.78 ? 61  ILE A CG1 1 
ATOM 16   C CG2 . ILE A 1 61  ? 9.456   9.776   1.136   1.00 139.43 ? 61  ILE A CG2 1 
ATOM 17   C CD1 . ILE A 1 61  ? 12.418  9.795   0.977   1.00 140.19 ? 61  ILE A CD1 1 
ATOM 18   N N   . TYR A 1 62  ? 7.326   11.325  1.142   1.00 93.29  ? 62  TYR A N   1 
ATOM 19   C CA  . TYR A 1 62  ? 6.018   11.361  1.785   1.00 89.50  ? 62  TYR A CA  1 
ATOM 20   C C   . TYR A 1 62  ? 5.984   11.861  3.219   1.00 90.73  ? 62  TYR A C   1 
ATOM 21   O O   . TYR A 1 62  ? 6.853   11.553  4.033   1.00 91.64  ? 62  TYR A O   1 
ATOM 22   C CB  . TYR A 1 62  ? 5.391   9.965   1.739   1.00 83.36  ? 62  TYR A CB  1 
ATOM 23   C CG  . TYR A 1 62  ? 4.047   9.856   2.420   1.00 77.28  ? 62  TYR A CG  1 
ATOM 24   C CD1 . TYR A 1 62  ? 2.987   10.675  2.043   1.00 76.37  ? 62  TYR A CD1 1 
ATOM 25   C CD2 . TYR A 1 62  ? 3.829   8.917   3.426   1.00 75.46  ? 62  TYR A CD2 1 
ATOM 26   C CE1 . TYR A 1 62  ? 1.734   10.563  2.650   1.00 79.33  ? 62  TYR A CE1 1 
ATOM 27   C CE2 . TYR A 1 62  ? 2.583   8.794   4.043   1.00 76.03  ? 62  TYR A CE2 1 
ATOM 28   C CZ  . TYR A 1 62  ? 1.538   9.620   3.650   1.00 78.52  ? 62  TYR A CZ  1 
ATOM 29   O OH  . TYR A 1 62  ? 0.299   9.513   4.251   1.00 71.50  ? 62  TYR A OH  1 
ATOM 30   N N   . VAL A 1 63  ? 4.943   12.631  3.509   1.00 116.31 ? 63  VAL A N   1 
ATOM 31   C CA  . VAL A 1 63  ? 4.713   13.187  4.828   1.00 114.59 ? 63  VAL A CA  1 
ATOM 32   C C   . VAL A 1 63  ? 3.254   12.921  5.158   1.00 114.12 ? 63  VAL A C   1 
ATOM 33   O O   . VAL A 1 63  ? 2.355   13.357  4.441   1.00 113.63 ? 63  VAL A O   1 
ATOM 34   C CB  . VAL A 1 63  ? 4.963   14.696  4.857   1.00 104.21 ? 63  VAL A CB  1 
ATOM 35   C CG1 . VAL A 1 63  ? 4.543   15.266  6.207   1.00 103.46 ? 63  VAL A CG1 1 
ATOM 36   C CG2 . VAL A 1 63  ? 6.432   14.974  4.594   1.00 102.95 ? 63  VAL A CG2 1 
ATOM 37   N N   . PRO A 1 64  ? 3.003   12.196  6.255   1.00 118.90 ? 64  PRO A N   1 
ATOM 38   C CA  . PRO A 1 64  ? 1.657   11.839  6.716   1.00 117.49 ? 64  PRO A CA  1 
ATOM 39   C C   . PRO A 1 64  ? 0.712   13.024  6.871   1.00 117.33 ? 64  PRO A C   1 
ATOM 40   O O   . PRO A 1 64  ? 1.141   14.142  7.152   1.00 117.55 ? 64  PRO A O   1 
ATOM 41   C CB  . PRO A 1 64  ? 1.928   11.147  8.047   1.00 88.79  ? 64  PRO A CB  1 
ATOM 42   C CG  . PRO A 1 64  ? 3.305   10.563  7.853   1.00 90.00  ? 64  PRO A CG  1 
ATOM 43   C CD  . PRO A 1 64  ? 4.027   11.690  7.185   1.00 91.17  ? 64  PRO A CD  1 
ATOM 44   N N   . GLN A 1 65  ? -0.578  12.764  6.682   1.00 91.93  ? 65  GLN A N   1 
ATOM 45   C CA  . GLN A 1 65  ? -1.617  13.784  6.813   1.00 93.20  ? 65  GLN A CA  1 
ATOM 46   C C   . GLN A 1 65  ? -2.914  13.127  7.262   1.00 90.81  ? 65  GLN A C   1 
ATOM 47   O O   . GLN A 1 65  ? -3.565  12.412  6.497   1.00 88.68  ? 65  GLN A O   1 
ATOM 48   C CB  . GLN A 1 65  ? -1.851  14.505  5.484   1.00 121.06 ? 65  GLN A CB  1 
ATOM 49   C CG  . GLN A 1 65  ? -0.657  15.293  4.983   1.00 129.54 ? 65  GLN A CG  1 
ATOM 50   C CD  . GLN A 1 65  ? -0.937  15.999  3.672   1.00 142.59 ? 65  GLN A CD  1 
ATOM 51   O OE1 . GLN A 1 65  ? -1.299  15.369  2.676   1.00 146.12 ? 65  GLN A OE1 1 
ATOM 52   N NE2 . GLN A 1 65  ? -0.768  17.315  3.664   1.00 145.93 ? 65  GLN A NE2 1 
ATOM 53   N N   . ALA A 1 66  ? -3.274  13.376  8.515   1.00 97.96  ? 66  ALA A N   1 
ATOM 54   C CA  . ALA A 1 66  ? -4.487  12.825  9.107   1.00 96.49  ? 66  ALA A CA  1 
ATOM 55   C C   . ALA A 1 66  ? -5.571  12.489  8.084   1.00 93.88  ? 66  ALA A C   1 
ATOM 56   O O   . ALA A 1 66  ? -6.399  13.333  7.742   1.00 92.71  ? 66  ALA A O   1 
ATOM 57   C CB  . ALA A 1 66  ? -5.033  13.796  10.138  1.00 107.84 ? 66  ALA A CB  1 
ATOM 58   N N   . GLY A 1 67  ? -5.562  11.253  7.601   1.00 108.48 ? 67  GLY A N   1 
ATOM 59   C CA  . GLY A 1 67  ? -6.558  10.832  6.633   1.00 105.72 ? 67  GLY A CA  1 
ATOM 60   C C   . GLY A 1 67  ? -5.973  9.932   5.568   1.00 103.85 ? 67  GLY A C   1 
ATOM 61   O O   . GLY A 1 67  ? -6.678  9.102   4.993   1.00 102.50 ? 67  GLY A O   1 
ATOM 62   N N   . ASP A 1 68  ? -4.678  10.093  5.314   1.00 98.18  ? 68  ASP A N   1 
ATOM 63   C CA  . ASP A 1 68  ? -3.982  9.305   4.303   1.00 96.90  ? 68  ASP A CA  1 
ATOM 64   C C   . ASP A 1 68  ? -3.967  7.802   4.539   1.00 94.14  ? 68  ASP A C   1 
ATOM 65   O O   . ASP A 1 68  ? -3.196  7.307   5.360   1.00 96.66  ? 68  ASP A O   1 
ATOM 66   C CB  . ASP A 1 68  ? -2.531  9.764   4.164   1.00 90.01  ? 68  ASP A CB  1 
ATOM 67   C CG  . ASP A 1 68  ? -2.411  11.139  3.564   1.00 92.99  ? 68  ASP A CG  1 
ATOM 68   O OD1 . ASP A 1 68  ? -3.327  11.540  2.815   1.00 93.74  ? 68  ASP A OD1 1 
ATOM 69   O OD2 . ASP A 1 68  ? -1.389  11.806  3.826   1.00 96.24  ? 68  ASP A OD2 1 
ATOM 70   N N   . VAL A 1 69  ? -4.809  7.076   3.810   1.00 83.82  ? 69  VAL A N   1 
ATOM 71   C CA  . VAL A 1 69  ? -4.831  5.625   3.926   1.00 76.65  ? 69  VAL A CA  1 
ATOM 72   C C   . VAL A 1 69  ? -3.469  5.168   3.417   1.00 74.32  ? 69  VAL A C   1 
ATOM 73   O O   . VAL A 1 69  ? -3.030  5.580   2.343   1.00 77.18  ? 69  VAL A O   1 
ATOM 74   C CB  . VAL A 1 69  ? -5.937  5.017   3.064   1.00 64.89  ? 69  VAL A CB  1 
ATOM 75   C CG1 . VAL A 1 69  ? -5.876  3.499   3.135   1.00 61.53  ? 69  VAL A CG1 1 
ATOM 76   C CG2 . VAL A 1 69  ? -7.289  5.528   3.536   1.00 60.87  ? 69  VAL A CG2 1 
ATOM 77   N N   . VAL A 1 70  ? -2.801  4.314   4.181   1.00 57.74  ? 70  VAL A N   1 
ATOM 78   C CA  . VAL A 1 70  ? -1.468  3.875   3.800   1.00 56.15  ? 70  VAL A CA  1 
ATOM 79   C C   . VAL A 1 70  ? -1.206  2.381   3.910   1.00 55.67  ? 70  VAL A C   1 
ATOM 80   O O   . VAL A 1 70  ? -1.942  1.666   4.562   1.00 55.79  ? 70  VAL A O   1 
ATOM 81   C CB  . VAL A 1 70  ? -0.426  4.603   4.645   1.00 59.92  ? 70  VAL A CB  1 
ATOM 82   C CG1 . VAL A 1 70  ? 0.950   4.135   4.266   1.00 64.02  ? 70  VAL A CG1 1 
ATOM 83   C CG2 . VAL A 1 70  ? -0.549  6.109   4.440   1.00 59.34  ? 70  VAL A CG2 1 
ATOM 84   N N   . ILE A 1 71  ? -0.161  1.912   3.239   1.00 53.65  ? 71  ILE A N   1 
ATOM 85   C CA  . ILE A 1 71  ? 0.220   0.507   3.300   1.00 52.65  ? 71  ILE A CA  1 
ATOM 86   C C   . ILE A 1 71  ? 1.403   0.534   4.252   1.00 51.05  ? 71  ILE A C   1 
ATOM 87   O O   . ILE A 1 71  ? 2.408   1.200   3.974   1.00 53.53  ? 71  ILE A O   1 
ATOM 88   C CB  . ILE A 1 71  ? 0.713   -0.053  1.944   1.00 54.55  ? 71  ILE A CB  1 
ATOM 89   C CG1 . ILE A 1 71  ? -0.395  -0.017  0.892   1.00 48.95  ? 71  ILE A CG1 1 
ATOM 90   C CG2 . ILE A 1 71  ? 1.197   -1.480  2.142   1.00 59.58  ? 71  ILE A CG2 1 
ATOM 91   C CD1 . ILE A 1 71  ? -1.222  -1.268  0.832   1.00 43.95  ? 71  ILE A CD1 1 
ATOM 92   N N   . GLY A 1 72  ? 1.275   -0.182  5.369   1.00 41.36  ? 72  GLY A N   1 
ATOM 93   C CA  . GLY A 1 72  ? 2.331   -0.189  6.364   1.00 42.13  ? 72  GLY A CA  1 
ATOM 94   C C   . GLY A 1 72  ? 3.063   -1.498  6.550   1.00 45.28  ? 72  GLY A C   1 
ATOM 95   O O   . GLY A 1 72  ? 2.499   -2.592  6.439   1.00 44.82  ? 72  GLY A O   1 
ATOM 96   N N   . LEU A 1 73  ? 4.348   -1.368  6.834   1.00 53.93  ? 73  LEU A N   1 
ATOM 97   C CA  . LEU A 1 73  ? 5.169   -2.524  7.064   1.00 57.46  ? 73  LEU A CA  1 
ATOM 98   C C   . LEU A 1 73  ? 5.542   -2.535  8.537   1.00 60.19  ? 73  LEU A C   1 
ATOM 99   O O   . LEU A 1 73  ? 6.216   -1.626  9.030   1.00 65.51  ? 73  LEU A O   1 
ATOM 100  C CB  . LEU A 1 73  ? 6.434   -2.473  6.209   1.00 45.78  ? 73  LEU A CB  1 
ATOM 101  C CG  . LEU A 1 73  ? 7.351   -3.683  6.445   1.00 44.46  ? 73  LEU A CG  1 
ATOM 102  C CD1 . LEU A 1 73  ? 6.614   -5.010  6.185   1.00 37.47  ? 73  LEU A CD1 1 
ATOM 103  C CD2 . LEU A 1 73  ? 8.567   -3.565  5.578   1.00 38.54  ? 73  LEU A CD2 1 
ATOM 104  N N   . ILE A 1 74  ? 5.089   -3.562  9.242   1.00 56.37  ? 74  ILE A N   1 
ATOM 105  C CA  . ILE A 1 74  ? 5.393   -3.699  10.651  1.00 57.50  ? 74  ILE A CA  1 
ATOM 106  C C   . ILE A 1 74  ? 6.914   -3.843  10.795  1.00 57.04  ? 74  ILE A C   1 
ATOM 107  O O   . ILE A 1 74  ? 7.486   -4.868  10.405  1.00 56.07  ? 74  ILE A O   1 
ATOM 108  C CB  . ILE A 1 74  ? 4.694   -4.952  11.241  1.00 52.62  ? 74  ILE A CB  1 
ATOM 109  C CG1 . ILE A 1 74  ? 3.213   -4.969  10.843  1.00 54.17  ? 74  ILE A CG1 1 
ATOM 110  C CG2 . ILE A 1 74  ? 4.804   -4.954  12.746  1.00 54.25  ? 74  ILE A CG2 1 
ATOM 111  C CD1 . ILE A 1 74  ? 2.423   -3.734  11.265  1.00 38.95  ? 74  ILE A CD1 1 
ATOM 112  N N   . GLN A 1 75  ? 7.560   -2.802  11.330  1.00 64.45  ? 75  GLN A N   1 
ATOM 113  C CA  . GLN A 1 75  ? 9.009   -2.812  11.566  1.00 70.20  ? 75  GLN A CA  1 
ATOM 114  C C   . GLN A 1 75  ? 9.339   -3.697  12.758  1.00 73.44  ? 75  GLN A C   1 
ATOM 115  O O   . GLN A 1 75  ? 9.933   -4.764  12.623  1.00 74.88  ? 75  GLN A O   1 
ATOM 116  C CB  . GLN A 1 75  ? 9.540   -1.411  11.879  1.00 82.94  ? 75  GLN A CB  1 
ATOM 117  C CG  . GLN A 1 75  ? 9.742   -0.504  10.684  1.00 94.92  ? 75  GLN A CG  1 
ATOM 118  C CD  . GLN A 1 75  ? 10.617  0.690   11.016  1.00 107.32 ? 75  GLN A CD  1 
ATOM 119  O OE1 . GLN A 1 75  ? 10.919  1.518   10.153  1.00 107.86 ? 75  GLN A OE1 1 
ATOM 120  N NE2 . GLN A 1 75  ? 11.033  0.784   12.276  1.00 115.57 ? 75  GLN A NE2 1 
ATOM 121  N N   . SER A 1 76  ? 8.946   -3.231  13.935  1.00 72.65  ? 76  SER A N   1 
ATOM 122  C CA  . SER A 1 76  ? 9.193   -3.955  15.172  1.00 70.04  ? 76  SER A CA  1 
ATOM 123  C C   . SER A 1 76  ? 7.949   -3.966  16.062  1.00 68.93  ? 76  SER A C   1 
ATOM 124  O O   . SER A 1 76  ? 7.114   -3.062  15.981  1.00 64.56  ? 76  SER A O   1 
ATOM 125  C CB  . SER A 1 76  ? 10.372  -3.311  15.902  1.00 91.98  ? 76  SER A CB  1 
ATOM 126  O OG  . SER A 1 76  ? 10.316  -1.896  15.779  1.00 94.19  ? 76  SER A OG  1 
ATOM 127  N N   . VAL A 1 77  ? 7.831   -5.004  16.893  1.00 71.77  ? 77  VAL A N   1 
ATOM 128  C CA  . VAL A 1 77  ? 6.704   -5.155  17.814  1.00 75.86  ? 77  VAL A CA  1 
ATOM 129  C C   . VAL A 1 77  ? 7.113   -4.785  19.238  1.00 77.24  ? 77  VAL A C   1 
ATOM 130  O O   . VAL A 1 77  ? 8.255   -5.018  19.640  1.00 78.13  ? 77  VAL A O   1 
ATOM 131  C CB  . VAL A 1 77  ? 6.182   -6.601  17.844  1.00 89.27  ? 77  VAL A CB  1 
ATOM 132  C CG1 . VAL A 1 77  ? 4.997   -6.709  18.780  1.00 95.18  ? 77  VAL A CG1 1 
ATOM 133  C CG2 . VAL A 1 77  ? 5.782   -7.033  16.461  1.00 94.58  ? 77  VAL A CG2 1 
ATOM 134  N N   . GLY A 1 78  ? 6.176   -4.206  19.984  1.00 87.02  ? 78  GLY A N   1 
ATOM 135  C CA  . GLY A 1 78  ? 6.436   -3.819  21.362  1.00 87.90  ? 78  GLY A CA  1 
ATOM 136  C C   . GLY A 1 78  ? 5.444   -4.462  22.322  1.00 87.37  ? 78  GLY A C   1 
ATOM 137  O O   . GLY A 1 78  ? 5.068   -5.624  22.152  1.00 86.43  ? 78  GLY A O   1 
ATOM 138  N N   . ILE A 1 79  ? 4.996   -3.722  23.330  1.00 71.40  ? 79  ILE A N   1 
ATOM 139  C CA  . ILE A 1 79  ? 4.046   -4.307  24.262  1.00 69.83  ? 79  ILE A CA  1 
ATOM 140  C C   . ILE A 1 79  ? 2.606   -3.917  23.950  1.00 71.19  ? 79  ILE A C   1 
ATOM 141  O O   . ILE A 1 79  ? 1.741   -4.781  23.799  1.00 69.16  ? 79  ILE A O   1 
ATOM 142  C CB  . ILE A 1 79  ? 4.358   -3.923  25.741  1.00 51.63  ? 79  ILE A CB  1 
ATOM 143  C CG1 . ILE A 1 79  ? 5.773   -4.375  26.133  1.00 46.81  ? 79  ILE A CG1 1 
ATOM 144  C CG2 . ILE A 1 79  ? 3.338   -4.584  26.661  1.00 48.56  ? 79  ILE A CG2 1 
ATOM 145  C CD1 . ILE A 1 79  ? 5.967   -5.887  26.183  1.00 39.58  ? 79  ILE A CD1 1 
ATOM 146  N N   . MET A 1 80  ? 2.346   -2.621  23.837  1.00 61.64  ? 80  MET A N   1 
ATOM 147  C CA  . MET A 1 80  ? 0.985   -2.167  23.577  1.00 65.15  ? 80  MET A CA  1 
ATOM 148  C C   . MET A 1 80  ? 0.839   -1.643  22.171  1.00 64.28  ? 80  MET A C   1 
ATOM 149  O O   . MET A 1 80  ? -0.273  -1.379  21.700  1.00 65.48  ? 80  MET A O   1 
ATOM 150  C CB  . MET A 1 80  ? 0.611   -1.049  24.545  1.00 88.66  ? 80  MET A CB  1 
ATOM 151  C CG  . MET A 1 80  ? 0.912   -1.343  26.004  1.00 89.31  ? 80  MET A CG  1 
ATOM 152  S SD  . MET A 1 80  ? 0.619   0.127   26.958  1.00 98.28  ? 80  MET A SD  1 
ATOM 153  C CE  . MET A 1 80  ? 2.111   1.052   26.570  1.00 91.40  ? 80  MET A CE  1 
ATOM 154  N N   . ASN A 1 81  ? 1.980   -1.488  21.510  1.00 74.37  ? 81  ASN A N   1 
ATOM 155  C CA  . ASN A 1 81  ? 2.013   -0.964  20.161  1.00 73.71  ? 81  ASN A CA  1 
ATOM 156  C C   . ASN A 1 81  ? 2.891   -1.765  19.226  1.00 72.93  ? 81  ASN A C   1 
ATOM 157  O O   . ASN A 1 81  ? 3.701   -2.603  19.643  1.00 71.91  ? 81  ASN A O   1 
ATOM 158  C CB  . ASN A 1 81  ? 2.560   0.456   20.174  1.00 62.68  ? 81  ASN A CB  1 
ATOM 159  C CG  . ASN A 1 81  ? 1.981   1.281   21.275  1.00 65.96  ? 81  ASN A CG  1 
ATOM 160  O OD1 . ASN A 1 81  ? 0.927   1.899   21.106  1.00 69.84  ? 81  ASN A OD1 1 
ATOM 161  N ND2 . ASN A 1 81  ? 2.656   1.290   22.434  1.00 64.84  ? 81  ASN A ND2 1 
ATOM 162  N N   . TRP A 1 82  ? 2.711   -1.463  17.941  1.00 71.20  ? 82  TRP A N   1 
ATOM 163  C CA  . TRP A 1 82  ? 3.482   -2.032  16.847  1.00 65.48  ? 82  TRP A CA  1 
ATOM 164  C C   . TRP A 1 82  ? 3.997   -0.783  16.159  1.00 67.42  ? 82  TRP A C   1 
ATOM 165  O O   . TRP A 1 82  ? 3.260   0.202   16.023  1.00 69.07  ? 82  TRP A O   1 
ATOM 166  C CB  . TRP A 1 82  ? 2.590   -2.766  15.871  1.00 41.23  ? 82  TRP A CB  1 
ATOM 167  C CG  . TRP A 1 82  ? 2.048   -4.044  16.324  1.00 35.21  ? 82  TRP A CG  1 
ATOM 168  C CD1 . TRP A 1 82  ? 2.705   -5.242  16.381  1.00 37.61  ? 82  TRP A CD1 1 
ATOM 169  C CD2 . TRP A 1 82  ? 0.688   -4.307  16.675  1.00 28.10  ? 82  TRP A CD2 1 
ATOM 170  N NE1 . TRP A 1 82  ? 1.826   -6.249  16.737  1.00 33.54  ? 82  TRP A NE1 1 
ATOM 171  C CE2 . TRP A 1 82  ? 0.581   -5.701  16.925  1.00 28.49  ? 82  TRP A CE2 1 
ATOM 172  C CE3 . TRP A 1 82  ? -0.454  -3.507  16.797  1.00 31.92  ? 82  TRP A CE3 1 
ATOM 173  C CZ2 . TRP A 1 82  ? -0.632  -6.309  17.286  1.00 28.67  ? 82  TRP A CZ2 1 
ATOM 174  C CZ3 . TRP A 1 82  ? -1.667  -4.113  17.153  1.00 33.03  ? 82  TRP A CZ3 1 
ATOM 175  C CH2 . TRP A 1 82  ? -1.743  -5.500  17.391  1.00 28.41  ? 82  TRP A CH2 1 
ATOM 176  N N   . PHE A 1 83  ? 5.258   -0.811  15.745  1.00 63.43  ? 83  PHE A N   1 
ATOM 177  C CA  . PHE A 1 83  ? 5.844   0.329   15.049  1.00 67.42  ? 83  PHE A CA  1 
ATOM 178  C C   . PHE A 1 83  ? 5.842   0.004   13.554  1.00 67.14  ? 83  PHE A C   1 
ATOM 179  O O   . PHE A 1 83  ? 6.376   -1.023  13.123  1.00 66.71  ? 83  PHE A O   1 
ATOM 180  C CB  . PHE A 1 83  ? 7.240   0.582   15.607  1.00 85.83  ? 83  PHE A CB  1 
ATOM 181  C CG  . PHE A 1 83  ? 7.237   0.787   17.092  1.00 92.39  ? 83  PHE A CG  1 
ATOM 182  C CD1 . PHE A 1 83  ? 6.634   1.915   17.645  1.00 91.86  ? 83  PHE A CD1 1 
ATOM 183  C CD2 . PHE A 1 83  ? 7.723   -0.200  17.948  1.00 99.26  ? 83  PHE A CD2 1 
ATOM 184  C CE1 . PHE A 1 83  ? 6.506   2.052   19.028  1.00 97.32  ? 83  PHE A CE1 1 
ATOM 185  C CE2 . PHE A 1 83  ? 7.600   -0.071  19.332  1.00 96.80  ? 83  PHE A CE2 1 
ATOM 186  C CZ  . PHE A 1 83  ? 6.987   1.056   19.870  1.00 93.11  ? 83  PHE A CZ  1 
ATOM 187  N N   . VAL A 1 84  ? 5.208   0.872   12.773  1.00 65.02  ? 84  VAL A N   1 
ATOM 188  C CA  . VAL A 1 84  ? 5.089   0.628   11.344  1.00 64.81  ? 84  VAL A CA  1 
ATOM 189  C C   . VAL A 1 84  ? 5.850   1.531   10.398  1.00 65.05  ? 84  VAL A C   1 
ATOM 190  O O   . VAL A 1 84  ? 5.801   2.753   10.510  1.00 64.90  ? 84  VAL A O   1 
ATOM 191  C CB  . VAL A 1 84  ? 3.629   0.678   10.893  1.00 58.47  ? 84  VAL A CB  1 
ATOM 192  C CG1 . VAL A 1 84  ? 2.824   -0.348  11.646  1.00 60.45  ? 84  VAL A CG1 1 
ATOM 193  C CG2 . VAL A 1 84  ? 3.081   2.070   11.103  1.00 57.84  ? 84  VAL A CG2 1 
ATOM 194  N N   . ASP A 1 85  ? 6.541   0.896   9.455   1.00 69.23  ? 85  ASP A N   1 
ATOM 195  C CA  . ASP A 1 85  ? 7.284   1.591   8.420   1.00 72.44  ? 85  ASP A CA  1 
ATOM 196  C C   . ASP A 1 85  ? 6.205   2.166   7.512   1.00 71.49  ? 85  ASP A C   1 
ATOM 197  O O   . ASP A 1 85  ? 5.410   1.429   6.932   1.00 68.10  ? 85  ASP A O   1 
ATOM 198  C CB  . ASP A 1 85  ? 8.153   0.601   7.653   1.00 82.11  ? 85  ASP A CB  1 
ATOM 199  C CG  . ASP A 1 85  ? 8.901   1.248   6.530   1.00 85.36  ? 85  ASP A CG  1 
ATOM 200  O OD1 . ASP A 1 85  ? 9.924   0.679   6.105   1.00 92.81  ? 85  ASP A OD1 1 
ATOM 201  O OD2 . ASP A 1 85  ? 8.457   2.320   6.072   1.00 87.54  ? 85  ASP A OD2 1 
ATOM 202  N N   . ILE A 1 86  ? 6.177   3.484   7.390   1.00 66.92  ? 86  ILE A N   1 
ATOM 203  C CA  . ILE A 1 86  ? 5.140   4.117   6.605   1.00 68.53  ? 86  ILE A CA  1 
ATOM 204  C C   . ILE A 1 86  ? 5.657   4.792   5.330   1.00 74.85  ? 86  ILE A C   1 
ATOM 205  O O   . ILE A 1 86  ? 4.890   5.370   4.554   1.00 73.35  ? 86  ILE A O   1 
ATOM 206  C CB  . ILE A 1 86  ? 4.350   5.109   7.532   1.00 57.11  ? 86  ILE A CB  1 
ATOM 207  C CG1 . ILE A 1 86  ? 2.913   5.180   7.071   1.00 45.96  ? 86  ILE A CG1 1 
ATOM 208  C CG2 . ILE A 1 86  ? 5.007   6.469   7.602   1.00 59.71  ? 86  ILE A CG2 1 
ATOM 209  C CD1 . ILE A 1 86  ? 2.276   3.817   7.106   1.00 30.06  ? 86  ILE A CD1 1 
ATOM 210  N N   . ASN A 1 87  ? 6.961   4.664   5.101   1.00 94.21  ? 87  ASN A N   1 
ATOM 211  C CA  . ASN A 1 87  ? 7.628   5.260   3.948   1.00 97.09  ? 87  ASN A CA  1 
ATOM 212  C C   . ASN A 1 87  ? 7.556   6.763   4.126   1.00 98.83  ? 87  ASN A C   1 
ATOM 213  O O   . ASN A 1 87  ? 7.225   7.512   3.207   1.00 100.56 ? 87  ASN A O   1 
ATOM 214  C CB  . ASN A 1 87  ? 6.953   4.854   2.641   1.00 102.52 ? 87  ASN A CB  1 
ATOM 215  C CG  . ASN A 1 87  ? 7.927   4.809   1.482   1.00 106.91 ? 87  ASN A CG  1 
ATOM 216  O OD1 . ASN A 1 87  ? 8.766   3.906   1.395   1.00 115.90 ? 87  ASN A OD1 1 
ATOM 217  N ND2 . ASN A 1 87  ? 7.833   5.789   0.589   1.00 116.25 ? 87  ASN A ND2 1 
ATOM 218  N N   . SER A 1 88  ? 7.870   7.172   5.349   1.00 96.94  ? 88  SER A N   1 
ATOM 219  C CA  . SER A 1 88  ? 7.877   8.561   5.773   1.00 98.65  ? 88  SER A CA  1 
ATOM 220  C C   . SER A 1 88  ? 9.074   8.723   6.700   1.00 99.79  ? 88  SER A C   1 
ATOM 221  O O   . SER A 1 88  ? 9.634   7.732   7.175   1.00 102.29 ? 88  SER A O   1 
ATOM 222  C CB  . SER A 1 88  ? 6.581   8.873   6.526   1.00 105.43 ? 88  SER A CB  1 
ATOM 223  O OG  . SER A 1 88  ? 6.673   10.065  7.285   1.00 110.63 ? 88  SER A OG  1 
ATOM 224  N N   . PRO A 1 89  ? 9.494   9.969   6.964   1.00 103.16 ? 89  PRO A N   1 
ATOM 225  C CA  . PRO A 1 89  ? 10.641  10.156  7.855   1.00 103.67 ? 89  PRO A CA  1 
ATOM 226  C C   . PRO A 1 89  ? 10.344  9.599   9.239   1.00 103.36 ? 89  PRO A C   1 
ATOM 227  O O   . PRO A 1 89  ? 11.187  8.947   9.852   1.00 103.96 ? 89  PRO A O   1 
ATOM 228  C CB  . PRO A 1 89  ? 10.817  11.671  7.870   1.00 133.07 ? 89  PRO A CB  1 
ATOM 229  C CG  . PRO A 1 89  ? 9.412   12.172  7.678   1.00 132.74 ? 89  PRO A CG  1 
ATOM 230  C CD  . PRO A 1 89  ? 8.932   11.271  6.566   1.00 131.91 ? 89  PRO A CD  1 
ATOM 231  N N   . TYR A 1 90  ? 9.133   9.847   9.722   1.00 104.16 ? 90  TYR A N   1 
ATOM 232  C CA  . TYR A 1 90  ? 8.747   9.377   11.043  1.00 101.49 ? 90  TYR A CA  1 
ATOM 233  C C   . TYR A 1 90  ? 7.960   8.068   11.080  1.00 98.08  ? 90  TYR A C   1 
ATOM 234  O O   . TYR A 1 90  ? 7.007   7.865   10.321  1.00 95.07  ? 90  TYR A O   1 
ATOM 235  C CB  . TYR A 1 90  ? 7.987   10.482  11.781  1.00 146.68 ? 90  TYR A CB  1 
ATOM 236  C CG  . TYR A 1 90  ? 8.900   11.570  12.306  1.00 155.69 ? 90  TYR A CG  1 
ATOM 237  C CD1 . TYR A 1 90  ? 9.642   12.367  11.433  1.00 165.09 ? 90  TYR A CD1 1 
ATOM 238  C CD2 . TYR A 1 90  ? 9.054   11.776  13.677  1.00 160.16 ? 90  TYR A CD2 1 
ATOM 239  C CE1 . TYR A 1 90  ? 10.519  13.342  11.913  1.00 165.42 ? 90  TYR A CE1 1 
ATOM 240  C CE2 . TYR A 1 90  ? 9.926   12.748  14.167  1.00 161.38 ? 90  TYR A CE2 1 
ATOM 241  C CZ  . TYR A 1 90  ? 10.655  13.526  13.279  1.00 164.39 ? 90  TYR A CZ  1 
ATOM 242  O OH  . TYR A 1 90  ? 11.513  14.489  13.762  1.00 161.95 ? 90  TYR A OH  1 
ATOM 243  N N   . VAL A 1 91  ? 8.395   7.188   11.980  1.00 96.64  ? 91  VAL A N   1 
ATOM 244  C CA  . VAL A 1 91  ? 7.788   5.879   12.184  1.00 92.86  ? 91  VAL A CA  1 
ATOM 245  C C   . VAL A 1 91  ? 6.429   6.048   12.822  1.00 88.67  ? 91  VAL A C   1 
ATOM 246  O O   . VAL A 1 91  ? 6.304   6.710   13.846  1.00 92.25  ? 91  VAL A O   1 
ATOM 247  C CB  . VAL A 1 91  ? 8.633   5.016   13.120  1.00 52.05  ? 91  VAL A CB  1 
ATOM 248  C CG1 . VAL A 1 91  ? 7.956   3.690   13.336  1.00 48.74  ? 91  VAL A CG1 1 
ATOM 249  C CG2 . VAL A 1 91  ? 10.015  4.811   12.534  1.00 51.91  ? 91  VAL A CG2 1 
ATOM 250  N N   . ALA A 1 92  ? 5.413   5.445   12.219  1.00 62.34  ? 92  ALA A N   1 
ATOM 251  C CA  . ALA A 1 92  ? 4.056   5.550   12.727  1.00 60.12  ? 92  ALA A CA  1 
ATOM 252  C C   . ALA A 1 92  ? 3.876   4.492   13.779  1.00 60.86  ? 92  ALA A C   1 
ATOM 253  O O   . ALA A 1 92  ? 4.702   3.575   13.908  1.00 62.96  ? 92  ALA A O   1 
ATOM 254  C CB  . ALA A 1 92  ? 3.048   5.341   11.602  1.00 64.25  ? 92  ALA A CB  1 
ATOM 255  N N   . VAL A 1 93  ? 2.783   4.621   14.525  1.00 71.76  ? 93  VAL A N   1 
ATOM 256  C CA  . VAL A 1 93  ? 2.467   3.683   15.586  1.00 68.81  ? 93  VAL A CA  1 
ATOM 257  C C   . VAL A 1 93  ? 1.032   3.229   15.429  1.00 68.18  ? 93  VAL A C   1 
ATOM 258  O O   . VAL A 1 93  ? 0.187   3.969   14.920  1.00 67.23  ? 93  VAL A O   1 
ATOM 259  C CB  . VAL A 1 93  ? 2.618   4.328   16.988  1.00 52.30  ? 93  VAL A CB  1 
ATOM 260  C CG1 . VAL A 1 93  ? 2.322   3.308   18.048  1.00 55.63  ? 93  VAL A CG1 1 
ATOM 261  C CG2 . VAL A 1 93  ? 4.017   4.852   17.184  1.00 45.66  ? 93  VAL A CG2 1 
ATOM 262  N N   . LEU A 1 94  ? 0.786   1.994   15.865  1.00 70.26  ? 94  LEU A N   1 
ATOM 263  C CA  . LEU A 1 94  ? -0.531  1.358   15.842  1.00 69.51  ? 94  LEU A CA  1 
ATOM 264  C C   . LEU A 1 94  ? -0.603  0.547   17.126  1.00 74.84  ? 94  LEU A C   1 
ATOM 265  O O   . LEU A 1 94  ? 0.214   -0.355  17.338  1.00 73.70  ? 94  LEU A O   1 
ATOM 266  C CB  . LEU A 1 94  ? -0.671  0.415   14.643  1.00 54.43  ? 94  LEU A CB  1 
ATOM 267  C CG  . LEU A 1 94  ? -1.927  -0.445  14.763  1.00 47.73  ? 94  LEU A CG  1 
ATOM 268  C CD1 . LEU A 1 94  ? -3.139  0.440   14.521  1.00 51.04  ? 94  LEU A CD1 1 
ATOM 269  C CD2 . LEU A 1 94  ? -1.878  -1.610  13.793  1.00 40.61  ? 94  LEU A CD2 1 
ATOM 270  N N   . SER A 1 95  ? -1.589  0.863   17.963  1.00 94.81  ? 95  SER A N   1 
ATOM 271  C CA  . SER A 1 95  ? -1.771  0.214   19.266  1.00 97.23  ? 95  SER A CA  1 
ATOM 272  C C   . SER A 1 95  ? -2.725  -0.965  19.294  1.00 97.76  ? 95  SER A C   1 
ATOM 273  O O   . SER A 1 95  ? -3.657  -1.043  18.492  1.00 99.58  ? 95  SER A O   1 
ATOM 274  C CB  . SER A 1 95  ? -2.301  1.222   20.266  1.00 81.99  ? 95  SER A CB  1 
ATOM 275  O OG  . SER A 1 95  ? -3.671  1.453   19.988  1.00 83.53  ? 95  SER A OG  1 
ATOM 276  N N   . VAL A 1 96  ? -2.503  -1.864  20.253  1.00 53.05  ? 96  VAL A N   1 
ATOM 277  C CA  . VAL A 1 96  ? -3.366  -3.028  20.415  1.00 53.24  ? 96  VAL A CA  1 
ATOM 278  C C   . VAL A 1 96  ? -4.703  -2.499  20.931  1.00 55.39  ? 96  VAL A C   1 
ATOM 279  O O   . VAL A 1 96  ? -5.721  -3.194  20.943  1.00 51.16  ? 96  VAL A O   1 
ATOM 280  C CB  . VAL A 1 96  ? -2.791  -4.013  21.435  1.00 53.69  ? 96  VAL A CB  1 
ATOM 281  C CG1 . VAL A 1 96  ? -3.558  -5.323  21.370  1.00 52.20  ? 96  VAL A CG1 1 
ATOM 282  C CG2 . VAL A 1 96  ? -1.308  -4.231  21.169  1.00 52.03  ? 96  VAL A CG2 1 
ATOM 283  N N   . GLN A 1 97  ? -4.676  -1.247  21.365  1.00 72.62  ? 97  GLN A N   1 
ATOM 284  C CA  . GLN A 1 97  ? -5.865  -0.590  21.852  1.00 78.56  ? 97  GLN A CA  1 
ATOM 285  C C   . GLN A 1 97  ? -6.786  -0.406  20.650  1.00 79.68  ? 97  GLN A C   1 
ATOM 286  O O   . GLN A 1 97  ? -7.884  -0.966  20.599  1.00 80.62  ? 97  GLN A O   1 
ATOM 287  C CB  . GLN A 1 97  ? -5.501  0.775   22.444  1.00 124.35 ? 97  GLN A CB  1 
ATOM 288  C CG  . GLN A 1 97  ? -4.554  0.746   23.645  1.00 135.31 ? 97  GLN A CG  1 
ATOM 289  C CD  . GLN A 1 97  ? -5.266  0.452   24.953  1.00 148.71 ? 97  GLN A CD  1 
ATOM 290  O OE1 . GLN A 1 97  ? -6.285  1.070   25.271  1.00 151.78 ? 97  GLN A OE1 1 
ATOM 291  N NE2 . GLN A 1 97  ? -4.725  -0.486  25.723  1.00 149.52 ? 97  GLN A NE2 1 
ATOM 292  N N   . ASP A 1 98  ? -6.321  0.372   19.676  1.00 85.42  ? 98  ASP A N   1 
ATOM 293  C CA  . ASP A 1 98  ? -7.098  0.647   18.470  1.00 85.50  ? 98  ASP A CA  1 
ATOM 294  C C   . ASP A 1 98  ? -7.419  -0.621  17.693  1.00 82.49  ? 98  ASP A C   1 
ATOM 295  O O   . ASP A 1 98  ? -8.533  -0.785  17.197  1.00 82.30  ? 98  ASP A O   1 
ATOM 296  C CB  . ASP A 1 98  ? -6.343  1.630   17.562  1.00 80.67  ? 98  ASP A CB  1 
ATOM 297  C CG  . ASP A 1 98  ? -7.135  2.013   16.317  1.00 83.13  ? 98  ASP A CG  1 
ATOM 298  O OD1 . ASP A 1 98  ? -7.344  1.135   15.459  1.00 77.07  ? 98  ASP A OD1 1 
ATOM 299  O OD2 . ASP A 1 98  ? -7.547  3.189   16.198  1.00 92.48  ? 98  ASP A OD2 1 
ATOM 300  N N   . PHE A 1 99  ? -6.443  -1.519  17.595  1.00 81.62  ? 99  PHE A N   1 
ATOM 301  C CA  . PHE A 1 99  ? -6.626  -2.770  16.867  1.00 78.54  ? 99  PHE A CA  1 
ATOM 302  C C   . PHE A 1 99  ? -7.796  -3.622  17.379  1.00 78.55  ? 99  PHE A C   1 
ATOM 303  O O   . PHE A 1 99  ? -8.586  -4.171  16.597  1.00 78.72  ? 99  PHE A O   1 
ATOM 304  C CB  . PHE A 1 99  ? -5.353  -3.610  16.933  1.00 69.22  ? 99  PHE A CB  1 
ATOM 305  C CG  . PHE A 1 99  ? -5.384  -4.794  16.023  1.00 69.11  ? 99  PHE A CG  1 
ATOM 306  C CD1 . PHE A 1 99  ? -4.964  -4.682  14.705  1.00 72.68  ? 99  PHE A CD1 1 
ATOM 307  C CD2 . PHE A 1 99  ? -5.904  -6.005  16.458  1.00 70.85  ? 99  PHE A CD2 1 
ATOM 308  C CE1 . PHE A 1 99  ? -5.063  -5.751  13.838  1.00 66.10  ? 99  PHE A CE1 1 
ATOM 309  C CE2 . PHE A 1 99  ? -6.007  -7.088  15.587  1.00 76.53  ? 99  PHE A CE2 1 
ATOM 310  C CZ  . PHE A 1 99  ? -5.587  -6.957  14.278  1.00 72.72  ? 99  PHE A CZ  1 
ATOM 311  N N   . LEU A 1 100 ? -7.890  -3.725  18.700  1.00 81.87  ? 100 LEU A N   1 
ATOM 312  C CA  . LEU A 1 100 ? -8.922  -4.512  19.357  1.00 79.64  ? 100 LEU A CA  1 
ATOM 313  C C   . LEU A 1 100 ? -10.189 -3.773  19.746  1.00 79.72  ? 100 LEU A C   1 
ATOM 314  O O   . LEU A 1 100 ? -11.211 -4.413  19.995  1.00 73.98  ? 100 LEU A O   1 
ATOM 315  C CB  . LEU A 1 100 ? -8.339  -5.149  20.606  1.00 68.80  ? 100 LEU A CB  1 
ATOM 316  C CG  . LEU A 1 100 ? -7.532  -6.399  20.319  1.00 68.00  ? 100 LEU A CG  1 
ATOM 317  C CD1 . LEU A 1 100 ? -6.689  -6.789  21.534  1.00 54.69  ? 100 LEU A CD1 1 
ATOM 318  C CD2 . LEU A 1 100 ? -8.520  -7.498  19.916  1.00 63.06  ? 100 LEU A CD2 1 
ATOM 319  N N   . GLY A 1 101 ? -10.129 -2.442  19.804  1.00 92.88  ? 101 GLY A N   1 
ATOM 320  C CA  . GLY A 1 101 ? -11.296 -1.668  20.205  1.00 96.66  ? 101 GLY A CA  1 
ATOM 321  C C   . GLY A 1 101 ? -11.620 -2.121  21.614  1.00 99.10  ? 101 GLY A C   1 
ATOM 322  O O   . GLY A 1 101 ? -12.775 -2.321  21.993  1.00 100.76 ? 101 GLY A O   1 
ATOM 323  N N   . ARG A 1 102 ? -10.562 -2.264  22.395  1.00 73.72  ? 102 ARG A N   1 
ATOM 324  C CA  . ARG A 1 102 ? -10.658 -2.760  23.748  1.00 72.22  ? 102 ARG A CA  1 
ATOM 325  C C   . ARG A 1 102 ? -9.320  -2.478  24.451  1.00 73.77  ? 102 ARG A C   1 
ATOM 326  O O   . ARG A 1 102 ? -8.258  -2.608  23.848  1.00 75.97  ? 102 ARG A O   1 
ATOM 327  C CB  . ARG A 1 102 ? -10.939 -4.269  23.659  1.00 90.83  ? 102 ARG A CB  1 
ATOM 328  C CG  . ARG A 1 102 ? -10.931 -5.028  24.965  1.00 86.25  ? 102 ARG A CG  1 
ATOM 329  C CD  . ARG A 1 102 ? -9.630  -5.797  25.219  1.00 82.88  ? 102 ARG A CD  1 
ATOM 330  N NE  . ARG A 1 102 ? -9.410  -6.969  24.368  1.00 88.17  ? 102 ARG A NE  1 
ATOM 331  C CZ  . ARG A 1 102 ? -10.357 -7.663  23.735  1.00 90.84  ? 102 ARG A CZ  1 
ATOM 332  N NH1 . ARG A 1 102 ? -11.638 -7.317  23.823  1.00 94.86  ? 102 ARG A NH1 1 
ATOM 333  N NH2 . ARG A 1 102 ? -10.021 -8.729  23.014  1.00 79.98  ? 102 ARG A NH2 1 
ATOM 334  N N   . PRO A 1 103 ? -9.351  -2.072  25.730  1.00 75.33  ? 103 PRO A N   1 
ATOM 335  C CA  . PRO A 1 103 ? -8.077  -1.807  26.411  1.00 74.79  ? 103 PRO A CA  1 
ATOM 336  C C   . PRO A 1 103 ? -7.174  -3.033  26.364  1.00 72.28  ? 103 PRO A C   1 
ATOM 337  O O   . PRO A 1 103 ? -7.646  -4.162  26.397  1.00 69.34  ? 103 PRO A O   1 
ATOM 338  C CB  . PRO A 1 103 ? -8.512  -1.454  27.830  1.00 144.57 ? 103 PRO A CB  1 
ATOM 339  C CG  . PRO A 1 103 ? -9.793  -2.237  27.995  1.00 147.58 ? 103 PRO A CG  1 
ATOM 340  C CD  . PRO A 1 103 ? -10.480 -1.991  26.672  1.00 144.11 ? 103 PRO A CD  1 
ATOM 341  N N   . PHE A 1 104 ? -5.872  -2.821  26.287  1.00 86.24  ? 104 PHE A N   1 
ATOM 342  C CA  . PHE A 1 104 ? -4.953  -3.946  26.222  1.00 89.66  ? 104 PHE A CA  1 
ATOM 343  C C   . PHE A 1 104 ? -4.963  -4.746  27.519  1.00 91.21  ? 104 PHE A C   1 
ATOM 344  O O   . PHE A 1 104 ? -5.051  -4.170  28.602  1.00 94.77  ? 104 PHE A O   1 
ATOM 345  C CB  . PHE A 1 104 ? -3.543  -3.444  25.929  1.00 87.84  ? 104 PHE A CB  1 
ATOM 346  C CG  . PHE A 1 104 ? -2.525  -4.535  25.809  1.00 85.89  ? 104 PHE A CG  1 
ATOM 347  C CD1 . PHE A 1 104 ? -2.793  -5.671  25.058  1.00 78.93  ? 104 PHE A CD1 1 
ATOM 348  C CD2 . PHE A 1 104 ? -1.286  -4.417  26.427  1.00 87.82  ? 104 PHE A CD2 1 
ATOM 349  C CE1 . PHE A 1 104 ? -1.840  -6.672  24.925  1.00 71.76  ? 104 PHE A CE1 1 
ATOM 350  C CE2 . PHE A 1 104 ? -0.329  -5.416  26.294  1.00 81.78  ? 104 PHE A CE2 1 
ATOM 351  C CZ  . PHE A 1 104 ? -0.610  -6.543  25.542  1.00 68.96  ? 104 PHE A CZ  1 
ATOM 352  N N   . ASN A 1 105 ? -4.870  -6.070  27.409  1.00 75.64  ? 105 ASN A N   1 
ATOM 353  C CA  . ASN A 1 105 ? -4.875  -6.937  28.593  1.00 72.91  ? 105 ASN A CA  1 
ATOM 354  C C   . ASN A 1 105 ? -3.764  -8.008  28.538  1.00 68.81  ? 105 ASN A C   1 
ATOM 355  O O   . ASN A 1 105 ? -3.996  -9.178  28.242  1.00 68.58  ? 105 ASN A O   1 
ATOM 356  C CB  . ASN A 1 105 ? -6.269  -7.573  28.751  1.00 102.57 ? 105 ASN A CB  1 
ATOM 357  C CG  . ASN A 1 105 ? -6.436  -8.306  30.069  1.00 107.72 ? 105 ASN A CG  1 
ATOM 358  O OD1 . ASN A 1 105 ? -6.022  -7.817  31.120  1.00 111.81 ? 105 ASN A OD1 1 
ATOM 359  N ND2 . ASN A 1 105 ? -7.058  -9.479  30.018  1.00 108.37 ? 105 ASN A ND2 1 
ATOM 360  N N   . PRO A 1 106 ? -2.535  -7.601  28.855  1.00 55.21  ? 106 PRO A N   1 
ATOM 361  C CA  . PRO A 1 106 ? -1.317  -8.421  28.869  1.00 57.22  ? 106 PRO A CA  1 
ATOM 362  C C   . PRO A 1 106 ? -1.464  -9.857  29.343  1.00 60.40  ? 106 PRO A C   1 
ATOM 363  O O   . PRO A 1 106 ? -0.689  -10.718 28.941  1.00 62.52  ? 106 PRO A O   1 
ATOM 364  C CB  . PRO A 1 106 ? -0.372  -7.624  29.758  1.00 76.69  ? 106 PRO A CB  1 
ATOM 365  C CG  . PRO A 1 106 ? -0.756  -6.222  29.441  1.00 78.83  ? 106 PRO A CG  1 
ATOM 366  C CD  . PRO A 1 106 ? -2.270  -6.262  29.403  1.00 74.01  ? 106 PRO A CD  1 
ATOM 367  N N   . ALA A 1 107 ? -2.443  -10.114 30.204  1.00 81.87  ? 107 ALA A N   1 
ATOM 368  C CA  . ALA A 1 107 ? -2.656  -11.461 30.722  1.00 86.64  ? 107 ALA A CA  1 
ATOM 369  C C   . ALA A 1 107 ? -3.364  -12.311 29.678  1.00 89.34  ? 107 ALA A C   1 
ATOM 370  O O   . ALA A 1 107 ? -2.751  -12.781 28.727  1.00 90.49  ? 107 ALA A O   1 
ATOM 371  C CB  . ALA A 1 107 ? -3.477  -11.397 31.997  1.00 127.42 ? 107 ALA A CB  1 
ATOM 372  N N   . VAL A 1 108 ? -4.662  -12.505 29.864  1.00 116.06 ? 108 VAL A N   1 
ATOM 373  C CA  . VAL A 1 108 ? -5.474  -13.276 28.926  1.00 120.06 ? 108 VAL A CA  1 
ATOM 374  C C   . VAL A 1 108 ? -6.056  -12.306 27.894  1.00 120.12 ? 108 VAL A C   1 
ATOM 375  O O   . VAL A 1 108 ? -7.111  -11.702 28.116  1.00 116.07 ? 108 VAL A O   1 
ATOM 376  C CB  . VAL A 1 108 ? -6.619  -14.027 29.674  1.00 200.53 ? 108 VAL A CB  1 
ATOM 377  C CG1 . VAL A 1 108 ? -7.660  -14.547 28.690  1.00 201.64 ? 108 VAL A CG1 1 
ATOM 378  C CG2 . VAL A 1 108 ? -6.035  -15.191 30.474  1.00 201.50 ? 108 VAL A CG2 1 
ATOM 379  N N   . ASP A 1 109 ? -5.337  -12.159 26.781  1.00 84.51  ? 109 ASP A N   1 
ATOM 380  C CA  . ASP A 1 109 ? -5.697  -11.272 25.668  1.00 87.40  ? 109 ASP A CA  1 
ATOM 381  C C   . ASP A 1 109 ? -4.445  -11.123 24.831  1.00 91.26  ? 109 ASP A C   1 
ATOM 382  O O   . ASP A 1 109 ? -4.311  -11.733 23.776  1.00 95.48  ? 109 ASP A O   1 
ATOM 383  C CB  . ASP A 1 109 ? -6.114  -9.881  26.171  1.00 107.42 ? 109 ASP A CB  1 
ATOM 384  C CG  . ASP A 1 109 ? -6.368  -8.885  25.035  1.00 103.85 ? 109 ASP A CG  1 
ATOM 385  O OD1 . ASP A 1 109 ? -7.268  -9.147  24.209  1.00 92.40  ? 109 ASP A OD1 1 
ATOM 386  O OD2 . ASP A 1 109 ? -5.680  -7.838  24.976  1.00 104.99 ? 109 ASP A OD2 1 
ATOM 387  N N   . ASP A 1 110 ? -3.530  -10.303 25.338  1.00 119.09 ? 110 ASP A N   1 
ATOM 388  C CA  . ASP A 1 110 ? -2.250  -10.034 24.703  1.00 116.77 ? 110 ASP A CA  1 
ATOM 389  C C   . ASP A 1 110 ? -1.847  -11.137 23.751  1.00 114.41 ? 110 ASP A C   1 
ATOM 390  O O   . ASP A 1 110 ? -1.922  -12.320 24.075  1.00 115.07 ? 110 ASP A O   1 
ATOM 391  C CB  . ASP A 1 110 ? -1.153  -9.862  25.772  1.00 188.97 ? 110 ASP A CB  1 
ATOM 392  C CG  . ASP A 1 110 ? 0.261   -9.807  25.180  1.00 193.90 ? 110 ASP A CG  1 
ATOM 393  O OD1 . ASP A 1 110 ? 0.687   -10.786 24.528  1.00 201.73 ? 110 ASP A OD1 1 
ATOM 394  O OD2 . ASP A 1 110 ? 0.960   -8.788  25.380  1.00 201.73 ? 110 ASP A OD2 1 
ATOM 395  N N   . MET A 1 111 ? -1.433  -10.727 22.562  1.00 131.90 ? 111 MET A N   1 
ATOM 396  C CA  . MET A 1 111 ? -0.976  -11.644 21.544  1.00 126.90 ? 111 MET A CA  1 
ATOM 397  C C   . MET A 1 111 ? -0.348  -10.862 20.417  1.00 127.02 ? 111 MET A C   1 
ATOM 398  O O   . MET A 1 111 ? -1.006  -10.505 19.445  1.00 127.76 ? 111 MET A O   1 
ATOM 399  C CB  . MET A 1 111 ? -2.118  -12.512 21.008  1.00 83.68  ? 111 MET A CB  1 
ATOM 400  C CG  . MET A 1 111 ? -1.999  -13.974 21.418  1.00 81.66  ? 111 MET A CG  1 
ATOM 401  S SD  . MET A 1 111 ? -0.322  -14.636 21.117  1.00 94.93  ? 111 MET A SD  1 
ATOM 402  C CE  . MET A 1 111 ? -0.696  -16.139 20.160  1.00 84.96  ? 111 MET A CE  1 
ATOM 403  N N   . GLN A 1 112 ? 0.927   -10.546 20.586  1.00 74.48  ? 112 GLN A N   1 
ATOM 404  C CA  . GLN A 1 112 ? 1.656   -9.867  19.543  1.00 69.52  ? 112 GLN A CA  1 
ATOM 405  C C   . GLN A 1 112 ? 1.977   -11.066 18.657  1.00 62.79  ? 112 GLN A C   1 
ATOM 406  O O   . GLN A 1 112 ? 3.084   -11.617 18.672  1.00 60.62  ? 112 GLN A O   1 
ATOM 407  C CB  . GLN A 1 112 ? 2.919   -9.190  20.100  1.00 79.50  ? 112 GLN A CB  1 
ATOM 408  C CG  . GLN A 1 112 ? 2.628   -8.139  21.210  1.00 74.94  ? 112 GLN A CG  1 
ATOM 409  C CD  . GLN A 1 112 ? 1.486   -7.172  20.864  1.00 72.28  ? 112 GLN A CD  1 
ATOM 410  O OE1 . GLN A 1 112 ? 1.717   -6.058  20.381  1.00 68.13  ? 112 GLN A OE1 1 
ATOM 411  N NE2 . GLN A 1 112 ? 0.245   -7.608  21.108  1.00 62.33  ? 112 GLN A NE2 1 
ATOM 412  N N   . SER A 1 113 ? 0.915   -11.490 17.968  1.00 66.23  ? 113 SER A N   1 
ATOM 413  C CA  . SER A 1 113 ? 0.856   -12.604 17.023  1.00 64.03  ? 113 SER A CA  1 
ATOM 414  C C   . SER A 1 113 ? -0.420  -12.326 16.220  1.00 63.81  ? 113 SER A C   1 
ATOM 415  O O   . SER A 1 113 ? -1.030  -13.222 15.632  1.00 63.45  ? 113 SER A O   1 
ATOM 416  C CB  . SER A 1 113 ? 0.701   -13.948 17.725  1.00 52.99  ? 113 SER A CB  1 
ATOM 417  O OG  . SER A 1 113 ? -0.646  -14.391 17.638  1.00 47.15  ? 113 SER A OG  1 
ATOM 418  N N   . LEU A 1 114 ? -0.834  -11.066 16.255  1.00 73.21  ? 114 LEU A N   1 
ATOM 419  C CA  . LEU A 1 114 ? -1.983  -10.597 15.502  1.00 71.40  ? 114 LEU A CA  1 
ATOM 420  C C   . LEU A 1 114 ? -1.325  -9.878  14.329  1.00 70.76  ? 114 LEU A C   1 
ATOM 421  O O   . LEU A 1 114 ? -1.922  -9.687  13.274  1.00 71.61  ? 114 LEU A O   1 
ATOM 422  C CB  . LEU A 1 114 ? -2.797  -9.588  16.308  1.00 68.37  ? 114 LEU A CB  1 
ATOM 423  C CG  . LEU A 1 114 ? -3.657  -10.010 17.493  1.00 69.55  ? 114 LEU A CG  1 
ATOM 424  C CD1 . LEU A 1 114 ? -4.294  -8.752  18.086  1.00 64.80  ? 114 LEU A CD1 1 
ATOM 425  C CD2 . LEU A 1 114 ? -4.722  -11.016 17.057  1.00 64.35  ? 114 LEU A CD2 1 
ATOM 426  N N   . LEU A 1 115 ? -0.085  -9.466  14.562  1.00 66.72  ? 115 LEU A N   1 
ATOM 427  C CA  . LEU A 1 115 ? 0.746   -8.780  13.591  1.00 63.82  ? 115 LEU A CA  1 
ATOM 428  C C   . LEU A 1 115 ? 2.177   -9.107  13.975  1.00 69.18  ? 115 LEU A C   1 
ATOM 429  O O   . LEU A 1 115 ? 2.628   -8.789  15.082  1.00 73.53  ? 115 LEU A O   1 
ATOM 430  C CB  . LEU A 1 115 ? 0.547   -7.274  13.658  1.00 50.48  ? 115 LEU A CB  1 
ATOM 431  C CG  . LEU A 1 115 ? -0.827  -6.760  13.258  1.00 43.20  ? 115 LEU A CG  1 
ATOM 432  C CD1 . LEU A 1 115 ? -0.871  -5.234  13.334  1.00 36.05  ? 115 LEU A CD1 1 
ATOM 433  C CD2 . LEU A 1 115 ? -1.109  -7.220  11.849  1.00 33.88  ? 115 LEU A CD2 1 
ATOM 434  N N   . LYS A 1 116 ? 2.878   -9.761  13.062  1.00 55.55  ? 116 LYS A N   1 
ATOM 435  C CA  . LYS A 1 116 ? 4.254   -10.134 13.285  1.00 54.62  ? 116 LYS A CA  1 
ATOM 436  C C   . LYS A 1 116 ? 5.091   -9.104  12.525  1.00 54.61  ? 116 LYS A C   1 
ATOM 437  O O   . LYS A 1 116 ? 4.554   -8.107  12.046  1.00 53.08  ? 116 LYS A O   1 
ATOM 438  C CB  . LYS A 1 116 ? 4.461   -11.553 12.754  1.00 51.75  ? 116 LYS A CB  1 
ATOM 439  C CG  . LYS A 1 116 ? 3.299   -12.488 13.107  1.00 50.92  ? 116 LYS A CG  1 
ATOM 440  C CD  . LYS A 1 116 ? 3.641   -13.975 12.979  1.00 44.32  ? 116 LYS A CD  1 
ATOM 441  C CE  . LYS A 1 116 ? 4.443   -14.491 14.185  1.00 55.64  ? 116 LYS A CE  1 
ATOM 442  N NZ  . LYS A 1 116 ? 4.860   -15.926 14.063  1.00 67.51  ? 116 LYS A NZ  1 
ATOM 443  N N   . VAL A 1 117 ? 6.400   -9.306  12.438  1.00 72.28  ? 117 VAL A N   1 
ATOM 444  C CA  . VAL A 1 117 ? 7.237   -8.376  11.688  1.00 72.79  ? 117 VAL A CA  1 
ATOM 445  C C   . VAL A 1 117 ? 7.337   -8.872  10.257  1.00 73.27  ? 117 VAL A C   1 
ATOM 446  O O   . VAL A 1 117 ? 7.708   -10.016 10.005  1.00 75.00  ? 117 VAL A O   1 
ATOM 447  C CB  . VAL A 1 117 ? 8.644   -8.282  12.271  1.00 55.52  ? 117 VAL A CB  1 
ATOM 448  C CG1 . VAL A 1 117 ? 9.569   -7.618  11.284  1.00 48.23  ? 117 VAL A CG1 1 
ATOM 449  C CG2 . VAL A 1 117 ? 8.606   -7.481  13.548  1.00 58.38  ? 117 VAL A CG2 1 
ATOM 450  N N   . GLY A 1 118 ? 7.006   -8.012  9.313   1.00 66.44  ? 118 GLY A N   1 
ATOM 451  C CA  . GLY A 1 118 ? 7.063   -8.422  7.925   1.00 63.28  ? 118 GLY A CA  1 
ATOM 452  C C   . GLY A 1 118 ? 5.680   -8.300  7.329   1.00 61.85  ? 118 GLY A C   1 
ATOM 453  O O   . GLY A 1 118 ? 5.495   -8.338  6.117   1.00 63.43  ? 118 GLY A O   1 
ATOM 454  N N   . ASP A 1 119 ? 4.695   -8.156  8.202   1.00 46.41  ? 119 ASP A N   1 
ATOM 455  C CA  . ASP A 1 119 ? 3.320   -8.009  7.783   1.00 43.05  ? 119 ASP A CA  1 
ATOM 456  C C   . ASP A 1 119 ? 3.083   -6.631  7.181   1.00 42.51  ? 119 ASP A C   1 
ATOM 457  O O   . ASP A 1 119 ? 3.679   -5.631  7.582   1.00 40.05  ? 119 ASP A O   1 
ATOM 458  C CB  . ASP A 1 119 ? 2.392   -8.205  8.984   1.00 63.68  ? 119 ASP A CB  1 
ATOM 459  C CG  . ASP A 1 119 ? 2.163   -9.666  9.319   1.00 66.12  ? 119 ASP A CG  1 
ATOM 460  O OD1 . ASP A 1 119 ? 1.449   -9.930  10.296  1.00 59.54  ? 119 ASP A OD1 1 
ATOM 461  O OD2 . ASP A 1 119 ? 2.678   -10.551 8.610   1.00 80.27  ? 119 ASP A OD2 1 
ATOM 462  N N   . TYR A 1 120 ? 2.216   -6.576  6.193   1.00 58.54  ? 120 TYR A N   1 
ATOM 463  C CA  . TYR A 1 120 ? 1.911   -5.291  5.609   1.00 59.54  ? 120 TYR A CA  1 
ATOM 464  C C   . TYR A 1 120 ? 0.513   -5.024  6.111   1.00 58.81  ? 120 TYR A C   1 
ATOM 465  O O   . TYR A 1 120 ? -0.269  -5.959  6.273   1.00 58.16  ? 120 TYR A O   1 
ATOM 466  C CB  . TYR A 1 120 ? 1.985   -5.360  4.066   1.00 47.97  ? 120 TYR A CB  1 
ATOM 467  C CG  . TYR A 1 120 ? 3.399   -5.205  3.534   1.00 46.98  ? 120 TYR A CG  1 
ATOM 468  C CD1 . TYR A 1 120 ? 3.971   -3.942  3.380   1.00 43.94  ? 120 TYR A CD1 1 
ATOM 469  C CD2 . TYR A 1 120 ? 4.191   -6.323  3.271   1.00 53.17  ? 120 TYR A CD2 1 
ATOM 470  C CE1 . TYR A 1 120 ? 5.301   -3.793  2.983   1.00 56.86  ? 120 TYR A CE1 1 
ATOM 471  C CE2 . TYR A 1 120 ? 5.525   -6.191  2.872   1.00 55.20  ? 120 TYR A CE2 1 
ATOM 472  C CZ  . TYR A 1 120 ? 6.075   -4.924  2.732   1.00 55.21  ? 120 TYR A CZ  1 
ATOM 473  O OH  . TYR A 1 120 ? 7.396   -4.795  2.361   1.00 61.80  ? 120 TYR A OH  1 
ATOM 474  N N   . ILE A 1 121 ? 0.198   -3.770  6.400   1.00 53.52  ? 121 ILE A N   1 
ATOM 475  C CA  . ILE A 1 121 ? -1.135  -3.465  6.897   1.00 58.14  ? 121 ILE A CA  1 
ATOM 476  C C   . ILE A 1 121 ? -1.724  -2.235  6.226   1.00 61.73  ? 121 ILE A C   1 
ATOM 477  O O   . ILE A 1 121 ? -1.065  -1.201  6.113   1.00 63.34  ? 121 ILE A O   1 
ATOM 478  C CB  . ILE A 1 121 ? -1.149  -3.214  8.442   1.00 53.86  ? 121 ILE A CB  1 
ATOM 479  C CG1 . ILE A 1 121 ? -0.373  -1.937  8.769   1.00 49.02  ? 121 ILE A CG1 1 
ATOM 480  C CG2 . ILE A 1 121 ? -0.558  -4.402  9.184   1.00 60.32  ? 121 ILE A CG2 1 
ATOM 481  C CD1 . ILE A 1 121 ? -0.494  -1.489  10.168  1.00 33.58  ? 121 ILE A CD1 1 
ATOM 482  N N   . LYS A 1 122 ? -2.967  -2.356  5.777   1.00 54.55  ? 122 LYS A N   1 
ATOM 483  C CA  . LYS A 1 122 ? -3.651  -1.239  5.157   1.00 56.82  ? 122 LYS A CA  1 
ATOM 484  C C   . LYS A 1 122 ? -4.199  -0.464  6.366   1.00 55.88  ? 122 LYS A C   1 
ATOM 485  O O   . LYS A 1 122 ? -5.065  -0.962  7.079   1.00 56.54  ? 122 LYS A O   1 
ATOM 486  C CB  . LYS A 1 122 ? -4.793  -1.754  4.269   1.00 64.65  ? 122 LYS A CB  1 
ATOM 487  C CG  . LYS A 1 122 ? -5.177  -0.848  3.097   1.00 66.68  ? 122 LYS A CG  1 
ATOM 488  C CD  . LYS A 1 122 ? -6.595  -1.148  2.626   1.00 70.54  ? 122 LYS A CD  1 
ATOM 489  C CE  . LYS A 1 122 ? -6.919  -0.512  1.281   1.00 81.78  ? 122 LYS A CE  1 
ATOM 490  N NZ  . LYS A 1 122 ? -6.438  -1.340  0.133   1.00 85.07  ? 122 LYS A NZ  1 
ATOM 491  N N   . ALA A 1 123 ? -3.687  0.742   6.604   1.00 57.80  ? 123 ALA A N   1 
ATOM 492  C CA  . ALA A 1 123 ? -4.122  1.542   7.747   1.00 60.26  ? 123 ALA A CA  1 
ATOM 493  C C   . ALA A 1 123 ? -4.244  3.037   7.480   1.00 62.57  ? 123 ALA A C   1 
ATOM 494  O O   . ALA A 1 123 ? -3.533  3.571   6.636   1.00 66.30  ? 123 ALA A O   1 
ATOM 495  C CB  . ALA A 1 123 ? -3.167  1.325   8.886   1.00 61.00  ? 123 ALA A CB  1 
ATOM 496  N N   . LYS A 1 124 ? -5.135  3.703   8.221   1.00 84.40  ? 124 LYS A N   1 
ATOM 497  C CA  . LYS A 1 124 ? -5.359  5.158   8.111   1.00 86.07  ? 124 LYS A CA  1 
ATOM 498  C C   . LYS A 1 124 ? -4.528  5.938   9.140   1.00 86.36  ? 124 LYS A C   1 
ATOM 499  O O   . LYS A 1 124 ? -4.185  5.421   10.208  1.00 86.21  ? 124 LYS A O   1 
ATOM 500  C CB  . LYS A 1 124 ? -6.834  5.524   8.366   1.00 103.71 ? 124 LYS A CB  1 
ATOM 501  C CG  . LYS A 1 124 ? -7.812  5.420   7.197   1.00 106.71 ? 124 LYS A CG  1 
ATOM 502  C CD  . LYS A 1 124 ? -9.194  5.961   7.625   1.00 104.01 ? 124 LYS A CD  1 
ATOM 503  C CE  . LYS A 1 124 ? -10.236 5.915   6.503   1.00 111.87 ? 124 LYS A CE  1 
ATOM 504  N NZ  . LYS A 1 124 ? -10.616 4.525   6.100   1.00 111.24 ? 124 LYS A NZ  1 
ATOM 505  N N   . VAL A 1 125 ? -4.212  7.186   8.816   1.00 71.95  ? 125 VAL A N   1 
ATOM 506  C CA  . VAL A 1 125 ? -3.480  8.045   9.738   1.00 74.26  ? 125 VAL A CA  1 
ATOM 507  C C   . VAL A 1 125 ? -4.551  8.871   10.436  1.00 78.26  ? 125 VAL A C   1 
ATOM 508  O O   . VAL A 1 125 ? -5.379  9.491   9.770   1.00 79.09  ? 125 VAL A O   1 
ATOM 509  C CB  . VAL A 1 125 ? -2.540  8.993   8.998   1.00 68.18  ? 125 VAL A CB  1 
ATOM 510  C CG1 . VAL A 1 125 ? -2.284  10.225  9.847   1.00 65.76  ? 125 VAL A CG1 1 
ATOM 511  C CG2 . VAL A 1 125 ? -1.232  8.282   8.686   1.00 61.02  ? 125 VAL A CG2 1 
ATOM 512  N N   . VAL A 1 126 ? -4.555  8.883   11.765  1.00 92.64  ? 126 VAL A N   1 
ATOM 513  C CA  . VAL A 1 126 ? -5.572  9.643   12.483  1.00 94.83  ? 126 VAL A CA  1 
ATOM 514  C C   . VAL A 1 126 ? -5.064  10.953  13.065  1.00 96.63  ? 126 VAL A C   1 
ATOM 515  O O   . VAL A 1 126 ? -5.784  11.947  13.099  1.00 97.71  ? 126 VAL A O   1 
ATOM 516  C CB  . VAL A 1 126 ? -6.199  8.801   13.605  1.00 107.91 ? 126 VAL A CB  1 
ATOM 517  C CG1 . VAL A 1 126 ? -7.205  9.636   14.393  1.00 109.01 ? 126 VAL A CG1 1 
ATOM 518  C CG2 . VAL A 1 126 ? -6.889  7.604   13.004  1.00 107.68 ? 126 VAL A CG2 1 
ATOM 519  N N   . ALA A 1 127 ? -3.823  10.956  13.521  1.00 87.65  ? 127 ALA A N   1 
ATOM 520  C CA  . ALA A 1 127 ? -3.250  12.160  14.086  1.00 91.35  ? 127 ALA A CA  1 
ATOM 521  C C   . ALA A 1 127 ? -1.804  11.905  14.467  1.00 96.48  ? 127 ALA A C   1 
ATOM 522  O O   . ALA A 1 127 ? -1.267  10.817  14.230  1.00 98.17  ? 127 ALA A O   1 
ATOM 523  C CB  . ALA A 1 127 ? -4.040  12.580  15.299  1.00 84.96  ? 127 ALA A CB  1 
ATOM 524  N N   . PHE A 1 128 ? -1.168  12.913  15.050  1.00 86.42  ? 128 PHE A N   1 
ATOM 525  C CA  . PHE A 1 128 ? 0.217   12.774  15.463  1.00 89.52  ? 128 PHE A CA  1 
ATOM 526  C C   . PHE A 1 128 ? 0.305   12.984  16.967  1.00 91.28  ? 128 PHE A C   1 
ATOM 527  O O   . PHE A 1 128 ? -0.226  13.962  17.488  1.00 91.62  ? 128 PHE A O   1 
ATOM 528  C CB  . PHE A 1 128 ? 1.093   13.802  14.745  1.00 91.68  ? 128 PHE A CB  1 
ATOM 529  C CG  . PHE A 1 128 ? 1.055   13.698  13.244  1.00 90.95  ? 128 PHE A CG  1 
ATOM 530  C CD1 . PHE A 1 128 ? -0.145  13.847  12.548  1.00 88.61  ? 128 PHE A CD1 1 
ATOM 531  C CD2 . PHE A 1 128 ? 2.226   13.463  12.521  1.00 90.27  ? 128 PHE A CD2 1 
ATOM 532  C CE1 . PHE A 1 128 ? -0.182  13.765  11.155  1.00 90.40  ? 128 PHE A CE1 1 
ATOM 533  C CE2 . PHE A 1 128 ? 2.202   13.379  11.130  1.00 92.88  ? 128 PHE A CE2 1 
ATOM 534  C CZ  . PHE A 1 128 ? 0.991   13.532  10.446  1.00 94.47  ? 128 PHE A CZ  1 
ATOM 535  N N   . ASP A 1 129 ? 0.961   12.059  17.665  1.00 130.17 ? 129 ASP A N   1 
ATOM 536  C CA  . ASP A 1 129 ? 1.105   12.186  19.107  1.00 131.66 ? 129 ASP A CA  1 
ATOM 537  C C   . ASP A 1 129 ? 1.992   13.403  19.349  1.00 133.31 ? 129 ASP A C   1 
ATOM 538  O O   . ASP A 1 129 ? 2.608   13.924  18.416  1.00 132.77 ? 129 ASP A O   1 
ATOM 539  C CB  . ASP A 1 129 ? 1.718   10.915  19.726  1.00 110.82 ? 129 ASP A CB  1 
ATOM 540  C CG  . ASP A 1 129 ? 3.224   10.821  19.531  1.00 110.44 ? 129 ASP A CG  1 
ATOM 541  O OD1 . ASP A 1 129 ? 3.927   11.773  19.908  1.00 114.25 ? 129 ASP A OD1 1 
ATOM 542  O OD2 . ASP A 1 129 ? 3.710   9.789   19.019  1.00 105.69 ? 129 ASP A OD2 1 
ATOM 543  N N   . LYS A 1 130 ? 2.053   13.848  20.598  1.00 128.68 ? 130 LYS A N   1 
ATOM 544  C CA  . LYS A 1 130 ? 2.825   15.027  20.977  1.00 129.59 ? 130 LYS A CA  1 
ATOM 545  C C   . LYS A 1 130 ? 4.324   14.964  20.665  1.00 128.05 ? 130 LYS A C   1 
ATOM 546  O O   . LYS A 1 130 ? 5.114   15.668  21.289  1.00 129.89 ? 130 LYS A O   1 
ATOM 547  C CB  . LYS A 1 130 ? 2.613   15.300  22.472  1.00 141.23 ? 130 LYS A CB  1 
ATOM 548  C CG  . LYS A 1 130 ? 1.176   15.042  22.957  1.00 148.31 ? 130 LYS A CG  1 
ATOM 549  C CD  . LYS A 1 130 ? 0.135   15.795  22.120  1.00 152.96 ? 130 LYS A CD  1 
ATOM 550  C CE  . LYS A 1 130 ? -1.295  15.455  22.539  1.00 150.78 ? 130 LYS A CE  1 
ATOM 551  N NZ  . LYS A 1 130 ? -2.317  16.167  21.715  1.00 150.49 ? 130 LYS A NZ  1 
ATOM 552  N N   . THR A 1 131 ? 4.717   14.138  19.697  1.00 91.23  ? 131 THR A N   1 
ATOM 553  C CA  . THR A 1 131 ? 6.127   14.014  19.334  1.00 89.09  ? 131 THR A CA  1 
ATOM 554  C C   . THR A 1 131 ? 6.292   13.917  17.814  1.00 87.29  ? 131 THR A C   1 
ATOM 555  O O   . THR A 1 131 ? 7.394   13.675  17.311  1.00 87.15  ? 131 THR A O   1 
ATOM 556  C CB  . THR A 1 131 ? 6.773   12.767  20.009  1.00 94.17  ? 131 THR A CB  1 
ATOM 557  O OG1 . THR A 1 131 ? 8.189   12.959  20.115  1.00 98.81  ? 131 THR A OG1 1 
ATOM 558  C CG2 . THR A 1 131 ? 6.511   11.501  19.194  1.00 92.27  ? 131 THR A CG2 1 
ATOM 559  N N   . ARG A 1 132 ? 5.182   14.104  17.101  1.00 132.67 ? 132 ARG A N   1 
ATOM 560  C CA  . ARG A 1 132 ? 5.134   14.065  15.637  1.00 130.69 ? 132 ARG A CA  1 
ATOM 561  C C   . ARG A 1 132 ? 5.032   12.683  14.981  1.00 130.17 ? 132 ARG A C   1 
ATOM 562  O O   . ARG A 1 132 ? 4.999   12.580  13.754  1.00 132.71 ? 132 ARG A O   1 
ATOM 563  C CB  . ARG A 1 132 ? 6.317   14.848  15.038  1.00 122.85 ? 132 ARG A CB  1 
ATOM 564  C CG  . ARG A 1 132 ? 6.027   16.340  14.837  1.00 124.54 ? 132 ARG A CG  1 
ATOM 565  C CD  . ARG A 1 132 ? 7.236   17.120  14.317  1.00 127.41 ? 132 ARG A CD  1 
ATOM 566  N NE  . ARG A 1 132 ? 7.991   17.786  15.384  1.00 142.44 ? 132 ARG A NE  1 
ATOM 567  C CZ  . ARG A 1 132 ? 9.051   17.273  16.007  1.00 152.51 ? 132 ARG A CZ  1 
ATOM 568  N NH1 . ARG A 1 132 ? 9.510   16.070  15.677  1.00 153.73 ? 132 ARG A NH1 1 
ATOM 569  N NH2 . ARG A 1 132 ? 9.659   17.969  16.964  1.00 152.47 ? 132 ARG A NH2 1 
ATOM 570  N N   . SER A 1 133 ? 4.981   11.626  15.785  1.00 89.80  ? 133 SER A N   1 
ATOM 571  C CA  . SER A 1 133 ? 4.846   10.276  15.241  1.00 83.83  ? 133 SER A CA  1 
ATOM 572  C C   . SER A 1 133 ? 3.401   10.118  14.804  1.00 77.00  ? 133 SER A C   1 
ATOM 573  O O   . SER A 1 133 ? 2.479   10.418  15.554  1.00 74.09  ? 133 SER A O   1 
ATOM 574  C CB  . SER A 1 133 ? 5.171   9.220   16.295  1.00 75.75  ? 133 SER A CB  1 
ATOM 575  O OG  . SER A 1 133 ? 6.534   9.260   16.644  1.00 72.92  ? 133 SER A OG  1 
ATOM 576  N N   . PRO A 1 134 ? 3.180   9.645   13.578  1.00 83.52  ? 134 PRO A N   1 
ATOM 577  C CA  . PRO A 1 134 ? 1.805   9.478   13.107  1.00 81.21  ? 134 PRO A CA  1 
ATOM 578  C C   . PRO A 1 134 ? 1.119   8.297   13.782  1.00 78.67  ? 134 PRO A C   1 
ATOM 579  O O   . PRO A 1 134 ? 1.730   7.241   13.978  1.00 78.81  ? 134 PRO A O   1 
ATOM 580  C CB  . PRO A 1 134 ? 1.990   9.295   11.608  1.00 69.63  ? 134 PRO A CB  1 
ATOM 581  C CG  . PRO A 1 134 ? 3.285   8.550   11.545  1.00 70.66  ? 134 PRO A CG  1 
ATOM 582  C CD  . PRO A 1 134 ? 4.150   9.271   12.537  1.00 72.25  ? 134 PRO A CD  1 
ATOM 583  N N   . LEU A 1 135 ? -0.150  8.480   14.133  1.00 71.22  ? 135 LEU A N   1 
ATOM 584  C CA  . LEU A 1 135 ? -0.912  7.433   14.809  1.00 70.93  ? 135 LEU A CA  1 
ATOM 585  C C   . LEU A 1 135 ? -1.922  6.743   13.910  1.00 70.14  ? 135 LEU A C   1 
ATOM 586  O O   . LEU A 1 135 ? -2.956  7.328   13.564  1.00 69.89  ? 135 LEU A O   1 
ATOM 587  C CB  . LEU A 1 135 ? -1.650  8.007   16.022  1.00 70.26  ? 135 LEU A CB  1 
ATOM 588  C CG  . LEU A 1 135 ? -0.816  8.653   17.125  1.00 72.14  ? 135 LEU A CG  1 
ATOM 589  C CD1 . LEU A 1 135 ? -1.718  8.971   18.292  1.00 72.05  ? 135 LEU A CD1 1 
ATOM 590  C CD2 . LEU A 1 135 ? 0.304   7.715   17.556  1.00 73.55  ? 135 LEU A CD2 1 
ATOM 591  N N   . LEU A 1 136 ? -1.635  5.488   13.563  1.00 76.17  ? 136 LEU A N   1 
ATOM 592  C CA  . LEU A 1 136 ? -2.509  4.706   12.691  1.00 73.22  ? 136 LEU A CA  1 
ATOM 593  C C   . LEU A 1 136 ? -3.694  4.076   13.399  1.00 74.77  ? 136 LEU A C   1 
ATOM 594  O O   . LEU A 1 136 ? -3.740  3.985   14.628  1.00 76.22  ? 136 LEU A O   1 
ATOM 595  C CB  . LEU A 1 136 ? -1.738  3.574   12.015  1.00 59.00  ? 136 LEU A CB  1 
ATOM 596  C CG  . LEU A 1 136 ? -0.412  3.844   11.326  1.00 51.89  ? 136 LEU A CG  1 
ATOM 597  C CD1 . LEU A 1 136 ? -0.015  2.598   10.568  1.00 43.97  ? 136 LEU A CD1 1 
ATOM 598  C CD2 . LEU A 1 136 ? -0.535  5.024   10.399  1.00 48.86  ? 136 LEU A CD2 1 
ATOM 599  N N   . THR A 1 137 ? -4.632  3.614   12.576  1.00 74.75  ? 137 THR A N   1 
ATOM 600  C CA  . THR A 1 137 ? -5.848  2.949   13.017  1.00 75.78  ? 137 THR A CA  1 
ATOM 601  C C   . THR A 1 137 ? -6.215  1.818   12.060  1.00 79.33  ? 137 THR A C   1 
ATOM 602  O O   . THR A 1 137 ? -6.175  1.974   10.842  1.00 82.57  ? 137 THR A O   1 
ATOM 603  C CB  . THR A 1 137 ? -7.036  3.904   13.044  1.00 73.34  ? 137 THR A CB  1 
ATOM 604  O OG1 . THR A 1 137 ? -8.255  3.144   13.060  1.00 71.21  ? 137 THR A OG1 1 
ATOM 605  C CG2 . THR A 1 137 ? -7.019  4.787   11.816  1.00 68.40  ? 137 THR A CG2 1 
ATOM 606  N N   . VAL A 1 138 ? -6.594  0.684   12.624  1.00 67.54  ? 138 VAL A N   1 
ATOM 607  C CA  . VAL A 1 138 ? -6.987  -0.456  11.826  1.00 67.50  ? 138 VAL A CA  1 
ATOM 608  C C   . VAL A 1 138 ? -8.504  -0.504  11.688  1.00 69.93  ? 138 VAL A C   1 
ATOM 609  O O   . VAL A 1 138 ? -9.030  -1.208  10.838  1.00 71.68  ? 138 VAL A O   1 
ATOM 610  C CB  . VAL A 1 138 ? -6.502  -1.744  12.468  1.00 66.64  ? 138 VAL A CB  1 
ATOM 611  C CG1 . VAL A 1 138 ? -6.987  -2.931  11.674  1.00 66.86  ? 138 VAL A CG1 1 
ATOM 612  C CG2 . VAL A 1 138 ? -4.998  -1.731  12.543  1.00 65.84  ? 138 VAL A CG2 1 
ATOM 613  N N   . GLN A 1 139 ? -9.215  0.240   12.527  1.00 78.28  ? 139 GLN A N   1 
ATOM 614  C CA  . GLN A 1 139 ? -10.669 0.251   12.440  1.00 81.97  ? 139 GLN A CA  1 
ATOM 615  C C   . GLN A 1 139 ? -11.037 1.004   11.170  1.00 83.48  ? 139 GLN A C   1 
ATOM 616  O O   . GLN A 1 139 ? -10.747 2.195   11.052  1.00 83.03  ? 139 GLN A O   1 
ATOM 617  C CB  . GLN A 1 139 ? -11.281 0.967   13.646  1.00 97.11  ? 139 GLN A CB  1 
ATOM 618  C CG  . GLN A 1 139 ? -10.947 0.356   14.995  1.00 97.20  ? 139 GLN A CG  1 
ATOM 619  C CD  . GLN A 1 139 ? -11.273 -1.121  15.055  1.00 98.29  ? 139 GLN A CD  1 
ATOM 620  O OE1 . GLN A 1 139 ? -12.385 -1.541  14.717  1.00 100.25 ? 139 GLN A OE1 1 
ATOM 621  N NE2 . GLN A 1 139 ? -10.303 -1.923  15.488  1.00 95.32  ? 139 GLN A NE2 1 
ATOM 622  N N   . GLY A 1 140 ? -11.661 0.322   10.213  1.00 90.30  ? 140 GLY A N   1 
ATOM 623  C CA  . GLY A 1 140 ? -12.035 1.007   8.987   1.00 93.43  ? 140 GLY A CA  1 
ATOM 624  C C   . GLY A 1 140 ? -12.547 0.147   7.849   1.00 96.29  ? 140 GLY A C   1 
ATOM 625  O O   . GLY A 1 140 ? -12.533 -1.077  7.937   1.00 97.20  ? 140 GLY A O   1 
ATOM 626  N N   . GLU A 1 141 ? -12.996 0.811   6.782   1.00 130.62 ? 141 GLU A N   1 
ATOM 627  C CA  . GLU A 1 141 ? -13.525 0.160   5.583   1.00 132.35 ? 141 GLU A CA  1 
ATOM 628  C C   . GLU A 1 141 ? -12.947 -1.225  5.369   1.00 129.37 ? 141 GLU A C   1 
ATOM 629  O O   . GLU A 1 141 ? -13.591 -2.234  5.653   1.00 133.37 ? 141 GLU A O   1 
ATOM 630  C CB  . GLU A 1 141 ? -13.233 1.012   4.341   1.00 156.32 ? 141 GLU A CB  1 
ATOM 631  C CG  . GLU A 1 141 ? -14.206 2.156   4.113   1.00 170.85 ? 141 GLU A CG  1 
ATOM 632  C CD  . GLU A 1 141 ? -14.328 3.068   5.316   1.00 184.24 ? 141 GLU A CD  1 
ATOM 633  O OE1 . GLU A 1 141 ? -13.298 3.638   5.739   1.00 184.45 ? 141 GLU A OE1 1 
ATOM 634  O OE2 . GLU A 1 141 ? -15.456 3.214   5.836   1.00 187.64 ? 141 GLU A OE2 1 
ATOM 635  N N   . GLY A 1 142 ? -11.727 -1.261  4.853   1.00 89.91  ? 142 GLY A N   1 
ATOM 636  C CA  . GLY A 1 142 ? -11.070 -2.526  4.606   1.00 83.21  ? 142 GLY A CA  1 
ATOM 637  C C   . GLY A 1 142 ? -9.685  -2.497  5.207   1.00 79.11  ? 142 GLY A C   1 
ATOM 638  O O   . GLY A 1 142 ? -8.795  -3.230  4.777   1.00 79.82  ? 142 GLY A O   1 
ATOM 639  N N   . LEU A 1 143 ? -9.502  -1.637  6.202   1.00 74.21  ? 143 LEU A N   1 
ATOM 640  C CA  . LEU A 1 143 ? -8.219  -1.514  6.875   1.00 69.15  ? 143 LEU A CA  1 
ATOM 641  C C   . LEU A 1 143 ? -7.832  -2.803  7.619   1.00 68.12  ? 143 LEU A C   1 
ATOM 642  O O   . LEU A 1 143 ? -8.693  -3.548  8.092   1.00 67.00  ? 143 LEU A O   1 
ATOM 643  C CB  . LEU A 1 143 ? -8.261  -0.333  7.845   1.00 85.70  ? 143 LEU A CB  1 
ATOM 644  C CG  . LEU A 1 143 ? -8.394  1.034   7.173   1.00 90.81  ? 143 LEU A CG  1 
ATOM 645  C CD1 . LEU A 1 143 ? -8.692  2.104   8.207   1.00 96.85  ? 143 LEU A CD1 1 
ATOM 646  C CD2 . LEU A 1 143 ? -7.111  1.350   6.435   1.00 93.68  ? 143 LEU A CD2 1 
ATOM 647  N N   . GLY A 1 144 ? -6.533  -3.066  7.707   1.00 64.22  ? 144 GLY A N   1 
ATOM 648  C CA  . GLY A 1 144 ? -6.080  -4.262  8.383   1.00 63.06  ? 144 GLY A CA  1 
ATOM 649  C C   . GLY A 1 144 ? -4.907  -4.972  7.728   1.00 63.62  ? 144 GLY A C   1 
ATOM 650  O O   . GLY A 1 144 ? -4.342  -4.511  6.730   1.00 67.50  ? 144 GLY A O   1 
ATOM 651  N N   . ARG A 1 145 ? -4.532  -6.110  8.304   1.00 69.17  ? 145 ARG A N   1 
ATOM 652  C CA  . ARG A 1 145 ? -3.424  -6.890  7.785   1.00 66.65  ? 145 ARG A CA  1 
ATOM 653  C C   . ARG A 1 145 ? -3.758  -7.352  6.373   1.00 67.45  ? 145 ARG A C   1 
ATOM 654  O O   . ARG A 1 145 ? -4.920  -7.543  6.040   1.00 65.59  ? 145 ARG A O   1 
ATOM 655  C CB  . ARG A 1 145 ? -3.159  -8.091  8.701   1.00 56.73  ? 145 ARG A CB  1 
ATOM 656  C CG  . ARG A 1 145 ? -1.983  -8.913  8.251   1.00 51.71  ? 145 ARG A CG  1 
ATOM 657  C CD  . ARG A 1 145 ? -1.457  -9.833  9.323   1.00 45.77  ? 145 ARG A CD  1 
ATOM 658  N NE  . ARG A 1 145 ? -2.203  -11.082 9.459   1.00 49.64  ? 145 ARG A NE  1 
ATOM 659  C CZ  . ARG A 1 145 ? -2.478  -11.907 8.458   1.00 49.78  ? 145 ARG A CZ  1 
ATOM 660  N NH1 . ARG A 1 145 ? -2.088  -11.629 7.223   1.00 66.34  ? 145 ARG A NH1 1 
ATOM 661  N NH2 . ARG A 1 145 ? -3.109  -13.036 8.702   1.00 44.24  ? 145 ARG A NH2 1 
ATOM 662  N N   . ILE A 1 146 ? -2.734  -7.507  5.541   1.00 68.84  ? 146 ILE A N   1 
ATOM 663  C CA  . ILE A 1 146 ? -2.903  -7.949  4.159   1.00 67.31  ? 146 ILE A CA  1 
ATOM 664  C C   . ILE A 1 146 ? -2.425  -9.381  4.000   1.00 69.31  ? 146 ILE A C   1 
ATOM 665  O O   . ILE A 1 146 ? -1.321  -9.723  4.433   1.00 69.26  ? 146 ILE A O   1 
ATOM 666  C CB  . ILE A 1 146 ? -2.127  -7.051  3.210   1.00 45.86  ? 146 ILE A CB  1 
ATOM 667  C CG1 . ILE A 1 146 ? -2.831  -5.702  3.106   1.00 42.57  ? 146 ILE A CG1 1 
ATOM 668  C CG2 . ILE A 1 146 ? -2.038  -7.697  1.879   1.00 42.32  ? 146 ILE A CG2 1 
ATOM 669  C CD1 . ILE A 1 146 ? -2.048  -4.648  2.433   1.00 32.83  ? 146 ILE A CD1 1 
ATOM 670  N N   . VAL A 1 147 ? -3.250  -10.210 3.367   1.00 65.97  ? 147 VAL A N   1 
ATOM 671  C CA  . VAL A 1 147 ? -2.924  -11.620 3.207   1.00 73.10  ? 147 VAL A CA  1 
ATOM 672  C C   . VAL A 1 147 ? -1.924  -11.913 2.082   1.00 78.91  ? 147 VAL A C   1 
ATOM 673  O O   . VAL A 1 147 ? -0.708  -11.791 2.264   1.00 80.97  ? 147 VAL A O   1 
ATOM 674  C CB  . VAL A 1 147 ? -4.202  -12.454 2.972   1.00 62.82  ? 147 VAL A CB  1 
ATOM 675  C CG1 . VAL A 1 147 ? -3.949  -13.901 3.333   1.00 58.08  ? 147 VAL A CG1 1 
ATOM 676  C CG2 . VAL A 1 147 ? -5.348  -11.903 3.781   1.00 63.76  ? 147 VAL A CG2 1 
ATOM 677  N N   . ARG A 1 148 ? -2.430  -12.320 0.923   1.00 137.84 ? 148 ARG A N   1 
ATOM 678  C CA  . ARG A 1 148 ? -1.554  -12.618 -0.201  1.00 137.55 ? 148 ARG A CA  1 
ATOM 679  C C   . ARG A 1 148 ? -1.558  -11.427 -1.154  1.00 139.29 ? 148 ARG A C   1 
ATOM 680  O O   . ARG A 1 148 ? -2.347  -10.494 -0.991  1.00 138.40 ? 148 ARG A O   1 
ATOM 681  C CB  . ARG A 1 148 ? -2.010  -13.898 -0.922  1.00 117.11 ? 148 ARG A CB  1 
ATOM 682  C CG  . ARG A 1 148 ? -3.184  -13.746 -1.902  1.00 120.46 ? 148 ARG A CG  1 
ATOM 683  C CD  . ARG A 1 148 ? -4.498  -13.347 -1.238  1.00 127.96 ? 148 ARG A CD  1 
ATOM 684  N NE  . ARG A 1 148 ? -4.483  -11.974 -0.740  1.00 131.31 ? 148 ARG A NE  1 
ATOM 685  C CZ  . ARG A 1 148 ? -5.549  -11.342 -0.258  1.00 144.98 ? 148 ARG A CZ  1 
ATOM 686  N NH1 . ARG A 1 148 ? -6.722  -11.960 -0.211  1.00 151.08 ? 148 ARG A NH1 1 
ATOM 687  N NH2 . ARG A 1 148 ? -5.441  -10.094 0.183   1.00 146.29 ? 148 ARG A NH2 1 
ATOM 688  N N   . GLY A 1 149 ? -0.668  -11.452 -2.138  1.00 80.43  ? 149 GLY A N   1 
ATOM 689  C CA  . GLY A 1 149 ? -0.607  -10.354 -3.083  1.00 77.18  ? 149 GLY A CA  1 
ATOM 690  C C   . GLY A 1 149 ? 0.797   -9.802  -3.210  1.00 71.69  ? 149 GLY A C   1 
ATOM 691  O O   . GLY A 1 149 ? 1.765   -10.442 -2.795  1.00 70.54  ? 149 GLY A O   1 
ATOM 692  N N   . LYS A 1 150 ? 0.915   -8.615  -3.792  1.00 63.55  ? 150 LYS A N   1 
ATOM 693  C CA  . LYS A 1 150 ? 2.219   -8.002  -3.957  1.00 62.97  ? 150 LYS A CA  1 
ATOM 694  C C   . LYS A 1 150 ? 2.170   -6.559  -3.505  1.00 62.96  ? 150 LYS A C   1 
ATOM 695  O O   . LYS A 1 150 ? 1.143   -5.884  -3.639  1.00 60.40  ? 150 LYS A O   1 
ATOM 696  C CB  . LYS A 1 150 ? 2.674   -8.086  -5.423  1.00 79.77  ? 150 LYS A CB  1 
ATOM 697  C CG  . LYS A 1 150 ? 2.949   -9.506  -5.887  1.00 81.96  ? 150 LYS A CG  1 
ATOM 698  C CD  . LYS A 1 150 ? 3.079   -9.627  -7.388  1.00 88.10  ? 150 LYS A CD  1 
ATOM 699  C CE  . LYS A 1 150 ? 3.037   -11.096 -7.794  1.00 89.86  ? 150 LYS A CE  1 
ATOM 700  N NZ  . LYS A 1 150 ? 3.329   -11.305 -9.244  1.00 101.68 ? 150 LYS A NZ  1 
ATOM 701  N N   . ILE A 1 151 ? 3.285   -6.101  -2.945  1.00 62.29  ? 151 ILE A N   1 
ATOM 702  C CA  . ILE A 1 151 ? 3.408   -4.730  -2.472  1.00 65.25  ? 151 ILE A CA  1 
ATOM 703  C C   . ILE A 1 151 ? 4.522   -4.128  -3.320  1.00 66.57  ? 151 ILE A C   1 
ATOM 704  O O   . ILE A 1 151 ? 5.651   -4.625  -3.336  1.00 68.70  ? 151 ILE A O   1 
ATOM 705  C CB  . ILE A 1 151 ? 3.792   -4.672  -0.943  1.00 61.66  ? 151 ILE A CB  1 
ATOM 706  C CG1 . ILE A 1 151 ? 2.834   -5.538  -0.124  1.00 60.79  ? 151 ILE A CG1 1 
ATOM 707  C CG2 . ILE A 1 151 ? 3.703   -3.243  -0.415  1.00 61.79  ? 151 ILE A CG2 1 
ATOM 708  C CD1 . ILE A 1 151 ? 1.382   -5.101  -0.199  1.00 56.06  ? 151 ILE A CD1 1 
ATOM 709  N N   . VAL A 1 152 ? 4.198   -3.070  -4.045  1.00 73.32  ? 152 VAL A N   1 
ATOM 710  C CA  . VAL A 1 152 ? 5.185   -2.430  -4.895  1.00 75.53  ? 152 VAL A CA  1 
ATOM 711  C C   . VAL A 1 152 ? 5.460   -1.015  -4.428  1.00 76.89  ? 152 VAL A C   1 
ATOM 712  O O   . VAL A 1 152 ? 4.536   -0.224  -4.216  1.00 76.88  ? 152 VAL A O   1 
ATOM 713  C CB  . VAL A 1 152 ? 4.715   -2.404  -6.368  1.00 85.49  ? 152 VAL A CB  1 
ATOM 714  C CG1 . VAL A 1 152 ? 5.564   -1.444  -7.167  1.00 86.97  ? 152 VAL A CG1 1 
ATOM 715  C CG2 . VAL A 1 152 ? 4.817   -3.806  -6.970  1.00 85.47  ? 152 VAL A CG2 1 
ATOM 716  N N   . GLU A 1 153 ? 6.739   -0.704  -4.259  1.00 65.04  ? 153 GLU A N   1 
ATOM 717  C CA  . GLU A 1 153 ? 7.140   0.627   -3.824  1.00 67.64  ? 153 GLU A CA  1 
ATOM 718  C C   . GLU A 1 153 ? 7.503   1.516   -5.019  1.00 64.96  ? 153 GLU A C   1 
ATOM 719  O O   . GLU A 1 153 ? 8.215   1.103   -5.937  1.00 64.45  ? 153 GLU A O   1 
ATOM 720  C CB  . GLU A 1 153 ? 8.300   0.521   -2.823  1.00 108.67 ? 153 GLU A CB  1 
ATOM 721  C CG  . GLU A 1 153 ? 7.832   0.390   -1.363  1.00 113.27 ? 153 GLU A CG  1 
ATOM 722  C CD  . GLU A 1 153 ? 8.716   -0.511  -0.511  1.00 129.94 ? 153 GLU A CD  1 
ATOM 723  O OE1 . GLU A 1 153 ? 9.948   -0.304  -0.500  1.00 136.52 ? 153 GLU A OE1 1 
ATOM 724  O OE2 . GLU A 1 153 ? 8.172   -1.423  0.156   1.00 124.92 ? 153 GLU A OE2 1 
ATOM 725  N N   . ILE A 1 154 ? 6.975   2.735   -4.993  1.00 72.87  ? 154 ILE A N   1 
ATOM 726  C CA  . ILE A 1 154 ? 7.189   3.716   -6.046  1.00 73.23  ? 154 ILE A CA  1 
ATOM 727  C C   . ILE A 1 154 ? 7.546   5.058   -5.420  1.00 76.52  ? 154 ILE A C   1 
ATOM 728  O O   . ILE A 1 154 ? 7.437   5.230   -4.206  1.00 79.69  ? 154 ILE A O   1 
ATOM 729  C CB  . ILE A 1 154 ? 5.905   3.906   -6.878  1.00 50.97  ? 154 ILE A CB  1 
ATOM 730  C CG1 . ILE A 1 154 ? 4.914   4.811   -6.142  1.00 51.29  ? 154 ILE A CG1 1 
ATOM 731  C CG2 . ILE A 1 154 ? 5.237   2.570   -7.107  1.00 43.39  ? 154 ILE A CG2 1 
ATOM 732  C CD1 . ILE A 1 154 ? 3.618   4.997   -6.883  1.00 55.46  ? 154 ILE A CD1 1 
ATOM 733  N N   . SER A 1 155 ? 7.972   6.011   -6.240  1.00 79.80  ? 155 SER A N   1 
ATOM 734  C CA  . SER A 1 155 ? 8.295   7.336   -5.721  1.00 85.31  ? 155 SER A CA  1 
ATOM 735  C C   . SER A 1 155 ? 6.983   7.943   -5.234  1.00 86.05  ? 155 SER A C   1 
ATOM 736  O O   . SER A 1 155 ? 5.998   7.984   -5.967  1.00 84.85  ? 155 SER A O   1 
ATOM 737  C CB  . SER A 1 155 ? 8.902   8.218   -6.818  1.00 105.45 ? 155 SER A CB  1 
ATOM 738  O OG  . SER A 1 155 ? 10.064  7.617   -7.370  1.00 120.88 ? 155 SER A OG  1 
ATOM 739  N N   . PRO A 1 156 ? 6.942   8.397   -3.975  1.00 107.37 ? 156 PRO A N   1 
ATOM 740  C CA  . PRO A 1 156 ? 5.688   8.981   -3.496  1.00 108.99 ? 156 PRO A CA  1 
ATOM 741  C C   . PRO A 1 156 ? 5.181   10.026  -4.482  1.00 110.35 ? 156 PRO A C   1 
ATOM 742  O O   . PRO A 1 156 ? 3.992   10.345  -4.509  1.00 110.87 ? 156 PRO A O   1 
ATOM 743  C CB  . PRO A 1 156 ? 6.087   9.593   -2.159  1.00 87.87  ? 156 PRO A CB  1 
ATOM 744  C CG  . PRO A 1 156 ? 7.159   8.656   -1.678  1.00 89.49  ? 156 PRO A CG  1 
ATOM 745  C CD  . PRO A 1 156 ? 7.978   8.424   -2.925  1.00 88.71  ? 156 PRO A CD  1 
ATOM 746  N N   . ALA A 1 157 ? 6.102   10.533  -5.298  1.00 96.54  ? 157 ALA A N   1 
ATOM 747  C CA  . ALA A 1 157 ? 5.807   11.562  -6.289  1.00 96.74  ? 157 ALA A CA  1 
ATOM 748  C C   . ALA A 1 157 ? 5.037   11.068  -7.513  1.00 97.51  ? 157 ALA A C   1 
ATOM 749  O O   . ALA A 1 157 ? 4.155   11.763  -8.021  1.00 96.64  ? 157 ALA A O   1 
ATOM 750  C CB  . ALA A 1 157 ? 7.105   12.223  -6.732  1.00 64.53  ? 157 ALA A CB  1 
ATOM 751  N N   . LYS A 1 158 ? 5.374   9.872   -7.987  1.00 94.83  ? 158 LYS A N   1 
ATOM 752  C CA  . LYS A 1 158 ? 4.722   9.302   -9.159  1.00 93.39  ? 158 LYS A CA  1 
ATOM 753  C C   . LYS A 1 158 ? 3.375   8.646   -8.856  1.00 94.44  ? 158 LYS A C   1 
ATOM 754  O O   . LYS A 1 158 ? 2.763   8.040   -9.733  1.00 93.85  ? 158 LYS A O   1 
ATOM 755  C CB  . LYS A 1 158 ? 5.653   8.283   -9.827  1.00 71.13  ? 158 LYS A CB  1 
ATOM 756  C CG  . LYS A 1 158 ? 6.744   8.884   -10.708 1.00 72.90  ? 158 LYS A CG  1 
ATOM 757  C CD  . LYS A 1 158 ? 7.623   9.846   -9.939  1.00 75.79  ? 158 LYS A CD  1 
ATOM 758  C CE  . LYS A 1 158 ? 8.777   10.365  -10.789 1.00 73.71  ? 158 LYS A CE  1 
ATOM 759  N NZ  . LYS A 1 158 ? 9.817   9.322   -11.030 1.00 75.54  ? 158 LYS A NZ  1 
ATOM 760  N N   . VAL A 1 159 ? 2.907   8.778   -7.620  1.00 94.31  ? 159 VAL A N   1 
ATOM 761  C CA  . VAL A 1 159 ? 1.635   8.179   -7.218  1.00 95.96  ? 159 VAL A CA  1 
ATOM 762  C C   . VAL A 1 159 ? 0.433   8.657   -8.022  1.00 95.17  ? 159 VAL A C   1 
ATOM 763  O O   . VAL A 1 159 ? -0.363  7.850   -8.482  1.00 94.38  ? 159 VAL A O   1 
ATOM 764  C CB  . VAL A 1 159 ? 1.330   8.432   -5.717  1.00 82.94  ? 159 VAL A CB  1 
ATOM 765  C CG1 . VAL A 1 159 ? 0.024   7.758   -5.329  1.00 79.98  ? 159 VAL A CG1 1 
ATOM 766  C CG2 . VAL A 1 159 ? 2.471   7.907   -4.859  1.00 87.71  ? 159 VAL A CG2 1 
ATOM 767  N N   . PRO A 1 160 ? 0.289   9.976   -8.206  1.00 105.41 ? 160 PRO A N   1 
ATOM 768  C CA  . PRO A 1 160 ? -0.846  10.518  -8.959  1.00 106.79 ? 160 PRO A CA  1 
ATOM 769  C C   . PRO A 1 160 ? -0.921  10.094  -10.427 1.00 108.80 ? 160 PRO A C   1 
ATOM 770  O O   . PRO A 1 160 ? -1.990  9.721   -10.920 1.00 109.79 ? 160 PRO A O   1 
ATOM 771  C CB  . PRO A 1 160 ? -0.665  12.021  -8.796  1.00 90.58  ? 160 PRO A CB  1 
ATOM 772  C CG  . PRO A 1 160 ? 0.822   12.157  -8.794  1.00 89.43  ? 160 PRO A CG  1 
ATOM 773  C CD  . PRO A 1 160 ? 1.239   11.047  -7.860  1.00 88.11  ? 160 PRO A CD  1 
ATOM 774  N N   . ARG A 1 161 ? 0.208   10.147  -11.127 1.00 126.78 ? 161 ARG A N   1 
ATOM 775  C CA  . ARG A 1 161 ? 0.227   9.775   -12.537 1.00 127.23 ? 161 ARG A CA  1 
ATOM 776  C C   . ARG A 1 161 ? 0.090   8.271   -12.738 1.00 128.16 ? 161 ARG A C   1 
ATOM 777  O O   . ARG A 1 161 ? 0.396   7.746   -13.807 1.00 129.87 ? 161 ARG A O   1 
ATOM 778  C CB  . ARG A 1 161 ? 1.506   10.287  -13.212 1.00 112.13 ? 161 ARG A CB  1 
ATOM 779  C CG  . ARG A 1 161 ? 2.743   9.416   -13.056 1.00 108.48 ? 161 ARG A CG  1 
ATOM 780  C CD  . ARG A 1 161 ? 3.173   8.881   -14.418 1.00 101.48 ? 161 ARG A CD  1 
ATOM 781  N NE  . ARG A 1 161 ? 4.621   8.902   -14.608 1.00 103.31 ? 161 ARG A NE  1 
ATOM 782  C CZ  . ARG A 1 161 ? 5.357   10.008  -14.692 1.00 110.95 ? 161 ARG A CZ  1 
ATOM 783  N NH1 . ARG A 1 161 ? 4.783   11.204  -14.602 1.00 113.16 ? 161 ARG A NH1 1 
ATOM 784  N NH2 . ARG A 1 161 ? 6.672   9.915   -14.871 1.00 107.51 ? 161 ARG A NH2 1 
ATOM 785  N N   . VAL A 1 162 ? -0.374  7.582   -11.701 1.00 91.01  ? 162 VAL A N   1 
ATOM 786  C CA  . VAL A 1 162 ? -0.580  6.142   -11.765 1.00 90.01  ? 162 VAL A CA  1 
ATOM 787  C C   . VAL A 1 162 ? -2.064  5.901   -11.544 1.00 91.84  ? 162 VAL A C   1 
ATOM 788  O O   . VAL A 1 162 ? -2.579  4.822   -11.837 1.00 91.56  ? 162 VAL A O   1 
ATOM 789  C CB  . VAL A 1 162 ? 0.246   5.395   -10.688 1.00 79.06  ? 162 VAL A CB  1 
ATOM 790  C CG1 . VAL A 1 162 ? -0.029  3.895   -10.755 1.00 71.30  ? 162 VAL A CG1 1 
ATOM 791  C CG2 . VAL A 1 162 ? 1.732   5.661   -10.902 1.00 75.04  ? 162 VAL A CG2 1 
ATOM 792  N N   . ILE A 1 163 ? -2.746  6.917   -11.022 1.00 94.30  ? 163 ILE A N   1 
ATOM 793  C CA  . ILE A 1 163 ? -4.188  6.846   -10.784 1.00 99.24  ? 163 ILE A CA  1 
ATOM 794  C C   . ILE A 1 163 ? -4.881  7.426   -12.015 1.00 102.96 ? 163 ILE A C   1 
ATOM 795  O O   . ILE A 1 163 ? -5.897  6.901   -12.480 1.00 101.61 ? 163 ILE A O   1 
ATOM 796  C CB  . ILE A 1 163 ? -4.619  7.668   -9.528  1.00 119.91 ? 163 ILE A CB  1 
ATOM 797  C CG1 . ILE A 1 163 ? -4.327  6.886   -8.245  1.00 117.28 ? 163 ILE A CG1 1 
ATOM 798  C CG2 . ILE A 1 163 ? -6.105  7.991   -9.593  1.00 118.21 ? 163 ILE A CG2 1 
ATOM 799  C CD1 . ILE A 1 163 ? -2.890  6.901   -7.831  1.00 117.64 ? 163 ILE A CD1 1 
ATOM 800  N N   . GLY A 1 164 ? -4.312  8.512   -12.531 1.00 151.33 ? 164 GLY A N   1 
ATOM 801  C CA  . GLY A 1 164 ? -4.854  9.159   -13.710 1.00 156.12 ? 164 GLY A CA  1 
ATOM 802  C C   . GLY A 1 164 ? -6.011  10.087  -13.415 1.00 157.79 ? 164 GLY A C   1 
ATOM 803  O O   . GLY A 1 164 ? -6.663  9.974   -12.376 1.00 158.18 ? 164 GLY A O   1 
ATOM 804  N N   . ARG A 1 165 ? -6.266  11.015  -14.331 1.00 120.59 ? 165 ARG A N   1 
ATOM 805  C CA  . ARG A 1 165 ? -7.361  11.952  -14.157 1.00 123.33 ? 165 ARG A CA  1 
ATOM 806  C C   . ARG A 1 165 ? -8.656  11.170  -13.936 1.00 123.14 ? 165 ARG A C   1 
ATOM 807  O O   . ARG A 1 165 ? -9.155  10.498  -14.837 1.00 122.74 ? 165 ARG A O   1 
ATOM 808  C CB  . ARG A 1 165 ? -7.456  12.873  -15.380 1.00 154.77 ? 165 ARG A CB  1 
ATOM 809  C CG  . ARG A 1 165 ? -6.255  13.812  -15.509 1.00 157.40 ? 165 ARG A CG  1 
ATOM 810  C CD  . ARG A 1 165 ? -6.434  14.861  -16.600 1.00 157.89 ? 165 ARG A CD  1 
ATOM 811  N NE  . ARG A 1 165 ? -6.231  14.323  -17.942 1.00 168.50 ? 165 ARG A NE  1 
ATOM 812  C CZ  . ARG A 1 165 ? -6.245  15.056  -19.053 1.00 170.88 ? 165 ARG A CZ  1 
ATOM 813  N NH1 . ARG A 1 165 ? -6.456  16.363  -18.983 1.00 171.04 ? 165 ARG A NH1 1 
ATOM 814  N NH2 . ARG A 1 165 ? -6.038  14.489  -20.234 1.00 168.36 ? 165 ARG A NH2 1 
ATOM 815  N N   . LYS A 1 166 ? -9.181  11.258  -12.717 1.00 134.76 ? 166 LYS A N   1 
ATOM 816  C CA  . LYS A 1 166 ? -10.396 10.554  -12.315 1.00 134.75 ? 166 LYS A CA  1 
ATOM 817  C C   . LYS A 1 166 ? -10.182 9.051   -12.292 1.00 133.74 ? 166 LYS A C   1 
ATOM 818  O O   . LYS A 1 166 ? -11.037 8.280   -12.737 1.00 133.95 ? 166 LYS A O   1 
ATOM 819  C CB  . LYS A 1 166 ? -11.573 10.901  -13.231 1.00 121.80 ? 166 LYS A CB  1 
ATOM 820  C CG  . LYS A 1 166 ? -12.271 12.192  -12.844 1.00 123.70 ? 166 LYS A CG  1 
ATOM 821  C CD  . LYS A 1 166 ? -13.495 12.444  -13.695 1.00 125.97 ? 166 LYS A CD  1 
ATOM 822  C CE  . LYS A 1 166 ? -14.173 13.735  -13.288 1.00 129.97 ? 166 LYS A CE  1 
ATOM 823  N NZ  . LYS A 1 166 ? -15.388 13.996  -14.104 1.00 132.55 ? 166 LYS A NZ  1 
ATOM 824  N N   . MET A 1 167 ? -9.030  8.650   -11.761 1.00 171.43 ? 167 MET A N   1 
ATOM 825  C CA  . MET A 1 167 ? -8.655  7.245   -11.643 1.00 170.43 ? 167 MET A CA  1 
ATOM 826  C C   . MET A 1 167 ? -8.656  6.527   -12.989 1.00 168.84 ? 167 MET A C   1 
ATOM 827  O O   . MET A 1 167 ? -8.752  5.301   -13.061 1.00 168.35 ? 167 MET A O   1 
ATOM 828  C CB  . MET A 1 167 ? -9.590  6.548   -10.649 1.00 106.78 ? 167 MET A CB  1 
ATOM 829  C CG  . MET A 1 167 ? -9.399  7.030   -9.219  1.00 105.61 ? 167 MET A CG  1 
ATOM 830  S SD  . MET A 1 167 ? -10.737 6.564   -8.134  1.00 114.57 ? 167 MET A SD  1 
ATOM 831  C CE  . MET A 1 167 ? -11.781 8.029   -8.270  1.00 105.01 ? 167 MET A CE  1 
ATOM 832  N N   . SER A 1 168 ? -8.530  7.310   -14.052 1.00 129.43 ? 168 SER A N   1 
ATOM 833  C CA  . SER A 1 168 ? -8.511  6.777   -15.405 1.00 125.89 ? 168 SER A CA  1 
ATOM 834  C C   . SER A 1 168 ? -7.361  5.793   -15.586 1.00 122.89 ? 168 SER A C   1 
ATOM 835  O O   . SER A 1 168 ? -7.575  4.587   -15.714 1.00 121.90 ? 168 SER A O   1 
ATOM 836  C CB  . SER A 1 168 ? -8.376  7.925   -16.412 1.00 131.70 ? 168 SER A CB  1 
ATOM 837  O OG  . SER A 1 168 ? -7.258  8.747   -16.111 1.00 134.56 ? 168 SER A OG  1 
ATOM 838  N N   . MET A 1 169 ? -6.142  6.323   -15.588 1.00 85.72  ? 169 MET A N   1 
ATOM 839  C CA  . MET A 1 169 ? -4.937  5.524   -15.764 1.00 80.57  ? 169 MET A CA  1 
ATOM 840  C C   . MET A 1 169 ? -4.956  4.267   -14.914 1.00 78.66  ? 169 MET A C   1 
ATOM 841  O O   . MET A 1 169 ? -4.376  3.259   -15.296 1.00 77.02  ? 169 MET A O   1 
ATOM 842  C CB  . MET A 1 169 ? -3.709  6.353   -15.398 1.00 91.02  ? 169 MET A CB  1 
ATOM 843  C CG  . MET A 1 169 ? -2.444  5.994   -16.161 1.00 92.54  ? 169 MET A CG  1 
ATOM 844  S SD  . MET A 1 169 ? -2.049  4.245   -16.185 1.00 96.96  ? 169 MET A SD  1 
ATOM 845  C CE  . MET A 1 169 ? -0.997  4.157   -17.630 1.00 88.75  ? 169 MET A CE  1 
ATOM 846  N N   . LEU A 1 170 ? -5.622  4.322   -13.762 1.00 103.90 ? 170 LEU A N   1 
ATOM 847  C CA  . LEU A 1 170 ? -5.678  3.165   -12.874 1.00 104.31 ? 170 LEU A CA  1 
ATOM 848  C C   . LEU A 1 170 ? -6.670  2.119   -13.355 1.00 102.58 ? 170 LEU A C   1 
ATOM 849  O O   . LEU A 1 170 ? -6.287  0.971   -13.597 1.00 98.93  ? 170 LEU A O   1 
ATOM 850  C CB  . LEU A 1 170 ? -6.030  3.593   -11.446 1.00 109.41 ? 170 LEU A CB  1 
ATOM 851  C CG  . LEU A 1 170 ? -5.839  2.534   -10.347 1.00 115.49 ? 170 LEU A CG  1 
ATOM 852  C CD1 . LEU A 1 170 ? -5.961  3.202   -8.992  1.00 119.01 ? 170 LEU A CD1 1 
ATOM 853  C CD2 . LEU A 1 170 ? -6.859  1.413   -10.481 1.00 115.44 ? 170 LEU A CD2 1 
ATOM 854  N N   . LYS A 1 171 ? -7.940  2.505   -13.478 1.00 100.09 ? 171 LYS A N   1 
ATOM 855  C CA  . LYS A 1 171 ? -8.973  1.576   -13.941 1.00 102.95 ? 171 LYS A CA  1 
ATOM 856  C C   . LYS A 1 171 ? -8.371  0.748   -15.070 1.00 100.74 ? 171 LYS A C   1 
ATOM 857  O O   . LYS A 1 171 ? -8.589  -0.459  -15.169 1.00 100.77 ? 171 LYS A O   1 
ATOM 858  C CB  . LYS A 1 171 ? -10.201 2.335   -14.464 1.00 115.92 ? 171 LYS A CB  1 
ATOM 859  C CG  . LYS A 1 171 ? -11.000 3.097   -13.410 1.00 120.16 ? 171 LYS A CG  1 
ATOM 860  C CD  . LYS A 1 171 ? -12.268 3.705   -14.021 1.00 120.62 ? 171 LYS A CD  1 
ATOM 861  C CE  . LYS A 1 171 ? -13.151 4.378   -12.977 1.00 120.16 ? 171 LYS A CE  1 
ATOM 862  N NZ  . LYS A 1 171 ? -12.489 5.556   -12.357 1.00 123.22 ? 171 LYS A NZ  1 
ATOM 863  N N   . THR A 1 172 ? -7.591  1.422   -15.906 1.00 128.75 ? 172 THR A N   1 
ATOM 864  C CA  . THR A 1 172 ? -6.928  0.799   -17.035 1.00 125.59 ? 172 THR A CA  1 
ATOM 865  C C   . THR A 1 172 ? -6.235  -0.500  -16.650 1.00 124.67 ? 172 THR A C   1 
ATOM 866  O O   . THR A 1 172 ? -6.673  -1.577  -17.050 1.00 125.09 ? 172 THR A O   1 
ATOM 867  C CB  . THR A 1 172 ? -5.874  1.736   -17.638 1.00 100.17 ? 172 THR A CB  1 
ATOM 868  O OG1 . THR A 1 172 ? -6.486  2.983   -17.985 1.00 99.23  ? 172 THR A OG1 1 
ATOM 869  C CG2 . THR A 1 172 ? -5.258  1.115   -18.875 1.00 99.24  ? 172 THR A CG2 1 
ATOM 870  N N   . LEU A 1 173 ? -5.159  -0.399  -15.872 1.00 95.93  ? 173 LEU A N   1 
ATOM 871  C CA  . LEU A 1 173 ? -4.411  -1.587  -15.475 1.00 91.75  ? 173 LEU A CA  1 
ATOM 872  C C   . LEU A 1 173 ? -5.318  -2.655  -14.877 1.00 93.64  ? 173 LEU A C   1 
ATOM 873  O O   . LEU A 1 173 ? -5.271  -3.816  -15.283 1.00 91.76  ? 173 LEU A O   1 
ATOM 874  C CB  . LEU A 1 173 ? -3.299  -1.226  -14.485 1.00 58.01  ? 173 LEU A CB  1 
ATOM 875  C CG  . LEU A 1 173 ? -2.364  -0.104  -14.936 1.00 48.29  ? 173 LEU A CG  1 
ATOM 876  C CD1 . LEU A 1 173 ? -2.868  1.183   -14.319 1.00 30.83  ? 173 LEU A CD1 1 
ATOM 877  C CD2 . LEU A 1 173 ? -0.915  -0.362  -14.521 1.00 39.80  ? 173 LEU A CD2 1 
ATOM 878  N N   . GLU A 1 174 ? -6.157  -2.272  -13.923 1.00 111.16 ? 174 GLU A N   1 
ATOM 879  C CA  . GLU A 1 174 ? -7.049  -3.245  -13.314 1.00 115.37 ? 174 GLU A CA  1 
ATOM 880  C C   . GLU A 1 174 ? -7.871  -3.942  -14.391 1.00 115.51 ? 174 GLU A C   1 
ATOM 881  O O   . GLU A 1 174 ? -8.153  -5.135  -14.296 1.00 114.03 ? 174 GLU A O   1 
ATOM 882  C CB  . GLU A 1 174 ? -7.981  -2.569  -12.303 1.00 97.05  ? 174 GLU A CB  1 
ATOM 883  C CG  . GLU A 1 174 ? -7.287  -2.094  -11.045 1.00 100.17 ? 174 GLU A CG  1 
ATOM 884  C CD  . GLU A 1 174 ? -8.263  -1.637  -9.980  1.00 108.70 ? 174 GLU A CD  1 
ATOM 885  O OE1 . GLU A 1 174 ? -9.023  -0.679  -10.242 1.00 103.96 ? 174 GLU A OE1 1 
ATOM 886  O OE2 . GLU A 1 174 ? -8.271  -2.234  -8.879  1.00 118.28 ? 174 GLU A OE2 1 
ATOM 887  N N   . GLU A 1 175 ? -8.235  -3.195  -15.427 1.00 110.33 ? 175 GLU A N   1 
ATOM 888  C CA  . GLU A 1 175 ? -9.038  -3.733  -16.520 1.00 112.53 ? 175 GLU A CA  1 
ATOM 889  C C   . GLU A 1 175 ? -8.208  -4.585  -17.486 1.00 109.34 ? 175 GLU A C   1 
ATOM 890  O O   . GLU A 1 175 ? -8.584  -5.710  -17.818 1.00 107.29 ? 175 GLU A O   1 
ATOM 891  C CB  . GLU A 1 175 ? -9.708  -2.577  -17.269 1.00 137.83 ? 175 GLU A CB  1 
ATOM 892  C CG  . GLU A 1 175 ? -10.943 -2.954  -18.067 1.00 144.61 ? 175 GLU A CG  1 
ATOM 893  C CD  . GLU A 1 175 ? -11.690 -1.732  -18.581 1.00 148.64 ? 175 GLU A CD  1 
ATOM 894  O OE1 . GLU A 1 175 ? -11.093 -0.935  -19.339 1.00 158.28 ? 175 GLU A OE1 1 
ATOM 895  O OE2 . GLU A 1 175 ? -12.876 -1.571  -18.224 1.00 157.03 ? 175 GLU A OE2 1 
ATOM 896  N N   . LYS A 1 176 ? -7.075  -4.052  -17.923 1.00 88.40  ? 176 LYS A N   1 
ATOM 897  C CA  . LYS A 1 176 ? -6.205  -4.761  -18.852 1.00 87.69  ? 176 LYS A CA  1 
ATOM 898  C C   . LYS A 1 176 ? -5.563  -6.031  -18.266 1.00 87.32  ? 176 LYS A C   1 
ATOM 899  O O   . LYS A 1 176 ? -5.492  -7.059  -18.944 1.00 87.21  ? 176 LYS A O   1 
ATOM 900  C CB  . LYS A 1 176 ? -5.116  -3.813  -19.367 1.00 128.42 ? 176 LYS A CB  1 
ATOM 901  C CG  . LYS A 1 176 ? -5.013  -3.768  -20.888 1.00 134.76 ? 176 LYS A CG  1 
ATOM 902  C CD  . LYS A 1 176 ? -4.747  -5.158  -21.468 1.00 146.94 ? 176 LYS A CD  1 
ATOM 903  C CE  . LYS A 1 176 ? -4.772  -5.171  -22.998 1.00 148.38 ? 176 LYS A CE  1 
ATOM 904  N NZ  . LYS A 1 176 ? -3.633  -4.436  -23.606 1.00 154.54 ? 176 LYS A NZ  1 
ATOM 905  N N   . THR A 1 177 ? -5.096  -5.960  -17.019 1.00 91.33  ? 177 THR A N   1 
ATOM 906  C CA  . THR A 1 177 ? -4.459  -7.110  -16.358 1.00 88.83  ? 177 THR A CA  1 
ATOM 907  C C   . THR A 1 177 ? -5.424  -7.923  -15.498 1.00 90.04  ? 177 THR A C   1 
ATOM 908  O O   . THR A 1 177 ? -5.122  -9.052  -15.115 1.00 87.13  ? 177 THR A O   1 
ATOM 909  C CB  . THR A 1 177 ? -3.272  -6.671  -15.459 1.00 84.65  ? 177 THR A CB  1 
ATOM 910  O OG1 . THR A 1 177 ? -3.582  -5.423  -14.837 1.00 78.38  ? 177 THR A OG1 1 
ATOM 911  C CG2 . THR A 1 177 ? -1.989  -6.530  -16.271 1.00 86.11  ? 177 THR A CG2 1 
ATOM 912  N N   . GLU A 1 178 ? -6.586  -7.345  -15.206 1.00 201.73 ? 178 GLU A N   1 
ATOM 913  C CA  . GLU A 1 178 ? -7.602  -8.010  -14.392 1.00 201.73 ? 178 GLU A CA  1 
ATOM 914  C C   . GLU A 1 178 ? -7.154  -8.109  -12.934 1.00 201.73 ? 178 GLU A C   1 
ATOM 915  O O   . GLU A 1 178 ? -7.814  -8.742  -12.110 1.00 201.73 ? 178 GLU A O   1 
ATOM 916  C CB  . GLU A 1 178 ? -7.898  -9.404  -14.954 1.00 133.89 ? 178 GLU A CB  1 
ATOM 917  C CG  . GLU A 1 178 ? -8.280  -9.393  -16.426 1.00 137.01 ? 178 GLU A CG  1 
ATOM 918  C CD  . GLU A 1 178 ? -8.321  -10.781 -17.035 1.00 139.60 ? 178 GLU A CD  1 
ATOM 919  O OE1 . GLU A 1 178 ? -8.515  -10.880 -18.265 1.00 143.67 ? 178 GLU A OE1 1 
ATOM 920  O OE2 . GLU A 1 178 ? -8.162  -11.770 -16.287 1.00 143.49 ? 178 GLU A OE2 1 
ATOM 921  N N   . CYS A 1 179 ? -6.024  -7.477  -12.631 1.00 89.26  ? 179 CYS A N   1 
ATOM 922  C CA  . CYS A 1 179 ? -5.477  -7.459  -11.283 1.00 85.69  ? 179 CYS A CA  1 
ATOM 923  C C   . CYS A 1 179 ? -6.207  -6.403  -10.456 1.00 84.99  ? 179 CYS A C   1 
ATOM 924  O O   . CYS A 1 179 ? -6.634  -5.378  -10.993 1.00 82.52  ? 179 CYS A O   1 
ATOM 925  C CB  . CYS A 1 179 ? -3.979  -7.125  -11.316 1.00 71.53  ? 179 CYS A CB  1 
ATOM 926  S SG  . CYS A 1 179 ? -2.848  -8.533  -11.549 1.00 80.45  ? 179 CYS A SG  1 
ATOM 927  N N   . LYS A 1 180 ? -6.361  -6.667  -9.156  1.00 82.86  ? 180 LYS A N   1 
ATOM 928  C CA  . LYS A 1 180 ? -7.010  -5.732  -8.241  1.00 80.39  ? 180 LYS A CA  1 
ATOM 929  C C   . LYS A 1 180 ? -5.884  -4.813  -7.798  1.00 78.28  ? 180 LYS A C   1 
ATOM 930  O O   . LYS A 1 180 ? -4.790  -5.285  -7.475  1.00 76.85  ? 180 LYS A O   1 
ATOM 931  C CB  . LYS A 1 180 ? -7.599  -6.472  -7.034  1.00 119.30 ? 180 LYS A CB  1 
ATOM 932  C CG  . LYS A 1 180 ? -8.162  -5.565  -5.934  1.00 130.11 ? 180 LYS A CG  1 
ATOM 933  C CD  . LYS A 1 180 ? -9.418  -4.808  -6.367  1.00 139.54 ? 180 LYS A CD  1 
ATOM 934  C CE  . LYS A 1 180 ? -10.656 -5.703  -6.389  1.00 147.04 ? 180 LYS A CE  1 
ATOM 935  N NZ  . LYS A 1 180 ? -10.565 -6.816  -7.377  1.00 154.87 ? 180 LYS A NZ  1 
ATOM 936  N N   . ILE A 1 181 ? -6.142  -3.509  -7.780  1.00 78.21  ? 181 ILE A N   1 
ATOM 937  C CA  . ILE A 1 181 ? -5.102  -2.558  -7.410  1.00 79.80  ? 181 ILE A CA  1 
ATOM 938  C C   . ILE A 1 181 ? -5.522  -1.408  -6.496  1.00 80.06  ? 181 ILE A C   1 
ATOM 939  O O   . ILE A 1 181 ? -6.530  -0.739  -6.740  1.00 81.62  ? 181 ILE A O   1 
ATOM 940  C CB  . ILE A 1 181 ? -4.465  -1.953  -8.683  1.00 92.12  ? 181 ILE A CB  1 
ATOM 941  C CG1 . ILE A 1 181 ? -3.800  -3.063  -9.499  1.00 94.24  ? 181 ILE A CG1 1 
ATOM 942  C CG2 . ILE A 1 181 ? -3.463  -0.866  -8.312  1.00 93.10  ? 181 ILE A CG2 1 
ATOM 943  C CD1 . ILE A 1 181 ? -3.282  -2.621  -10.853 1.00 91.49  ? 181 ILE A CD1 1 
ATOM 944  N N   . PHE A 1 182 ? -4.730  -1.195  -5.442  1.00 84.45  ? 182 PHE A N   1 
ATOM 945  C CA  . PHE A 1 182 ? -4.952  -0.105  -4.493  1.00 82.85  ? 182 PHE A CA  1 
ATOM 946  C C   . PHE A 1 182 ? -3.665  0.723   -4.426  1.00 82.89  ? 182 PHE A C   1 
ATOM 947  O O   . PHE A 1 182 ? -2.618  0.232   -3.986  1.00 82.26  ? 182 PHE A O   1 
ATOM 948  C CB  . PHE A 1 182 ? -5.290  -0.625  -3.086  1.00 74.55  ? 182 PHE A CB  1 
ATOM 949  C CG  . PHE A 1 182 ? -5.341  0.466   -2.047  1.00 73.54  ? 182 PHE A CG  1 
ATOM 950  C CD1 . PHE A 1 182 ? -6.389  1.380   -2.035  1.00 74.30  ? 182 PHE A CD1 1 
ATOM 951  C CD2 . PHE A 1 182 ? -4.271  0.661   -1.172  1.00 74.26  ? 182 PHE A CD2 1 
ATOM 952  C CE1 . PHE A 1 182 ? -6.367  2.476   -1.180  1.00 73.33  ? 182 PHE A CE1 1 
ATOM 953  C CE2 . PHE A 1 182 ? -4.239  1.758   -0.314  1.00 74.41  ? 182 PHE A CE2 1 
ATOM 954  C CZ  . PHE A 1 182 ? -5.287  2.669   -0.321  1.00 74.29  ? 182 PHE A CZ  1 
ATOM 955  N N   . VAL A 1 183 ? -3.746  1.978   -4.861  1.00 93.79  ? 183 VAL A N   1 
ATOM 956  C CA  . VAL A 1 183 ? -2.576  2.851   -4.860  1.00 95.67  ? 183 VAL A CA  1 
ATOM 957  C C   . VAL A 1 183 ? -2.529  3.680   -3.586  1.00 95.80  ? 183 VAL A C   1 
ATOM 958  O O   . VAL A 1 183 ? -3.321  4.602   -3.396  1.00 98.28  ? 183 VAL A O   1 
ATOM 959  C CB  . VAL A 1 183 ? -2.569  3.796   -6.097  1.00 82.56  ? 183 VAL A CB  1 
ATOM 960  C CG1 . VAL A 1 183 ? -1.259  4.584   -6.152  1.00 79.63  ? 183 VAL A CG1 1 
ATOM 961  C CG2 . VAL A 1 183 ? -2.748  2.985   -7.374  1.00 83.14  ? 183 VAL A CG2 1 
ATOM 962  N N   . ALA A 1 184 ? -1.586  3.338   -2.715  1.00 80.87  ? 184 ALA A N   1 
ATOM 963  C CA  . ALA A 1 184 ? -1.421  4.027   -1.441  1.00 78.56  ? 184 ALA A CA  1 
ATOM 964  C C   . ALA A 1 184 ? -0.679  5.346   -1.580  1.00 75.79  ? 184 ALA A C   1 
ATOM 965  O O   . ALA A 1 184 ? 0.468   5.400   -2.043  1.00 75.56  ? 184 ALA A O   1 
ATOM 966  C CB  . ALA A 1 184 ? -0.693  3.128   -0.453  1.00 143.07 ? 184 ALA A CB  1 
ATOM 967  N N   . ARG A 1 185 ? -1.345  6.404   -1.139  1.00 71.90  ? 185 ARG A N   1 
ATOM 968  C CA  . ARG A 1 185 ? -0.800  7.748   -1.209  1.00 72.09  ? 185 ARG A CA  1 
ATOM 969  C C   . ARG A 1 185 ? 0.623   7.875   -0.673  1.00 72.04  ? 185 ARG A C   1 
ATOM 970  O O   . ARG A 1 185 ? 1.250   8.908   -0.842  1.00 71.86  ? 185 ARG A O   1 
ATOM 971  C CB  . ARG A 1 185 ? -1.738  8.710   -0.474  1.00 75.13  ? 185 ARG A CB  1 
ATOM 972  C CG  . ARG A 1 185 ? -1.484  10.176  -0.755  1.00 76.63  ? 185 ARG A CG  1 
ATOM 973  C CD  . ARG A 1 185 ? -2.736  10.970  -0.479  1.00 89.73  ? 185 ARG A CD  1 
ATOM 974  N NE  . ARG A 1 185 ? -2.512  12.407  -0.571  1.00 103.83 ? 185 ARG A NE  1 
ATOM 975  C CZ  . ARG A 1 185 ? -3.473  13.317  -0.442  1.00 109.01 ? 185 ARG A CZ  1 
ATOM 976  N NH1 . ARG A 1 185 ? -4.725  12.936  -0.219  1.00 107.74 ? 185 ARG A NH1 1 
ATOM 977  N NH2 . ARG A 1 185 ? -3.182  14.607  -0.528  1.00 105.66 ? 185 ARG A NH2 1 
ATOM 978  N N   . ASN A 1 186 ? 1.139   6.829   -0.041  1.00 77.89  ? 186 ASN A N   1 
ATOM 979  C CA  . ASN A 1 186 ? 2.491   6.887   0.506   1.00 77.77  ? 186 ASN A CA  1 
ATOM 980  C C   . ASN A 1 186 ? 3.520   6.256   -0.427  1.00 79.51  ? 186 ASN A C   1 
ATOM 981  O O   . ASN A 1 186 ? 4.721   6.285   -0.155  1.00 80.96  ? 186 ASN A O   1 
ATOM 982  C CB  . ASN A 1 186 ? 2.538   6.213   1.885   1.00 84.21  ? 186 ASN A CB  1 
ATOM 983  C CG  . ASN A 1 186 ? 2.558   4.696   1.803   1.00 85.56  ? 186 ASN A CG  1 
ATOM 984  O OD1 . ASN A 1 186 ? 1.878   4.102   0.968   1.00 83.30  ? 186 ASN A OD1 1 
ATOM 985  N ND2 . ASN A 1 186 ? 3.327   4.062   2.690   1.00 79.57  ? 186 ASN A ND2 1 
ATOM 986  N N   . GLY A 1 187 ? 3.052   5.684   -1.532  1.00 74.97  ? 187 GLY A N   1 
ATOM 987  C CA  . GLY A 1 187 ? 3.978   5.085   -2.474  1.00 72.85  ? 187 GLY A CA  1 
ATOM 988  C C   . GLY A 1 187 ? 3.986   3.575   -2.493  1.00 69.57  ? 187 GLY A C   1 
ATOM 989  O O   . GLY A 1 187 ? 4.843   2.959   -3.113  1.00 67.51  ? 187 GLY A O   1 
ATOM 990  N N   . ARG A 1 188 ? 3.032   2.964   -1.815  1.00 68.35  ? 188 ARG A N   1 
ATOM 991  C CA  . ARG A 1 188 ? 2.974   1.517   -1.791  1.00 69.06  ? 188 ARG A CA  1 
ATOM 992  C C   . ARG A 1 188 ? 1.748   1.094   -2.567  1.00 66.90  ? 188 ARG A C   1 
ATOM 993  O O   . ARG A 1 188 ? 0.749   1.810   -2.595  1.00 66.61  ? 188 ARG A O   1 
ATOM 994  C CB  . ARG A 1 188 ? 2.885   1.010   -0.350  1.00 58.26  ? 188 ARG A CB  1 
ATOM 995  C CG  . ARG A 1 188 ? 4.095   1.338   0.502   1.00 64.44  ? 188 ARG A CG  1 
ATOM 996  C CD  . ARG A 1 188 ? 5.028   0.151   0.647   1.00 68.66  ? 188 ARG A CD  1 
ATOM 997  N NE  . ARG A 1 188 ? 6.181   0.479   1.487   1.00 72.82  ? 188 ARG A NE  1 
ATOM 998  C CZ  . ARG A 1 188 ? 6.108   0.801   2.779   1.00 68.28  ? 188 ARG A CZ  1 
ATOM 999  N NH1 . ARG A 1 188 ? 4.929   0.832   3.394   1.00 70.20  ? 188 ARG A NH1 1 
ATOM 1000 N NH2 . ARG A 1 188 ? 7.214   1.105   3.452   1.00 55.70  ? 188 ARG A NH2 1 
ATOM 1001 N N   . ILE A 1 189 ? 1.822   -0.069  -3.202  1.00 58.19  ? 189 ILE A N   1 
ATOM 1002 C CA  . ILE A 1 189 ? 0.695   -0.565  -3.969  1.00 60.85  ? 189 ILE A CA  1 
ATOM 1003 C C   . ILE A 1 189 ? 0.476   -2.045  -3.728  1.00 60.54  ? 189 ILE A C   1 
ATOM 1004 O O   . ILE A 1 189 ? 1.429   -2.830  -3.678  1.00 60.20  ? 189 ILE A O   1 
ATOM 1005 C CB  . ILE A 1 189 ? 0.903   -0.297  -5.478  1.00 79.22  ? 189 ILE A CB  1 
ATOM 1006 C CG1 . ILE A 1 189 ? 0.836   1.211   -5.726  1.00 79.28  ? 189 ILE A CG1 1 
ATOM 1007 C CG2 . ILE A 1 189 ? -0.149  -1.024  -6.300  1.00 87.63  ? 189 ILE A CG2 1 
ATOM 1008 C CD1 . ILE A 1 189 ? 1.070   1.633   -7.139  1.00 70.11  ? 189 ILE A CD1 1 
ATOM 1009 N N   . HIS A 1 190 ? -0.787  -2.417  -3.561  1.00 66.36  ? 190 HIS A N   1 
ATOM 1010 C CA  . HIS A 1 190 ? -1.143  -3.809  -3.335  1.00 70.70  ? 190 HIS A CA  1 
ATOM 1011 C C   . HIS A 1 190 ? -1.822  -4.344  -4.598  1.00 74.65  ? 190 HIS A C   1 
ATOM 1012 O O   . HIS A 1 190 ? -2.881  -3.862  -5.010  1.00 75.41  ? 190 HIS A O   1 
ATOM 1013 C CB  . HIS A 1 190 ? -2.076  -3.922  -2.117  1.00 75.87  ? 190 HIS A CB  1 
ATOM 1014 C CG  . HIS A 1 190 ? -2.559  -5.313  -1.845  1.00 73.21  ? 190 HIS A CG  1 
ATOM 1015 N ND1 . HIS A 1 190 ? -3.893  -5.612  -1.663  1.00 66.75  ? 190 HIS A ND1 1 
ATOM 1016 C CD2 . HIS A 1 190 ? -1.893  -6.489  -1.758  1.00 75.75  ? 190 HIS A CD2 1 
ATOM 1017 C CE1 . HIS A 1 190 ? -4.028  -6.914  -1.480  1.00 71.41  ? 190 HIS A CE1 1 
ATOM 1018 N NE2 . HIS A 1 190 ? -2.831  -7.470  -1.534  1.00 70.17  ? 190 HIS A NE2 1 
ATOM 1019 N N   . LEU A 1 191 ? -1.179  -5.326  -5.223  1.00 86.47  ? 191 LEU A N   1 
ATOM 1020 C CA  . LEU A 1 191 ? -1.692  -5.944  -6.435  1.00 90.66  ? 191 LEU A CA  1 
ATOM 1021 C C   . LEU A 1 191 ? -2.258  -7.272  -6.020  1.00 95.00  ? 191 LEU A C   1 
ATOM 1022 O O   . LEU A 1 191 ? -1.604  -8.027  -5.298  1.00 95.01  ? 191 LEU A O   1 
ATOM 1023 C CB  . LEU A 1 191 ? -0.570  -6.192  -7.442  1.00 80.73  ? 191 LEU A CB  1 
ATOM 1024 C CG  . LEU A 1 191 ? 0.259   -4.997  -7.899  1.00 80.13  ? 191 LEU A CG  1 
ATOM 1025 C CD1 . LEU A 1 191 ? 1.506   -5.500  -8.598  1.00 75.15  ? 191 LEU A CD1 1 
ATOM 1026 C CD2 . LEU A 1 191 ? -0.565  -4.100  -8.803  1.00 80.06  ? 191 LEU A CD2 1 
ATOM 1027 N N   . GLU A 1 192 ? -3.464  -7.563  -6.485  1.00 86.28  ? 192 GLU A N   1 
ATOM 1028 C CA  . GLU A 1 192 ? -4.108  -8.817  -6.146  1.00 90.63  ? 192 GLU A CA  1 
ATOM 1029 C C   . GLU A 1 192 ? -4.820  -9.406  -7.355  1.00 91.44  ? 192 GLU A C   1 
ATOM 1030 O O   . GLU A 1 192 ? -5.672  -8.760  -7.956  1.00 90.97  ? 192 GLU A O   1 
ATOM 1031 C CB  . GLU A 1 192 ? -5.107  -8.587  -5.010  1.00 106.85 ? 192 GLU A CB  1 
ATOM 1032 C CG  . GLU A 1 192 ? -5.736  -9.843  -4.443  1.00 112.35 ? 192 GLU A CG  1 
ATOM 1033 C CD  . GLU A 1 192 ? -6.719  -9.530  -3.331  1.00 120.61 ? 192 GLU A CD  1 
ATOM 1034 O OE1 . GLU A 1 192 ? -6.318  -8.862  -2.351  1.00 120.02 ? 192 GLU A OE1 1 
ATOM 1035 O OE2 . GLU A 1 192 ? -7.890  -9.949  -3.435  1.00 124.01 ? 192 GLU A OE2 1 
ATOM 1036 N N   . CYS A 1 193 ? -4.442  -10.627 -7.715  1.00 91.45  ? 193 CYS A N   1 
ATOM 1037 C CA  . CYS A 1 193 ? -5.062  -11.334 -8.826  1.00 94.35  ? 193 CYS A CA  1 
ATOM 1038 C C   . CYS A 1 193 ? -4.636  -12.787 -8.861  1.00 96.54  ? 193 CYS A C   1 
ATOM 1039 O O   . CYS A 1 193 ? -3.508  -13.128 -8.493  1.00 95.95  ? 193 CYS A O   1 
ATOM 1040 C CB  . CYS A 1 193 ? -4.717  -10.705 -10.175 1.00 127.87 ? 193 CYS A CB  1 
ATOM 1041 S SG  . CYS A 1 193 ? -5.343  -11.690 -11.579 1.00 129.03 ? 193 CYS A SG  1 
ATOM 1042 N N   . PRO A 1 194 ? -5.552  -13.668 -9.295  1.00 143.43 ? 194 PRO A N   1 
ATOM 1043 C CA  . PRO A 1 194 ? -5.294  -15.104 -9.390  1.00 142.63 ? 194 PRO A CA  1 
ATOM 1044 C C   . PRO A 1 194 ? -4.377  -15.511 -10.544 1.00 139.77 ? 194 PRO A C   1 
ATOM 1045 O O   . PRO A 1 194 ? -4.758  -16.322 -11.384 1.00 140.86 ? 194 PRO A O   1 
ATOM 1046 C CB  . PRO A 1 194 ? -6.699  -15.698 -9.528  1.00 145.68 ? 194 PRO A CB  1 
ATOM 1047 C CG  . PRO A 1 194 ? -7.558  -14.714 -8.798  1.00 145.32 ? 194 PRO A CG  1 
ATOM 1048 C CD  . PRO A 1 194 ? -7.003  -13.409 -9.310  1.00 144.54 ? 194 PRO A CD  1 
ATOM 1049 N N   . ASN A 1 195 ? -3.176  -14.944 -10.595 1.00 82.67  ? 195 ASN A N   1 
ATOM 1050 C CA  . ASN A 1 195 ? -2.219  -15.320 -11.632 1.00 81.37  ? 195 ASN A CA  1 
ATOM 1051 C C   . ASN A 1 195 ? -0.826  -14.729 -11.417 1.00 79.06  ? 195 ASN A C   1 
ATOM 1052 O O   . ASN A 1 195 ? -0.665  -13.513 -11.339 1.00 77.98  ? 195 ASN A O   1 
ATOM 1053 C CB  . ASN A 1 195 ? -2.737  -14.924 -13.014 1.00 114.82 ? 195 ASN A CB  1 
ATOM 1054 C CG  . ASN A 1 195 ? -2.079  -15.723 -14.125 1.00 117.18 ? 195 ASN A CG  1 
ATOM 1055 O OD1 . ASN A 1 195 ? -0.859  -15.702 -14.289 1.00 120.70 ? 195 ASN A OD1 1 
ATOM 1056 N ND2 . ASN A 1 195 ? -2.889  -16.442 -14.889 1.00 113.84 ? 195 ASN A ND2 1 
ATOM 1057 N N   . GLU A 1 196 ? 0.173   -15.605 -11.340 1.00 87.47  ? 196 GLU A N   1 
ATOM 1058 C CA  . GLU A 1 196 ? 1.563   -15.204 -11.123 1.00 90.38  ? 196 GLU A CA  1 
ATOM 1059 C C   . GLU A 1 196 ? 2.166   -14.416 -12.291 1.00 89.57  ? 196 GLU A C   1 
ATOM 1060 O O   . GLU A 1 196 ? 2.723   -13.333 -12.090 1.00 90.45  ? 196 GLU A O   1 
ATOM 1061 C CB  . GLU A 1 196 ? 2.422   -16.444 -10.854 1.00 132.11 ? 196 GLU A CB  1 
ATOM 1062 C CG  . GLU A 1 196 ? 3.724   -16.168 -10.108 1.00 140.46 ? 196 GLU A CG  1 
ATOM 1063 C CD  . GLU A 1 196 ? 3.493   -15.702 -8.677  1.00 150.71 ? 196 GLU A CD  1 
ATOM 1064 O OE1 . GLU A 1 196 ? 2.979   -14.578 -8.485  1.00 149.77 ? 196 GLU A OE1 1 
ATOM 1065 O OE2 . GLU A 1 196 ? 3.819   -16.462 -7.741  1.00 154.09 ? 196 GLU A OE2 1 
ATOM 1066 N N   . ASP A 1 197 ? 2.070   -14.975 -13.500 1.00 126.32 ? 197 ASP A N   1 
ATOM 1067 C CA  . ASP A 1 197 ? 2.591   -14.331 -14.714 1.00 122.09 ? 197 ASP A CA  1 
ATOM 1068 C C   . ASP A 1 197 ? 1.850   -13.032 -14.944 1.00 117.56 ? 197 ASP A C   1 
ATOM 1069 O O   . ASP A 1 197 ? 2.441   -12.001 -15.261 1.00 115.51 ? 197 ASP A O   1 
ATOM 1070 C CB  . ASP A 1 197 ? 2.373   -15.210 -15.951 1.00 99.87  ? 197 ASP A CB  1 
ATOM 1071 C CG  . ASP A 1 197 ? 3.256   -16.433 -15.972 1.00 107.49 ? 197 ASP A CG  1 
ATOM 1072 O OD1 . ASP A 1 197 ? 3.062   -17.327 -15.119 1.00 113.12 ? 197 ASP A OD1 1 
ATOM 1073 O OD2 . ASP A 1 197 ? 4.144   -16.497 -16.850 1.00 110.81 ? 197 ASP A OD2 1 
ATOM 1074 N N   . LEU A 1 198 ? 0.537   -13.105 -14.792 1.00 61.91  ? 198 LEU A N   1 
ATOM 1075 C CA  . LEU A 1 198 ? -0.310  -11.954 -14.997 1.00 60.32  ? 198 LEU A CA  1 
ATOM 1076 C C   . LEU A 1 198 ? 0.061   -10.802 -14.065 1.00 61.09  ? 198 LEU A C   1 
ATOM 1077 O O   . LEU A 1 198 ? 0.088   -9.649  -14.487 1.00 59.79  ? 198 LEU A O   1 
ATOM 1078 C CB  . LEU A 1 198 ? -1.774  -12.355 -14.815 1.00 51.85  ? 198 LEU A CB  1 
ATOM 1079 C CG  . LEU A 1 198 ? -2.780  -11.500 -15.581 1.00 51.62  ? 198 LEU A CG  1 
ATOM 1080 C CD1 . LEU A 1 198 ? -4.175  -12.096 -15.481 1.00 47.95  ? 198 LEU A CD1 1 
ATOM 1081 C CD2 . LEU A 1 198 ? -2.749  -10.097 -15.023 1.00 49.32  ? 198 LEU A CD2 1 
ATOM 1082 N N   . GLU A 1 199 ? 0.352   -11.102 -12.801 1.00 106.07 ? 199 GLU A N   1 
ATOM 1083 C CA  . GLU A 1 199 ? 0.726   -10.043 -11.870 1.00 105.36 ? 199 GLU A CA  1 
ATOM 1084 C C   . GLU A 1 199 ? 2.098   -9.477  -12.209 1.00 102.41 ? 199 GLU A C   1 
ATOM 1085 O O   . GLU A 1 199 ? 2.298   -8.271  -12.115 1.00 101.88 ? 199 GLU A O   1 
ATOM 1086 C CB  . GLU A 1 199 ? 0.696   -10.535 -10.419 1.00 117.20 ? 199 GLU A CB  1 
ATOM 1087 C CG  . GLU A 1 199 ? -0.711  -10.786 -9.887  1.00 121.53 ? 199 GLU A CG  1 
ATOM 1088 C CD  . GLU A 1 199 ? -0.768  -10.917 -8.370  1.00 124.40 ? 199 GLU A CD  1 
ATOM 1089 O OE1 . GLU A 1 199 ? -0.030  -11.755 -7.803  1.00 122.49 ? 199 GLU A OE1 1 
ATOM 1090 O OE2 . GLU A 1 199 ? -1.561  -10.182 -7.744  1.00 130.83 ? 199 GLU A OE2 1 
ATOM 1091 N N   . ALA A 1 200 ? 3.039   -10.331 -12.614 1.00 73.63  ? 200 ALA A N   1 
ATOM 1092 C CA  . ALA A 1 200 ? 4.381   -9.864  -12.984 1.00 71.41  ? 200 ALA A CA  1 
ATOM 1093 C C   . ALA A 1 200 ? 4.240   -8.697  -13.949 1.00 70.64  ? 200 ALA A C   1 
ATOM 1094 O O   . ALA A 1 200 ? 4.885   -7.659  -13.776 1.00 69.82  ? 200 ALA A O   1 
ATOM 1095 C CB  . ALA A 1 200 ? 5.176   -10.980 -13.647 1.00 46.07  ? 200 ALA A CB  1 
ATOM 1096 N N   . ILE A 1 201 ? 3.395   -8.893  -14.966 1.00 71.93  ? 201 ILE A N   1 
ATOM 1097 C CA  . ILE A 1 201 ? 3.091   -7.884  -15.992 1.00 70.36  ? 201 ILE A CA  1 
ATOM 1098 C C   . ILE A 1 201 ? 2.691   -6.587  -15.291 1.00 70.57  ? 201 ILE A C   1 
ATOM 1099 O O   . ILE A 1 201 ? 3.359   -5.557  -15.426 1.00 64.83  ? 201 ILE A O   1 
ATOM 1100 C CB  . ILE A 1 201 ? 1.886   -8.336  -16.884 1.00 82.33  ? 201 ILE A CB  1 
ATOM 1101 C CG1 . ILE A 1 201 ? 2.231   -9.624  -17.642 1.00 84.16  ? 201 ILE A CG1 1 
ATOM 1102 C CG2 . ILE A 1 201 ? 1.488   -7.219  -17.844 1.00 79.27  ? 201 ILE A CG2 1 
ATOM 1103 C CD1 . ILE A 1 201 ? 1.093   -10.162 -18.492 1.00 74.09  ? 201 ILE A CD1 1 
ATOM 1104 N N   . ALA A 1 202 ? 1.587   -6.677  -14.547 1.00 64.28  ? 202 ALA A N   1 
ATOM 1105 C CA  . ALA A 1 202 ? 1.022   -5.580  -13.770 1.00 64.20  ? 202 ALA A CA  1 
ATOM 1106 C C   . ALA A 1 202 ? 2.062   -4.868  -12.907 1.00 64.54  ? 202 ALA A C   1 
ATOM 1107 O O   . ALA A 1 202 ? 1.895   -3.694  -12.559 1.00 62.00  ? 202 ALA A O   1 
ATOM 1108 C CB  . ALA A 1 202 ? -0.090  -6.103  -12.892 1.00 66.55  ? 202 ALA A CB  1 
ATOM 1109 N N   . VAL A 1 203 ? 3.123   -5.582  -12.538 1.00 89.10  ? 203 VAL A N   1 
ATOM 1110 C CA  . VAL A 1 203 ? 4.177   -4.978  -11.738 1.00 91.62  ? 203 VAL A CA  1 
ATOM 1111 C C   . VAL A 1 203 ? 4.983   -4.096  -12.681 1.00 92.35  ? 203 VAL A C   1 
ATOM 1112 O O   . VAL A 1 203 ? 4.987   -2.872  -12.520 1.00 91.04  ? 203 VAL A O   1 
ATOM 1113 C CB  . VAL A 1 203 ? 5.108   -6.028  -11.111 1.00 75.40  ? 203 VAL A CB  1 
ATOM 1114 C CG1 . VAL A 1 203 ? 6.114   -5.349  -10.195 1.00 76.02  ? 203 VAL A CG1 1 
ATOM 1115 C CG2 . VAL A 1 203 ? 4.303   -7.032  -10.328 1.00 74.91  ? 203 VAL A CG2 1 
ATOM 1116 N N   . MET A 1 204 ? 5.637   -4.706  -13.677 1.00 70.91  ? 204 MET A N   1 
ATOM 1117 C CA  . MET A 1 204 ? 6.430   -3.943  -14.641 1.00 70.47  ? 204 MET A CA  1 
ATOM 1118 C C   . MET A 1 204 ? 5.595   -2.851  -15.289 1.00 65.28  ? 204 MET A C   1 
ATOM 1119 O O   . MET A 1 204 ? 6.132   -1.888  -15.831 1.00 57.71  ? 204 MET A O   1 
ATOM 1120 C CB  . MET A 1 204 ? 7.054   -4.858  -15.691 1.00 65.40  ? 204 MET A CB  1 
ATOM 1121 C CG  . MET A 1 204 ? 6.222   -6.053  -16.101 1.00 65.77  ? 204 MET A CG  1 
ATOM 1122 S SD  . MET A 1 204 ? 7.299   -7.474  -16.521 1.00 80.70  ? 204 MET A SD  1 
ATOM 1123 C CE  . MET A 1 204 ? 8.743   -6.651  -17.305 1.00 83.81  ? 204 MET A CE  1 
ATOM 1124 N N   . ALA A 1 205 ? 4.277   -3.000  -15.211 1.00 58.64  ? 205 ALA A N   1 
ATOM 1125 C CA  . ALA A 1 205 ? 3.357   -1.992  -15.725 1.00 62.40  ? 205 ALA A CA  1 
ATOM 1126 C C   . ALA A 1 205 ? 3.515   -0.747  -14.840 1.00 63.68  ? 205 ALA A C   1 
ATOM 1127 O O   . ALA A 1 205 ? 3.662   0.375   -15.338 1.00 63.26  ? 205 ALA A O   1 
ATOM 1128 C CB  . ALA A 1 205 ? 1.931   -2.506  -15.652 1.00 45.76  ? 205 ALA A CB  1 
ATOM 1129 N N   . ILE A 1 206 ? 3.484   -0.948  -13.523 1.00 67.08  ? 206 ILE A N   1 
ATOM 1130 C CA  . ILE A 1 206 ? 3.656   0.160   -12.586 1.00 67.36  ? 206 ILE A CA  1 
ATOM 1131 C C   . ILE A 1 206 ? 5.114   0.614   -12.623 1.00 68.30  ? 206 ILE A C   1 
ATOM 1132 O O   . ILE A 1 206 ? 5.404   1.813   -12.639 1.00 65.75  ? 206 ILE A O   1 
ATOM 1133 C CB  . ILE A 1 206 ? 3.268   -0.242  -11.121 1.00 52.12  ? 206 ILE A CB  1 
ATOM 1134 C CG1 . ILE A 1 206 ? 1.779   0.006   -10.883 1.00 47.48  ? 206 ILE A CG1 1 
ATOM 1135 C CG2 . ILE A 1 206 ? 4.060   0.575   -10.107 1.00 53.08  ? 206 ILE A CG2 1 
ATOM 1136 C CD1 . ILE A 1 206 ? 0.964   -1.233  -10.894 1.00 37.54  ? 206 ILE A CD1 1 
ATOM 1137 N N   . LYS A 1 207 ? 6.028   -0.351  -12.647 1.00 92.54  ? 207 LYS A N   1 
ATOM 1138 C CA  . LYS A 1 207 ? 7.457   -0.047  -12.687 1.00 95.97  ? 207 LYS A CA  1 
ATOM 1139 C C   . LYS A 1 207 ? 7.731   0.935   -13.822 1.00 95.22  ? 207 LYS A C   1 
ATOM 1140 O O   . LYS A 1 207 ? 8.285   2.018   -13.604 1.00 97.05  ? 207 LYS A O   1 
ATOM 1141 C CB  . LYS A 1 207 ? 8.278   -1.332  -12.894 1.00 89.64  ? 207 LYS A CB  1 
ATOM 1142 C CG  . LYS A 1 207 ? 9.405   -1.529  -11.870 1.00 102.69 ? 207 LYS A CG  1 
ATOM 1143 C CD  . LYS A 1 207 ? 8.862   -1.858  -10.470 1.00 109.36 ? 207 LYS A CD  1 
ATOM 1144 C CE  . LYS A 1 207 ? 9.912   -1.654  -9.366  1.00 105.69 ? 207 LYS A CE  1 
ATOM 1145 N NZ  . LYS A 1 207 ? 11.123  -2.516  -9.489  1.00 108.07 ? 207 LYS A NZ  1 
ATOM 1146 N N   . ILE A 1 208 ? 7.316   0.554   -15.028 1.00 89.57  ? 208 ILE A N   1 
ATOM 1147 C CA  . ILE A 1 208 ? 7.507   1.381   -16.212 1.00 83.62  ? 208 ILE A CA  1 
ATOM 1148 C C   . ILE A 1 208 ? 6.884   2.773   -16.084 1.00 80.12  ? 208 ILE A C   1 
ATOM 1149 O O   . ILE A 1 208 ? 7.583   3.767   -16.256 1.00 78.50  ? 208 ILE A O   1 
ATOM 1150 C CB  . ILE A 1 208 ? 6.991   0.640   -17.480 1.00 69.93  ? 208 ILE A CB  1 
ATOM 1151 C CG1 . ILE A 1 208 ? 8.168   -0.069  -18.151 1.00 68.69  ? 208 ILE A CG1 1 
ATOM 1152 C CG2 . ILE A 1 208 ? 6.356   1.594   -18.452 1.00 70.11  ? 208 ILE A CG2 1 
ATOM 1153 C CD1 . ILE A 1 208 ? 7.776   -1.095  -19.178 1.00 72.29  ? 208 ILE A CD1 1 
ATOM 1154 N N   . ILE A 1 209 ? 5.595   2.862   -15.767 1.00 49.23  ? 209 ILE A N   1 
ATOM 1155 C CA  . ILE A 1 209 ? 4.984   4.181   -15.632 1.00 46.94  ? 209 ILE A CA  1 
ATOM 1156 C C   . ILE A 1 209 ? 5.804   5.079   -14.718 1.00 53.01  ? 209 ILE A C   1 
ATOM 1157 O O   . ILE A 1 209 ? 5.942   6.274   -14.973 1.00 53.15  ? 209 ILE A O   1 
ATOM 1158 C CB  . ILE A 1 209 ? 3.609   4.136   -14.997 1.00 48.45  ? 209 ILE A CB  1 
ATOM 1159 C CG1 . ILE A 1 209 ? 2.662   3.280   -15.821 1.00 43.78  ? 209 ILE A CG1 1 
ATOM 1160 C CG2 . ILE A 1 209 ? 3.095   5.560   -14.820 1.00 34.79  ? 209 ILE A CG2 1 
ATOM 1161 C CD1 . ILE A 1 209 ? 1.261   3.205   -15.197 1.00 39.41  ? 209 ILE A CD1 1 
ATOM 1162 N N   . ASP A 1 210 ? 6.323   4.502   -13.636 1.00 92.34  ? 210 ASP A N   1 
ATOM 1163 C CA  . ASP A 1 210 ? 7.113   5.251   -12.664 1.00 97.88  ? 210 ASP A CA  1 
ATOM 1164 C C   . ASP A 1 210 ? 8.388   5.805   -13.290 1.00 98.60  ? 210 ASP A C   1 
ATOM 1165 O O   . ASP A 1 210 ? 8.689   6.993   -13.163 1.00 97.56  ? 210 ASP A O   1 
ATOM 1166 C CB  . ASP A 1 210 ? 7.482   4.353   -11.481 1.00 87.73  ? 210 ASP A CB  1 
ATOM 1167 C CG  . ASP A 1 210 ? 8.096   5.129   -10.324 1.00 98.13  ? 210 ASP A CG  1 
ATOM 1168 O OD1 . ASP A 1 210 ? 8.848   4.531   -9.522  1.00 100.48 ? 210 ASP A OD1 1 
ATOM 1169 O OD2 . ASP A 1 210 ? 7.815   6.340   -10.212 1.00 106.20 ? 210 ASP A OD2 1 
ATOM 1170 N N   . GLU A 1 211 ? 9.128   4.935   -13.968 1.00 81.57  ? 211 GLU A N   1 
ATOM 1171 C CA  . GLU A 1 211 ? 10.384  5.307   -14.607 1.00 86.36  ? 211 GLU A CA  1 
ATOM 1172 C C   . GLU A 1 211 ? 10.228  6.160   -15.870 1.00 88.50  ? 211 GLU A C   1 
ATOM 1173 O O   . GLU A 1 211 ? 11.184  6.800   -16.321 1.00 90.04  ? 211 GLU A O   1 
ATOM 1174 C CB  . GLU A 1 211 ? 11.166  4.041   -14.957 1.00 97.75  ? 211 GLU A CB  1 
ATOM 1175 C CG  . GLU A 1 211 ? 11.509  3.174   -13.763 1.00 105.04 ? 211 GLU A CG  1 
ATOM 1176 C CD  . GLU A 1 211 ? 11.922  1.772   -14.165 1.00 118.53 ? 211 GLU A CD  1 
ATOM 1177 O OE1 . GLU A 1 211 ? 12.785  1.640   -15.061 1.00 121.35 ? 211 GLU A OE1 1 
ATOM 1178 O OE2 . GLU A 1 211 ? 11.385  0.804   -13.582 1.00 122.22 ? 211 GLU A OE2 1 
ATOM 1179 N N   . GLU A 1 212 ? 9.026   6.183   -16.438 1.00 99.73  ? 212 GLU A N   1 
ATOM 1180 C CA  . GLU A 1 212 ? 8.804   6.928   -17.671 1.00 101.48 ? 212 GLU A CA  1 
ATOM 1181 C C   . GLU A 1 212 ? 9.175   8.401   -17.599 1.00 100.62 ? 212 GLU A C   1 
ATOM 1182 O O   . GLU A 1 212 ? 8.521   9.189   -16.911 1.00 101.48 ? 212 GLU A O   1 
ATOM 1183 C CB  . GLU A 1 212 ? 7.353   6.782   -18.127 1.00 103.19 ? 212 GLU A CB  1 
ATOM 1184 C CG  . GLU A 1 212 ? 7.143   7.152   -19.587 1.00 109.87 ? 212 GLU A CG  1 
ATOM 1185 C CD  . GLU A 1 212 ? 7.982   6.309   -20.543 1.00 114.84 ? 212 GLU A CD  1 
ATOM 1186 O OE1 . GLU A 1 212 ? 7.971   6.616   -21.752 1.00 112.66 ? 212 GLU A OE1 1 
ATOM 1187 O OE2 . GLU A 1 212 ? 8.644   5.344   -20.098 1.00 116.61 ? 212 GLU A OE2 1 
ATOM 1188 N N   . ALA A 1 213 ? 10.229  8.757   -18.331 1.00 81.87  ? 213 ALA A N   1 
ATOM 1189 C CA  . ALA A 1 213 ? 10.722  10.130  -18.387 1.00 81.59  ? 213 ALA A CA  1 
ATOM 1190 C C   . ALA A 1 213 ? 10.015  10.961  -19.459 1.00 82.57  ? 213 ALA A C   1 
ATOM 1191 O O   . ALA A 1 213 ? 9.898   12.178  -19.320 1.00 82.27  ? 213 ALA A O   1 
ATOM 1192 C CB  . ALA A 1 213 ? 12.213  10.133  -18.634 1.00 41.28  ? 213 ALA A CB  1 
ATOM 1193 N N   . TYR A 1 214 ? 9.570   10.310  -20.536 1.00 79.01  ? 214 TYR A N   1 
ATOM 1194 C CA  . TYR A 1 214 ? 8.841   10.983  -21.614 1.00 77.44  ? 214 TYR A CA  1 
ATOM 1195 C C   . TYR A 1 214 ? 7.438   10.392  -21.585 1.00 79.31  ? 214 TYR A C   1 
ATOM 1196 O O   . TYR A 1 214 ? 7.214   9.288   -22.067 1.00 81.28  ? 214 TYR A O   1 
ATOM 1197 C CB  . TYR A 1 214 ? 9.524   10.727  -22.949 1.00 85.79  ? 214 TYR A CB  1 
ATOM 1198 C CG  . TYR A 1 214 ? 10.858  11.419  -23.060 1.00 85.46  ? 214 TYR A CG  1 
ATOM 1199 C CD1 . TYR A 1 214 ? 10.938  12.783  -23.330 1.00 88.54  ? 214 TYR A CD1 1 
ATOM 1200 C CD2 . TYR A 1 214 ? 12.043  10.719  -22.857 1.00 88.93  ? 214 TYR A CD2 1 
ATOM 1201 C CE1 . TYR A 1 214 ? 12.177  13.437  -23.396 1.00 93.30  ? 214 TYR A CE1 1 
ATOM 1202 C CE2 . TYR A 1 214 ? 13.285  11.356  -22.917 1.00 90.53  ? 214 TYR A CE2 1 
ATOM 1203 C CZ  . TYR A 1 214 ? 13.347  12.715  -23.188 1.00 94.22  ? 214 TYR A CZ  1 
ATOM 1204 O OH  . TYR A 1 214 ? 14.576  13.344  -23.247 1.00 102.30 ? 214 TYR A OH  1 
ATOM 1205 N N   . THR A 1 215 ? 6.513   11.146  -20.992 1.00 105.07 ? 215 THR A N   1 
ATOM 1206 C CA  . THR A 1 215 ? 5.122   10.743  -20.793 1.00 106.59 ? 215 THR A CA  1 
ATOM 1207 C C   . THR A 1 215 ? 4.103   11.136  -21.866 1.00 106.60 ? 215 THR A C   1 
ATOM 1208 O O   . THR A 1 215 ? 2.896   11.090  -21.625 1.00 104.19 ? 215 THR A O   1 
ATOM 1209 C CB  . THR A 1 215 ? 4.639   11.274  -19.417 1.00 109.69 ? 215 THR A CB  1 
ATOM 1210 O OG1 . THR A 1 215 ? 3.212   11.180  -19.319 1.00 113.64 ? 215 THR A OG1 1 
ATOM 1211 C CG2 . THR A 1 215 ? 5.069   12.716  -19.231 1.00 111.52 ? 215 THR A CG2 1 
ATOM 1212 N N   . SER A 1 216 ? 4.590   11.506  -23.049 1.00 136.49 ? 216 SER A N   1 
ATOM 1213 C CA  . SER A 1 216 ? 3.738   11.910  -24.175 1.00 132.63 ? 216 SER A CA  1 
ATOM 1214 C C   . SER A 1 216 ? 2.359   11.231  -24.212 1.00 130.09 ? 216 SER A C   1 
ATOM 1215 O O   . SER A 1 216 ? 1.357   11.806  -23.784 1.00 132.69 ? 216 SER A O   1 
ATOM 1216 C CB  . SER A 1 216 ? 4.481   11.638  -25.484 1.00 98.88  ? 216 SER A CB  1 
ATOM 1217 O OG  . SER A 1 216 ? 4.994   10.316  -25.500 1.00 95.56  ? 216 SER A OG  1 
ATOM 1218 N N   . GLY A 1 217 ? 2.313   10.019  -24.747 1.00 54.75  ? 217 GLY A N   1 
ATOM 1219 C CA  . GLY A 1 217 ? 1.065   9.283   -24.806 1.00 52.52  ? 217 GLY A CA  1 
ATOM 1220 C C   . GLY A 1 217 ? 1.408   7.974   -24.142 1.00 55.64  ? 217 GLY A C   1 
ATOM 1221 O O   . GLY A 1 217 ? 1.972   7.074   -24.771 1.00 53.63  ? 217 GLY A O   1 
ATOM 1222 N N   . LEU A 1 218 ? 1.064   7.866   -22.864 1.00 87.49  ? 218 LEU A N   1 
ATOM 1223 C CA  . LEU A 1 218 ? 1.401   6.687   -22.076 1.00 84.96  ? 218 LEU A CA  1 
ATOM 1224 C C   . LEU A 1 218 ? 0.286   5.685   -21.824 1.00 84.50  ? 218 LEU A C   1 
ATOM 1225 O O   . LEU A 1 218 ? 0.537   4.480   -21.806 1.00 84.65  ? 218 LEU A O   1 
ATOM 1226 C CB  . LEU A 1 218 ? 1.987   7.144   -20.738 1.00 82.59  ? 218 LEU A CB  1 
ATOM 1227 C CG  . LEU A 1 218 ? 2.623   6.141   -19.775 1.00 83.45  ? 218 LEU A CG  1 
ATOM 1228 C CD1 . LEU A 1 218 ? 3.897   5.559   -20.379 1.00 87.56  ? 218 LEU A CD1 1 
ATOM 1229 C CD2 . LEU A 1 218 ? 2.931   6.856   -18.478 1.00 73.70  ? 218 LEU A CD2 1 
ATOM 1230 N N   . THR A 1 219 ? -0.938  6.165   -21.623 1.00 63.17  ? 219 THR A N   1 
ATOM 1231 C CA  . THR A 1 219 ? -2.036  5.246   -21.353 1.00 63.09  ? 219 THR A CA  1 
ATOM 1232 C C   . THR A 1 219 ? -2.190  4.203   -22.449 1.00 63.89  ? 219 THR A C   1 
ATOM 1233 O O   . THR A 1 219 ? -2.099  3.003   -22.188 1.00 63.16  ? 219 THR A O   1 
ATOM 1234 C CB  . THR A 1 219 ? -3.378  5.982   -21.172 1.00 86.81  ? 219 THR A CB  1 
ATOM 1235 O OG1 . THR A 1 219 ? -3.265  6.924   -20.100 1.00 89.50  ? 219 THR A OG1 1 
ATOM 1236 C CG2 . THR A 1 219 ? -4.483  4.994   -20.826 1.00 86.40  ? 219 THR A CG2 1 
ATOM 1237 N N   . LYS A 1 220 ? -2.424  4.648   -23.678 1.00 91.51  ? 220 LYS A N   1 
ATOM 1238 C CA  . LYS A 1 220 ? -2.574  3.711   -24.781 1.00 92.28  ? 220 LYS A CA  1 
ATOM 1239 C C   . LYS A 1 220 ? -1.241  3.020   -25.045 1.00 88.45  ? 220 LYS A C   1 
ATOM 1240 O O   . LYS A 1 220 ? -1.179  1.806   -25.286 1.00 84.93  ? 220 LYS A O   1 
ATOM 1241 C CB  . LYS A 1 220 ? -3.065  4.441   -26.034 1.00 113.46 ? 220 LYS A CB  1 
ATOM 1242 C CG  . LYS A 1 220 ? -4.539  4.822   -25.970 1.00 119.07 ? 220 LYS A CG  1 
ATOM 1243 C CD  . LYS A 1 220 ? -5.423  3.580   -25.838 1.00 131.17 ? 220 LYS A CD  1 
ATOM 1244 C CE  . LYS A 1 220 ? -6.905  3.935   -25.726 1.00 135.05 ? 220 LYS A CE  1 
ATOM 1245 N NZ  . LYS A 1 220 ? -7.218  4.718   -24.493 1.00 143.39 ? 220 LYS A NZ  1 
ATOM 1246 N N   . ARG A 1 221 ? -0.167  3.792   -24.972 1.00 77.70  ? 221 ARG A N   1 
ATOM 1247 C CA  . ARG A 1 221 ? 1.144   3.229   -25.206 1.00 76.63  ? 221 ARG A CA  1 
ATOM 1248 C C   . ARG A 1 221 ? 1.471   2.128   -24.187 1.00 79.18  ? 221 ARG A C   1 
ATOM 1249 O O   . ARG A 1 221 ? 2.279   1.244   -24.470 1.00 78.46  ? 221 ARG A O   1 
ATOM 1250 C CB  . ARG A 1 221 ? 2.202   4.326   -25.154 1.00 52.41  ? 221 ARG A CB  1 
ATOM 1251 C CG  . ARG A 1 221 ? 3.480   3.929   -25.854 1.00 47.30  ? 221 ARG A CG  1 
ATOM 1252 C CD  . ARG A 1 221 ? 4.678   4.677   -25.318 1.00 51.71  ? 221 ARG A CD  1 
ATOM 1253 N NE  . ARG A 1 221 ? 4.336   6.064   -25.050 1.00 59.29  ? 221 ARG A NE  1 
ATOM 1254 C CZ  . ARG A 1 221 ? 5.164   6.948   -24.510 1.00 69.62  ? 221 ARG A CZ  1 
ATOM 1255 N NH1 . ARG A 1 221 ? 6.394   6.580   -24.181 1.00 65.59  ? 221 ARG A NH1 1 
ATOM 1256 N NH2 . ARG A 1 221 ? 4.756   8.197   -24.296 1.00 73.18  ? 221 ARG A NH2 1 
ATOM 1257 N N   . ILE A 1 222 ? 0.849   2.181   -23.005 1.00 91.96  ? 222 ILE A N   1 
ATOM 1258 C CA  . ILE A 1 222 ? 1.084   1.171   -21.969 1.00 93.64  ? 222 ILE A CA  1 
ATOM 1259 C C   . ILE A 1 222 ? 0.186   -0.047  -22.214 1.00 95.30  ? 222 ILE A C   1 
ATOM 1260 O O   . ILE A 1 222 ? 0.614   -1.192  -22.030 1.00 94.70  ? 222 ILE A O   1 
ATOM 1261 C CB  . ILE A 1 222 ? 0.786   1.714   -20.532 1.00 70.16  ? 222 ILE A CB  1 
ATOM 1262 C CG1 . ILE A 1 222 ? 1.537   0.879   -19.477 1.00 66.89  ? 222 ILE A CG1 1 
ATOM 1263 C CG2 . ILE A 1 222 ? -0.715  1.622   -20.218 1.00 68.47  ? 222 ILE A CG2 1 
ATOM 1264 C CD1 . ILE A 1 222 ? 2.904   1.430   -19.080 1.00 55.00  ? 222 ILE A CD1 1 
ATOM 1265 N N   . ILE A 1 223 ? -1.057  0.209   -22.626 1.00 86.27  ? 223 ILE A N   1 
ATOM 1266 C CA  . ILE A 1 223 ? -2.018  -0.856  -22.898 1.00 84.69  ? 223 ILE A CA  1 
ATOM 1267 C C   . ILE A 1 223 ? -1.493  -1.820  -23.951 1.00 86.99  ? 223 ILE A C   1 
ATOM 1268 O O   . ILE A 1 223 ? -1.768  -3.017  -23.897 1.00 85.99  ? 223 ILE A O   1 
ATOM 1269 C CB  . ILE A 1 223 ? -3.348  -0.298  -23.395 1.00 58.18  ? 223 ILE A CB  1 
ATOM 1270 C CG1 . ILE A 1 223 ? -3.905  0.694   -22.383 1.00 55.62  ? 223 ILE A CG1 1 
ATOM 1271 C CG2 . ILE A 1 223 ? -4.333  -1.431  -23.607 1.00 46.63  ? 223 ILE A CG2 1 
ATOM 1272 C CD1 . ILE A 1 223 ? -5.283  1.193   -22.741 1.00 55.38  ? 223 ILE A CD1 1 
ATOM 1273 N N   . LYS A 1 224 ? -0.752  -1.295  -24.921 1.00 73.11  ? 224 LYS A N   1 
ATOM 1274 C CA  . LYS A 1 224 ? -0.184  -2.149  -25.951 1.00 75.79  ? 224 LYS A CA  1 
ATOM 1275 C C   . LYS A 1 224 ? 0.932   -2.975  -25.321 1.00 76.61  ? 224 LYS A C   1 
ATOM 1276 O O   . LYS A 1 224 ? 1.165   -4.113  -25.710 1.00 78.07  ? 224 LYS A O   1 
ATOM 1277 C CB  . LYS A 1 224 ? 0.374   -1.321  -27.108 1.00 83.21  ? 224 LYS A CB  1 
ATOM 1278 C CG  . LYS A 1 224 ? -0.178  -1.729  -28.474 1.00 86.94  ? 224 LYS A CG  1 
ATOM 1279 C CD  . LYS A 1 224 ? -1.664  -1.370  -28.632 1.00 84.26  ? 224 LYS A CD  1 
ATOM 1280 C CE  . LYS A 1 224 ? -2.513  -2.607  -28.875 1.00 88.81  ? 224 LYS A CE  1 
ATOM 1281 N NZ  . LYS A 1 224 ? -2.051  -3.392  -30.059 1.00 88.95  ? 224 LYS A NZ  1 
ATOM 1282 N N   . PHE A 1 225 ? 1.618   -2.402  -24.341 1.00 94.84  ? 225 PHE A N   1 
ATOM 1283 C CA  . PHE A 1 225 ? 2.690   -3.122  -23.662 1.00 94.22  ? 225 PHE A CA  1 
ATOM 1284 C C   . PHE A 1 225 ? 2.154   -4.356  -22.938 1.00 92.40  ? 225 PHE A C   1 
ATOM 1285 O O   . PHE A 1 225 ? 2.722   -5.445  -23.034 1.00 91.46  ? 225 PHE A O   1 
ATOM 1286 C CB  . PHE A 1 225 ? 3.394   -2.215  -22.643 1.00 87.07  ? 225 PHE A CB  1 
ATOM 1287 C CG  . PHE A 1 225 ? 4.246   -2.968  -21.657 1.00 88.75  ? 225 PHE A CG  1 
ATOM 1288 C CD1 . PHE A 1 225 ? 3.680   -3.542  -20.524 1.00 90.67  ? 225 PHE A CD1 1 
ATOM 1289 C CD2 . PHE A 1 225 ? 5.603   -3.148  -21.887 1.00 91.21  ? 225 PHE A CD2 1 
ATOM 1290 C CE1 . PHE A 1 225 ? 4.450   -4.286  -19.645 1.00 91.86  ? 225 PHE A CE1 1 
ATOM 1291 C CE2 . PHE A 1 225 ? 6.383   -3.893  -21.010 1.00 90.51  ? 225 PHE A CE2 1 
ATOM 1292 C CZ  . PHE A 1 225 ? 5.805   -4.464  -19.888 1.00 89.33  ? 225 PHE A CZ  1 
ATOM 1293 N N   . ILE A 1 226 ? 1.068   -4.164  -22.197 1.00 75.94  ? 226 ILE A N   1 
ATOM 1294 C CA  . ILE A 1 226 ? 0.450   -5.244  -21.441 1.00 75.22  ? 226 ILE A CA  1 
ATOM 1295 C C   . ILE A 1 226 ? -0.007  -6.354  -22.374 1.00 77.61  ? 226 ILE A C   1 
ATOM 1296 O O   . ILE A 1 226 ? 0.275   -7.533  -22.144 1.00 78.43  ? 226 ILE A O   1 
ATOM 1297 C CB  . ILE A 1 226 ? -0.755  -4.716  -20.631 1.00 68.62  ? 226 ILE A CB  1 
ATOM 1298 C CG1 . ILE A 1 226 ? -0.274  -3.661  -19.636 1.00 66.76  ? 226 ILE A CG1 1 
ATOM 1299 C CG2 . ILE A 1 226 ? -1.448  -5.857  -19.893 1.00 65.29  ? 226 ILE A CG2 1 
ATOM 1300 C CD1 . ILE A 1 226 ? -1.378  -3.048  -18.830 1.00 55.44  ? 226 ILE A CD1 1 
ATOM 1301 N N   . GLU A 1 227 ? -0.705  -5.958  -23.433 1.00 59.76  ? 227 GLU A N   1 
ATOM 1302 C CA  . GLU A 1 227 ? -1.224  -6.884  -24.432 1.00 63.34  ? 227 GLU A CA  1 
ATOM 1303 C C   . GLU A 1 227 ? -0.100  -7.751  -25.025 1.00 57.41  ? 227 GLU A C   1 
ATOM 1304 O O   . GLU A 1 227 ? -0.186  -8.982  -25.057 1.00 53.62  ? 227 GLU A O   1 
ATOM 1305 C CB  . GLU A 1 227 ? -1.915  -6.081  -25.528 1.00 110.71 ? 227 GLU A CB  1 
ATOM 1306 C CG  . GLU A 1 227 ? -3.042  -6.803  -26.221 1.00 125.92 ? 227 GLU A CG  1 
ATOM 1307 C CD  . GLU A 1 227 ? -3.747  -5.916  -27.223 1.00 129.71 ? 227 GLU A CD  1 
ATOM 1308 O OE1 . GLU A 1 227 ? -3.135  -5.579  -28.261 1.00 148.53 ? 227 GLU A OE1 1 
ATOM 1309 O OE2 . GLU A 1 227 ? -4.911  -5.547  -26.964 1.00 147.05 ? 227 GLU A OE2 1 
ATOM 1310 N N   . GLU A 1 228 ? 0.962   -7.112  -25.496 1.00 71.25  ? 228 GLU A N   1 
ATOM 1311 C CA  . GLU A 1 228 ? 2.063   -7.863  -26.067 1.00 71.07  ? 228 GLU A CA  1 
ATOM 1312 C C   . GLU A 1 228 ? 2.712   -8.695  -24.980 1.00 73.07  ? 228 GLU A C   1 
ATOM 1313 O O   . GLU A 1 228 ? 3.335   -9.720  -25.270 1.00 74.34  ? 228 GLU A O   1 
ATOM 1314 C CB  . GLU A 1 228 ? 3.105   -6.929  -26.679 1.00 76.23  ? 228 GLU A CB  1 
ATOM 1315 C CG  . GLU A 1 228 ? 4.378   -7.626  -27.190 1.00 73.93  ? 228 GLU A CG  1 
ATOM 1316 C CD  . GLU A 1 228 ? 4.115   -8.670  -28.281 1.00 82.21  ? 228 GLU A CD  1 
ATOM 1317 O OE1 . GLU A 1 228 ? 3.072   -8.575  -28.976 1.00 78.90  ? 228 GLU A OE1 1 
ATOM 1318 O OE2 . GLU A 1 228 ? 4.966   -9.579  -28.449 1.00 82.55  ? 228 GLU A OE2 1 
ATOM 1319 N N   . GLU A 1 229 ? 2.567   -8.256  -23.729 1.00 76.46  ? 229 GLU A N   1 
ATOM 1320 C CA  . GLU A 1 229 ? 3.164   -8.974  -22.608 1.00 75.26  ? 229 GLU A CA  1 
ATOM 1321 C C   . GLU A 1 229 ? 2.417   -10.268 -22.338 1.00 73.45  ? 229 GLU A C   1 
ATOM 1322 O O   . GLU A 1 229 ? 3.023   -11.333 -22.258 1.00 70.58  ? 229 GLU A O   1 
ATOM 1323 C CB  . GLU A 1 229 ? 3.166   -8.115  -21.346 1.00 99.14  ? 229 GLU A CB  1 
ATOM 1324 C CG  . GLU A 1 229 ? 4.130   -8.633  -20.277 1.00 109.44 ? 229 GLU A CG  1 
ATOM 1325 C CD  . GLU A 1 229 ? 5.590   -8.494  -20.683 1.00 117.29 ? 229 GLU A CD  1 
ATOM 1326 O OE1 . GLU A 1 229 ? 6.139   -7.381  -20.541 1.00 117.24 ? 229 GLU A OE1 1 
ATOM 1327 O OE2 . GLU A 1 229 ? 6.183   -9.490  -21.150 1.00 117.74 ? 229 GLU A OE2 1 
ATOM 1328 N N   . ARG A 1 230 ? 1.101   -10.185 -22.202 1.00 94.61  ? 230 ARG A N   1 
ATOM 1329 C CA  . ARG A 1 230 ? 0.329   -11.390 -21.953 1.00 99.14  ? 230 ARG A CA  1 
ATOM 1330 C C   . ARG A 1 230 ? 0.225   -12.270 -23.193 1.00 104.75 ? 230 ARG A C   1 
ATOM 1331 O O   . ARG A 1 230 ? -0.148  -13.439 -23.104 1.00 107.61 ? 230 ARG A O   1 
ATOM 1332 C CB  . ARG A 1 230 ? -1.061  -11.039 -21.429 1.00 82.28  ? 230 ARG A CB  1 
ATOM 1333 C CG  . ARG A 1 230 ? -1.726  -9.901  -22.130 1.00 76.36  ? 230 ARG A CG  1 
ATOM 1334 C CD  . ARG A 1 230 ? -2.924  -9.482  -21.332 1.00 70.55  ? 230 ARG A CD  1 
ATOM 1335 N NE  . ARG A 1 230 ? -3.659  -10.659 -20.886 1.00 75.74  ? 230 ARG A NE  1 
ATOM 1336 C CZ  . ARG A 1 230 ? -4.812  -10.623 -20.227 1.00 77.18  ? 230 ARG A CZ  1 
ATOM 1337 N NH1 . ARG A 1 230 ? -5.380  -9.457  -19.930 1.00 74.73  ? 230 ARG A NH1 1 
ATOM 1338 N NH2 . ARG A 1 230 ? -5.396  -11.762 -19.869 1.00 65.30  ? 230 ARG A NH2 1 
ATOM 1339 N N   . ARG A 1 231 ? 0.563   -11.715 -24.351 1.00 87.82  ? 231 ARG A N   1 
ATOM 1340 C CA  . ARG A 1 231 ? 0.511   -12.493 -25.574 1.00 90.44  ? 231 ARG A CA  1 
ATOM 1341 C C   . ARG A 1 231 ? 1.640   -13.528 -25.583 1.00 91.18  ? 231 ARG A C   1 
ATOM 1342 O O   . ARG A 1 231 ? 1.519   -14.572 -26.221 1.00 89.87  ? 231 ARG A O   1 
ATOM 1343 C CB  . ARG A 1 231 ? 0.640   -11.582 -26.788 1.00 100.46 ? 231 ARG A CB  1 
ATOM 1344 C CG  . ARG A 1 231 ? 0.654   -12.346 -28.104 1.00 103.25 ? 231 ARG A CG  1 
ATOM 1345 C CD  . ARG A 1 231 ? 1.410   -11.596 -29.190 1.00 103.59 ? 231 ARG A CD  1 
ATOM 1346 N NE  . ARG A 1 231 ? 1.710   -12.474 -30.313 1.00 107.19 ? 231 ARG A NE  1 
ATOM 1347 C CZ  . ARG A 1 231 ? 0.788   -13.007 -31.107 1.00 104.34 ? 231 ARG A CZ  1 
ATOM 1348 N NH1 . ARG A 1 231 ? -0.498  -12.743 -30.899 1.00 104.45 ? 231 ARG A NH1 1 
ATOM 1349 N NH2 . ARG A 1 231 ? 1.149   -13.809 -32.101 1.00 98.17  ? 231 ARG A NH2 1 
ATOM 1350 N N   . ILE A 1 232 ? 2.733   -13.235 -24.879 1.00 98.77  ? 232 ILE A N   1 
ATOM 1351 C CA  . ILE A 1 232 ? 3.878   -14.148 -24.804 1.00 102.66 ? 232 ILE A CA  1 
ATOM 1352 C C   . ILE A 1 232 ? 3.917   -14.893 -23.466 1.00 106.94 ? 232 ILE A C   1 
ATOM 1353 O O   . ILE A 1 232 ? 4.509   -15.969 -23.363 1.00 107.46 ? 232 ILE A O   1 
ATOM 1354 C CB  . ILE A 1 232 ? 5.224   -13.404 -24.932 1.00 81.35  ? 232 ILE A CB  1 
ATOM 1355 C CG1 . ILE A 1 232 ? 5.019   -12.045 -25.582 1.00 82.44  ? 232 ILE A CG1 1 
ATOM 1356 C CG2 . ILE A 1 232 ? 6.204   -14.234 -25.754 1.00 75.17  ? 232 ILE A CG2 1 
ATOM 1357 C CD1 . ILE A 1 232 ? 6.258   -11.195 -25.539 1.00 89.83  ? 232 ILE A CD1 1 
ATOM 1358 N N   . ARG A 1 233 ? 3.310   -14.305 -22.439 1.00 171.47 ? 233 ARG A N   1 
ATOM 1359 C CA  . ARG A 1 233 ? 3.287   -14.930 -21.120 1.00 174.25 ? 233 ARG A CA  1 
ATOM 1360 C C   . ARG A 1 233 ? 2.306   -16.090 -21.082 1.00 174.26 ? 233 ARG A C   1 
ATOM 1361 O O   . ARG A 1 233 ? 2.099   -16.709 -20.037 1.00 177.34 ? 233 ARG A O   1 
ATOM 1362 C CB  . ARG A 1 233 ? 2.923   -13.906 -20.033 1.00 120.54 ? 233 ARG A CB  1 
ATOM 1363 C CG  . ARG A 1 233 ? 4.084   -13.028 -19.583 1.00 124.92 ? 233 ARG A CG  1 
ATOM 1364 C CD  . ARG A 1 233 ? 5.245   -13.880 -19.103 1.00 131.39 ? 233 ARG A CD  1 
ATOM 1365 N NE  . ARG A 1 233 ? 6.390   -13.073 -18.696 1.00 131.86 ? 233 ARG A NE  1 
ATOM 1366 C CZ  . ARG A 1 233 ? 6.416   -12.307 -17.613 1.00 131.62 ? 233 ARG A CZ  1 
ATOM 1367 N NH1 . ARG A 1 233 ? 5.353   -12.246 -16.821 1.00 132.59 ? 233 ARG A NH1 1 
ATOM 1368 N NH2 . ARG A 1 233 ? 7.503   -11.603 -17.319 1.00 135.51 ? 233 ARG A NH2 1 
ATOM 1369 N N   . GLU A 1 234 ? 1.700   -16.381 -22.229 1.00 106.41 ? 234 GLU A N   1 
ATOM 1370 C CA  . GLU A 1 234 ? 0.756   -17.480 -22.327 1.00 105.27 ? 234 GLU A CA  1 
ATOM 1371 C C   . GLU A 1 234 ? 0.459   -17.812 -23.781 1.00 108.63 ? 234 GLU A C   1 
ATOM 1372 O O   . GLU A 1 234 ? 1.232   -18.607 -24.372 1.00 108.38 ? 234 GLU A O   1 
ATOM 1373 C CB  . GLU A 1 234 ? -0.537  -17.125 -21.592 1.00 94.00  ? 234 GLU A CB  1 
ATOM 1374 C CG  . GLU A 1 234 ? -0.861  -15.656 -21.636 1.00 91.35  ? 234 GLU A CG  1 
ATOM 1375 C CD  . GLU A 1 234 ? -2.032  -15.285 -20.753 1.00 94.64  ? 234 GLU A CD  1 
ATOM 1376 O OE1 . GLU A 1 234 ? -3.182  -15.599 -21.123 1.00 95.30  ? 234 GLU A OE1 1 
ATOM 1377 O OE2 . GLU A 1 234 ? -1.801  -14.681 -19.684 1.00 96.19  ? 234 GLU A OE2 1 
# 
loop_
_pdbx_poly_seq_scheme.asym_id 
_pdbx_poly_seq_scheme.entity_id 
_pdbx_poly_seq_scheme.seq_id 
_pdbx_poly_seq_scheme.mon_id 
_pdbx_poly_seq_scheme.ndb_seq_num 
_pdbx_poly_seq_scheme.pdb_seq_num 
_pdbx_poly_seq_scheme.auth_seq_num 
_pdbx_poly_seq_scheme.pdb_mon_id 
_pdbx_poly_seq_scheme.auth_mon_id 
_pdbx_poly_seq_scheme.pdb_strand_id 
_pdbx_poly_seq_scheme.pdb_ins_code 
_pdbx_poly_seq_scheme.hetero 
A 1 1   MET 1   1   ?   ?   ?   A . n 
A 1 2   SER 2   2   ?   ?   ?   A . n 
A 1 3   SER 3   3   ?   ?   ?   A . n 
A 1 4   GLU 4   4   ?   ?   ?   A . n 
A 1 5   ARG 5   5   ?   ?   ?   A . n 
A 1 6   GLN 6   6   ?   ?   ?   A . n 
A 1 7   LEU 7   7   ?   ?   ?   A . n 
A 1 8   ALA 8   8   ?   ?   ?   A . n 
A 1 9   GLY 9   9   ?   ?   ?   A . n 
A 1 10  ARG 10  10  ?   ?   ?   A . n 
A 1 11  ILE 11  11  ?   ?   ?   A . n 
A 1 12  VAL 12  12  ?   ?   ?   A . n 
A 1 13  VAL 13  13  ?   ?   ?   A . n 
A 1 14  PRO 14  14  ?   ?   ?   A . n 
A 1 15  GLY 15  15  ?   ?   ?   A . n 
A 1 16  GLU 16  16  ?   ?   ?   A . n 
A 1 17  PRO 17  17  ?   ?   ?   A . n 
A 1 18  LEU 18  18  ?   ?   ?   A . n 
A 1 19  PRO 19  19  ?   ?   ?   A . n 
A 1 20  GLU 20  20  ?   ?   ?   A . n 
A 1 21  GLU 21  21  ?   ?   ?   A . n 
A 1 22  VAL 22  22  ?   ?   ?   A . n 
A 1 23  GLU 23  23  ?   ?   ?   A . n 
A 1 24  ALA 24  24  ?   ?   ?   A . n 
A 1 25  SER 25  25  ?   ?   ?   A . n 
A 1 26  PRO 26  26  ?   ?   ?   A . n 
A 1 27  PRO 27  27  ?   ?   ?   A . n 
A 1 28  TYR 28  28  ?   ?   ?   A . n 
A 1 29  VAL 29  29  ?   ?   ?   A . n 
A 1 30  ILE 30  30  ?   ?   ?   A . n 
A 1 31  ASP 31  31  ?   ?   ?   A . n 
A 1 32  TYR 32  32  ?   ?   ?   A . n 
A 1 33  LYS 33  33  ?   ?   ?   A . n 
A 1 34  GLY 34  34  ?   ?   ?   A . n 
A 1 35  VAL 35  35  ?   ?   ?   A . n 
A 1 36  LYS 36  36  ?   ?   ?   A . n 
A 1 37  ARG 37  37  ?   ?   ?   A . n 
A 1 38  ALA 38  38  ?   ?   ?   A . n 
A 1 39  THR 39  39  ?   ?   ?   A . n 
A 1 40  VAL 40  40  ?   ?   ?   A . n 
A 1 41  VAL 41  41  ?   ?   ?   A . n 
A 1 42  GLY 42  42  ?   ?   ?   A . n 
A 1 43  LEU 43  43  ?   ?   ?   A . n 
A 1 44  LEU 44  44  ?   ?   ?   A . n 
A 1 45  ARG 45  45  ?   ?   ?   A . n 
A 1 46  GLU 46  46  ?   ?   ?   A . n 
A 1 47  LYS 47  47  ?   ?   ?   A . n 
A 1 48  GLY 48  48  ?   ?   ?   A . n 
A 1 49  ASP 49  49  ?   ?   ?   A . n 
A 1 50  GLY 50  50  ?   ?   ?   A . n 
A 1 51  GLY 51  51  ?   ?   ?   A . n 
A 1 52  GLY 52  52  ?   ?   ?   A . n 
A 1 53  ARG 53  53  ?   ?   ?   A . n 
A 1 54  ALA 54  54  ?   ?   ?   A . n 
A 1 55  PHE 55  55  ?   ?   ?   A . n 
A 1 56  VAL 56  56  ?   ?   ?   A . n 
A 1 57  LYS 57  57  ?   ?   ?   A . n 
A 1 58  LEU 58  58  ?   ?   ?   A . n 
A 1 59  LYS 59  59  ?   ?   ?   A . n 
A 1 60  GLU 60  60  60  GLU GLU A . n 
A 1 61  ILE 61  61  61  ILE ILE A . n 
A 1 62  TYR 62  62  62  TYR TYR A . n 
A 1 63  VAL 63  63  63  VAL VAL A . n 
A 1 64  PRO 64  64  64  PRO PRO A . n 
A 1 65  GLN 65  65  65  GLN GLN A . n 
A 1 66  ALA 66  66  66  ALA ALA A . n 
A 1 67  GLY 67  67  67  GLY GLY A . n 
A 1 68  ASP 68  68  68  ASP ASP A . n 
A 1 69  VAL 69  69  69  VAL VAL A . n 
A 1 70  VAL 70  70  70  VAL VAL A . n 
A 1 71  ILE 71  71  71  ILE ILE A . n 
A 1 72  GLY 72  72  72  GLY GLY A . n 
A 1 73  LEU 73  73  73  LEU LEU A . n 
A 1 74  ILE 74  74  74  ILE ILE A . n 
A 1 75  GLN 75  75  75  GLN GLN A . n 
A 1 76  SER 76  76  76  SER SER A . n 
A 1 77  VAL 77  77  77  VAL VAL A . n 
A 1 78  GLY 78  78  78  GLY GLY A . n 
A 1 79  ILE 79  79  79  ILE ILE A . n 
A 1 80  MET 80  80  80  MET MET A . n 
A 1 81  ASN 81  81  81  ASN ASN A . n 
A 1 82  TRP 82  82  82  TRP TRP A . n 
A 1 83  PHE 83  83  83  PHE PHE A . n 
A 1 84  VAL 84  84  84  VAL VAL A . n 
A 1 85  ASP 85  85  85  ASP ASP A . n 
A 1 86  ILE 86  86  86  ILE ILE A . n 
A 1 87  ASN 87  87  87  ASN ASN A . n 
A 1 88  SER 88  88  88  SER SER A . n 
A 1 89  PRO 89  89  89  PRO PRO A . n 
A 1 90  TYR 90  90  90  TYR TYR A . n 
A 1 91  VAL 91  91  91  VAL VAL A . n 
A 1 92  ALA 92  92  92  ALA ALA A . n 
A 1 93  VAL 93  93  93  VAL VAL A . n 
A 1 94  LEU 94  94  94  LEU LEU A . n 
A 1 95  SER 95  95  95  SER SER A . n 
A 1 96  VAL 96  96  96  VAL VAL A . n 
A 1 97  GLN 97  97  97  GLN GLN A . n 
A 1 98  ASP 98  98  98  ASP ASP A . n 
A 1 99  PHE 99  99  99  PHE PHE A . n 
A 1 100 LEU 100 100 100 LEU LEU A . n 
A 1 101 GLY 101 101 101 GLY GLY A . n 
A 1 102 ARG 102 102 102 ARG ARG A . n 
A 1 103 PRO 103 103 103 PRO PRO A . n 
A 1 104 PHE 104 104 104 PHE PHE A . n 
A 1 105 ASN 105 105 105 ASN ASN A . n 
A 1 106 PRO 106 106 106 PRO PRO A . n 
A 1 107 ALA 107 107 107 ALA ALA A . n 
A 1 108 VAL 108 108 108 VAL VAL A . n 
A 1 109 ASP 109 109 109 ASP ASP A . n 
A 1 110 ASP 110 110 110 ASP ASP A . n 
A 1 111 MET 111 111 111 MET MET A . n 
A 1 112 GLN 112 112 112 GLN GLN A . n 
A 1 113 SER 113 113 113 SER SER A . n 
A 1 114 LEU 114 114 114 LEU LEU A . n 
A 1 115 LEU 115 115 115 LEU LEU A . n 
A 1 116 LYS 116 116 116 LYS LYS A . n 
A 1 117 VAL 117 117 117 VAL VAL A . n 
A 1 118 GLY 118 118 118 GLY GLY A . n 
A 1 119 ASP 119 119 119 ASP ASP A . n 
A 1 120 TYR 120 120 120 TYR TYR A . n 
A 1 121 ILE 121 121 121 ILE ILE A . n 
A 1 122 LYS 122 122 122 LYS LYS A . n 
A 1 123 ALA 123 123 123 ALA ALA A . n 
A 1 124 LYS 124 124 124 LYS LYS A . n 
A 1 125 VAL 125 125 125 VAL VAL A . n 
A 1 126 VAL 126 126 126 VAL VAL A . n 
A 1 127 ALA 127 127 127 ALA ALA A . n 
A 1 128 PHE 128 128 128 PHE PHE A . n 
A 1 129 ASP 129 129 129 ASP ASP A . n 
A 1 130 LYS 130 130 130 LYS LYS A . n 
A 1 131 THR 131 131 131 THR THR A . n 
A 1 132 ARG 132 132 132 ARG ARG A . n 
A 1 133 SER 133 133 133 SER SER A . n 
A 1 134 PRO 134 134 134 PRO PRO A . n 
A 1 135 LEU 135 135 135 LEU LEU A . n 
A 1 136 LEU 136 136 136 LEU LEU A . n 
A 1 137 THR 137 137 137 THR THR A . n 
A 1 138 VAL 138 138 138 VAL VAL A . n 
A 1 139 GLN 139 139 139 GLN GLN A . n 
A 1 140 GLY 140 140 140 GLY GLY A . n 
A 1 141 GLU 141 141 141 GLU GLU A . n 
A 1 142 GLY 142 142 142 GLY GLY A . n 
A 1 143 LEU 143 143 143 LEU LEU A . n 
A 1 144 GLY 144 144 144 GLY GLY A . n 
A 1 145 ARG 145 145 145 ARG ARG A . n 
A 1 146 ILE 146 146 146 ILE ILE A . n 
A 1 147 VAL 147 147 147 VAL VAL A . n 
A 1 148 ARG 148 148 148 ARG ARG A . n 
A 1 149 GLY 149 149 149 GLY GLY A . n 
A 1 150 LYS 150 150 150 LYS LYS A . n 
A 1 151 ILE 151 151 151 ILE ILE A . n 
A 1 152 VAL 152 152 152 VAL VAL A . n 
A 1 153 GLU 153 153 153 GLU GLU A . n 
A 1 154 ILE 154 154 154 ILE ILE A . n 
A 1 155 SER 155 155 155 SER SER A . n 
A 1 156 PRO 156 156 156 PRO PRO A . n 
A 1 157 ALA 157 157 157 ALA ALA A . n 
A 1 158 LYS 158 158 158 LYS LYS A . n 
A 1 159 VAL 159 159 159 VAL VAL A . n 
A 1 160 PRO 160 160 160 PRO PRO A . n 
A 1 161 ARG 161 161 161 ARG ARG A . n 
A 1 162 VAL 162 162 162 VAL VAL A . n 
A 1 163 ILE 163 163 163 ILE ILE A . n 
A 1 164 GLY 164 164 164 GLY GLY A . n 
A 1 165 ARG 165 165 165 ARG ARG A . n 
A 1 166 LYS 166 166 166 LYS LYS A . n 
A 1 167 MET 167 167 167 MET MET A . n 
A 1 168 SER 168 168 168 SER SER A . n 
A 1 169 MET 169 169 169 MET MET A . n 
A 1 170 LEU 170 170 170 LEU LEU A . n 
A 1 171 LYS 171 171 171 LYS LYS A . n 
A 1 172 THR 172 172 172 THR THR A . n 
A 1 173 LEU 173 173 173 LEU LEU A . n 
A 1 174 GLU 174 174 174 GLU GLU A . n 
A 1 175 GLU 175 175 175 GLU GLU A . n 
A 1 176 LYS 176 176 176 LYS LYS A . n 
A 1 177 THR 177 177 177 THR THR A . n 
A 1 178 GLU 178 178 178 GLU GLU A . n 
A 1 179 CYS 179 179 179 CYS CYS A . n 
A 1 180 LYS 180 180 180 LYS LYS A . n 
A 1 181 ILE 181 181 181 ILE ILE A . n 
A 1 182 PHE 182 182 182 PHE PHE A . n 
A 1 183 VAL 183 183 183 VAL VAL A . n 
A 1 184 ALA 184 184 184 ALA ALA A . n 
A 1 185 ARG 185 185 185 ARG ARG A . n 
A 1 186 ASN 186 186 186 ASN ASN A . n 
A 1 187 GLY 187 187 187 GLY GLY A . n 
A 1 188 ARG 188 188 188 ARG ARG A . n 
A 1 189 ILE 189 189 189 ILE ILE A . n 
A 1 190 HIS 190 190 190 HIS HIS A . n 
A 1 191 LEU 191 191 191 LEU LEU A . n 
A 1 192 GLU 192 192 192 GLU GLU A . n 
A 1 193 CYS 193 193 193 CYS CYS A . n 
A 1 194 PRO 194 194 194 PRO PRO A . n 
A 1 195 ASN 195 195 195 ASN ASN A . n 
A 1 196 GLU 196 196 196 GLU GLU A . n 
A 1 197 ASP 197 197 197 ASP ASP A . n 
A 1 198 LEU 198 198 198 LEU LEU A . n 
A 1 199 GLU 199 199 199 GLU GLU A . n 
A 1 200 ALA 200 200 200 ALA ALA A . n 
A 1 201 ILE 201 201 201 ILE ILE A . n 
A 1 202 ALA 202 202 202 ALA ALA A . n 
A 1 203 VAL 203 203 203 VAL VAL A . n 
A 1 204 MET 204 204 204 MET MET A . n 
A 1 205 ALA 205 205 205 ALA ALA A . n 
A 1 206 ILE 206 206 206 ILE ILE A . n 
A 1 207 LYS 207 207 207 LYS LYS A . n 
A 1 208 ILE 208 208 208 ILE ILE A . n 
A 1 209 ILE 209 209 209 ILE ILE A . n 
A 1 210 ASP 210 210 210 ASP ASP A . n 
A 1 211 GLU 211 211 211 GLU GLU A . n 
A 1 212 GLU 212 212 212 GLU GLU A . n 
A 1 213 ALA 213 213 213 ALA ALA A . n 
A 1 214 TYR 214 214 214 TYR TYR A . n 
A 1 215 THR 215 215 215 THR THR A . n 
A 1 216 SER 216 216 216 SER SER A . n 
A 1 217 GLY 217 217 217 GLY GLY A . n 
A 1 218 LEU 218 218 218 LEU LEU A . n 
A 1 219 THR 219 219 219 THR THR A . n 
A 1 220 LYS 220 220 220 LYS LYS A . n 
A 1 221 ARG 221 221 221 ARG ARG A . n 
A 1 222 ILE 222 222 222 ILE ILE A . n 
A 1 223 ILE 223 223 223 ILE ILE A . n 
A 1 224 LYS 224 224 224 LYS LYS A . n 
A 1 225 PHE 225 225 225 PHE PHE A . n 
A 1 226 ILE 226 226 226 ILE ILE A . n 
A 1 227 GLU 227 227 227 GLU GLU A . n 
A 1 228 GLU 228 228 228 GLU GLU A . n 
A 1 229 GLU 229 229 229 GLU GLU A . n 
A 1 230 ARG 230 230 230 ARG ARG A . n 
A 1 231 ARG 231 231 231 ARG ARG A . n 
A 1 232 ILE 232 232 232 ILE ILE A . n 
A 1 233 ARG 233 233 233 ARG ARG A . n 
A 1 234 GLU 234 234 234 GLU GLU A . n 
A 1 235 VAL 235 235 ?   ?   ?   A . n 
# 
_pdbx_SG_project.id                    1 
_pdbx_SG_project.project_name          'NPPSFA, National Project on Protein Structural and Functional Analyses' 
_pdbx_SG_project.full_name_of_center   'RIKEN Structural Genomics/Proteomics Initiative' 
_pdbx_SG_project.initial_of_center     RSGI 
# 
_pdbx_struct_assembly.id                   1 
_pdbx_struct_assembly.details              author_and_software_defined_assembly 
_pdbx_struct_assembly.method_details       PISA 
_pdbx_struct_assembly.oligomeric_details   monomeric 
_pdbx_struct_assembly.oligomeric_count     1 
# 
_pdbx_struct_assembly_gen.assembly_id       1 
_pdbx_struct_assembly_gen.oper_expression   1 
_pdbx_struct_assembly_gen.asym_id_list      A 
# 
_pdbx_struct_oper_list.id                   1 
_pdbx_struct_oper_list.type                 'identity operation' 
_pdbx_struct_oper_list.name                 1_555 
_pdbx_struct_oper_list.symmetry_operation   x,y,z 
_pdbx_struct_oper_list.matrix[1][1]         1.0000000000 
_pdbx_struct_oper_list.matrix[1][2]         0.0000000000 
_pdbx_struct_oper_list.matrix[1][3]         0.0000000000 
_pdbx_struct_oper_list.vector[1]            0.0000000000 
_pdbx_struct_oper_list.matrix[2][1]         0.0000000000 
_pdbx_struct_oper_list.matrix[2][2]         1.0000000000 
_pdbx_struct_oper_list.matrix[2][3]         0.0000000000 
_pdbx_struct_oper_list.vector[2]            0.0000000000 
_pdbx_struct_oper_list.matrix[3][1]         0.0000000000 
_pdbx_struct_oper_list.matrix[3][2]         0.0000000000 
_pdbx_struct_oper_list.matrix[3][3]         1.0000000000 
_pdbx_struct_oper_list.vector[3]            0.0000000000 
# 
loop_
_pdbx_audit_revision_history.ordinal 
_pdbx_audit_revision_history.data_content_type 
_pdbx_audit_revision_history.major_revision 
_pdbx_audit_revision_history.minor_revision 
_pdbx_audit_revision_history.revision_date 
1 'Structure model' 1 0 2007-11-13 
2 'Structure model' 1 1 2011-07-13 
3 'Structure model' 1 2 2023-11-01 
# 
_pdbx_audit_revision_details.ordinal             1 
_pdbx_audit_revision_details.revision_ordinal    1 
_pdbx_audit_revision_details.data_content_type   'Structure model' 
_pdbx_audit_revision_details.provider            repository 
_pdbx_audit_revision_details.type                'Initial release' 
_pdbx_audit_revision_details.description         ? 
_pdbx_audit_revision_details.details             ? 
# 
loop_
_pdbx_audit_revision_group.ordinal 
_pdbx_audit_revision_group.revision_ordinal 
_pdbx_audit_revision_group.data_content_type 
_pdbx_audit_revision_group.group 
1 2 'Structure model' 'Version format compliance' 
2 3 'Structure model' 'Data collection'           
3 3 'Structure model' 'Database references'       
4 3 'Structure model' 'Refinement description'    
# 
loop_
_pdbx_audit_revision_category.ordinal 
_pdbx_audit_revision_category.revision_ordinal 
_pdbx_audit_revision_category.data_content_type 
_pdbx_audit_revision_category.category 
1 3 'Structure model' chem_comp_atom                
2 3 'Structure model' chem_comp_bond                
3 3 'Structure model' database_2                    
4 3 'Structure model' pdbx_initial_refinement_model 
# 
loop_
_pdbx_audit_revision_item.ordinal 
_pdbx_audit_revision_item.revision_ordinal 
_pdbx_audit_revision_item.data_content_type 
_pdbx_audit_revision_item.item 
1 3 'Structure model' '_database_2.pdbx_DOI'                
2 3 'Structure model' '_database_2.pdbx_database_accession' 
# 
loop_
_software.name 
_software.classification 
_software.version 
_software.citation_id 
_software.pdbx_ordinal 
CNS      refinement       1.1 ? 1 
HKL-2000 'data reduction' .   ? 2 
HKL-2000 'data scaling'   .   ? 3 
MOLREP   phasing          .   ? 4 
# 
loop_
_pdbx_validate_torsion.id 
_pdbx_validate_torsion.PDB_model_num 
_pdbx_validate_torsion.auth_comp_id 
_pdbx_validate_torsion.auth_asym_id 
_pdbx_validate_torsion.auth_seq_id 
_pdbx_validate_torsion.PDB_ins_code 
_pdbx_validate_torsion.label_alt_id 
_pdbx_validate_torsion.phi 
_pdbx_validate_torsion.psi 
1  1 ALA A 66  ? ? -25.52  91.49   
2  1 PRO A 106 ? ? -36.98  -27.84  
3  1 ALA A 107 ? ? -77.89  -102.19 
4  1 ASP A 109 ? ? 164.34  -76.68  
5  1 ASP A 110 ? ? -22.31  132.36  
6  1 MET A 111 ? ? -169.91 84.76   
7  1 SER A 113 ? ? -161.57 20.71   
8  1 ALA A 127 ? ? -177.27 -177.38 
9  1 LYS A 130 ? ? -58.86  23.59   
10 1 ARG A 132 ? ? 82.63   0.67    
11 1 GLU A 141 ? ? -27.12  -78.39  
12 1 VAL A 147 ? ? -79.02  -98.58  
13 1 ARG A 185 ? ? -49.15  -9.16   
14 1 ASN A 195 ? ? -171.34 122.77  
15 1 SER A 216 ? ? -30.40  -82.40  
# 
loop_
_pdbx_unobs_or_zero_occ_residues.id 
_pdbx_unobs_or_zero_occ_residues.PDB_model_num 
_pdbx_unobs_or_zero_occ_residues.polymer_flag 
_pdbx_unobs_or_zero_occ_residues.occupancy_flag 
_pdbx_unobs_or_zero_occ_residues.auth_asym_id 
_pdbx_unobs_or_zero_occ_residues.auth_comp_id 
_pdbx_unobs_or_zero_occ_residues.auth_seq_id 
_pdbx_unobs_or_zero_occ_residues.PDB_ins_code 
_pdbx_unobs_or_zero_occ_residues.label_asym_id 
_pdbx_unobs_or_zero_occ_residues.label_comp_id 
_pdbx_unobs_or_zero_occ_residues.label_seq_id 
1  1 Y 1 A MET 1   ? A MET 1   
2  1 Y 1 A SER 2   ? A SER 2   
3  1 Y 1 A SER 3   ? A SER 3   
4  1 Y 1 A GLU 4   ? A GLU 4   
5  1 Y 1 A ARG 5   ? A ARG 5   
6  1 Y 1 A GLN 6   ? A GLN 6   
7  1 Y 1 A LEU 7   ? A LEU 7   
8  1 Y 1 A ALA 8   ? A ALA 8   
9  1 Y 1 A GLY 9   ? A GLY 9   
10 1 Y 1 A ARG 10  ? A ARG 10  
11 1 Y 1 A ILE 11  ? A ILE 11  
12 1 Y 1 A VAL 12  ? A VAL 12  
13 1 Y 1 A VAL 13  ? A VAL 13  
14 1 Y 1 A PRO 14  ? A PRO 14  
15 1 Y 1 A GLY 15  ? A GLY 15  
16 1 Y 1 A GLU 16  ? A GLU 16  
17 1 Y 1 A PRO 17  ? A PRO 17  
18 1 Y 1 A LEU 18  ? A LEU 18  
19 1 Y 1 A PRO 19  ? A PRO 19  
20 1 Y 1 A GLU 20  ? A GLU 20  
21 1 Y 1 A GLU 21  ? A GLU 21  
22 1 Y 1 A VAL 22  ? A VAL 22  
23 1 Y 1 A GLU 23  ? A GLU 23  
24 1 Y 1 A ALA 24  ? A ALA 24  
25 1 Y 1 A SER 25  ? A SER 25  
26 1 Y 1 A PRO 26  ? A PRO 26  
27 1 Y 1 A PRO 27  ? A PRO 27  
28 1 Y 1 A TYR 28  ? A TYR 28  
29 1 Y 1 A VAL 29  ? A VAL 29  
30 1 Y 1 A ILE 30  ? A ILE 30  
31 1 Y 1 A ASP 31  ? A ASP 31  
32 1 Y 1 A TYR 32  ? A TYR 32  
33 1 Y 1 A LYS 33  ? A LYS 33  
34 1 Y 1 A GLY 34  ? A GLY 34  
35 1 Y 1 A VAL 35  ? A VAL 35  
36 1 Y 1 A LYS 36  ? A LYS 36  
37 1 Y 1 A ARG 37  ? A ARG 37  
38 1 Y 1 A ALA 38  ? A ALA 38  
39 1 Y 1 A THR 39  ? A THR 39  
40 1 Y 1 A VAL 40  ? A VAL 40  
41 1 Y 1 A VAL 41  ? A VAL 41  
42 1 Y 1 A GLY 42  ? A GLY 42  
43 1 Y 1 A LEU 43  ? A LEU 43  
44 1 Y 1 A LEU 44  ? A LEU 44  
45 1 Y 1 A ARG 45  ? A ARG 45  
46 1 Y 1 A GLU 46  ? A GLU 46  
47 1 Y 1 A LYS 47  ? A LYS 47  
48 1 Y 1 A GLY 48  ? A GLY 48  
49 1 Y 1 A ASP 49  ? A ASP 49  
50 1 Y 1 A GLY 50  ? A GLY 50  
51 1 Y 1 A GLY 51  ? A GLY 51  
52 1 Y 1 A GLY 52  ? A GLY 52  
53 1 Y 1 A ARG 53  ? A ARG 53  
54 1 Y 1 A ALA 54  ? A ALA 54  
55 1 Y 1 A PHE 55  ? A PHE 55  
56 1 Y 1 A VAL 56  ? A VAL 56  
57 1 Y 1 A LYS 57  ? A LYS 57  
58 1 Y 1 A LEU 58  ? A LEU 58  
59 1 Y 1 A LYS 59  ? A LYS 59  
60 1 Y 1 A VAL 235 ? A VAL 235 
# 
loop_
_chem_comp_atom.comp_id 
_chem_comp_atom.atom_id 
_chem_comp_atom.type_symbol 
_chem_comp_atom.pdbx_aromatic_flag 
_chem_comp_atom.pdbx_stereo_config 
_chem_comp_atom.pdbx_ordinal 
ALA N    N N N 1   
ALA CA   C N S 2   
ALA C    C N N 3   
ALA O    O N N 4   
ALA CB   C N N 5   
ALA OXT  O N N 6   
ALA H    H N N 7   
ALA H2   H N N 8   
ALA HA   H N N 9   
ALA HB1  H N N 10  
ALA HB2  H N N 11  
ALA HB3  H N N 12  
ALA HXT  H N N 13  
ARG N    N N N 14  
ARG CA   C N S 15  
ARG C    C N N 16  
ARG O    O N N 17  
ARG CB   C N N 18  
ARG CG   C N N 19  
ARG CD   C N N 20  
ARG NE   N N N 21  
ARG CZ   C N N 22  
ARG NH1  N N N 23  
ARG NH2  N N N 24  
ARG OXT  O N N 25  
ARG H    H N N 26  
ARG H2   H N N 27  
ARG HA   H N N 28  
ARG HB2  H N N 29  
ARG HB3  H N N 30  
ARG HG2  H N N 31  
ARG HG3  H N N 32  
ARG HD2  H N N 33  
ARG HD3  H N N 34  
ARG HE   H N N 35  
ARG HH11 H N N 36  
ARG HH12 H N N 37  
ARG HH21 H N N 38  
ARG HH22 H N N 39  
ARG HXT  H N N 40  
ASN N    N N N 41  
ASN CA   C N S 42  
ASN C    C N N 43  
ASN O    O N N 44  
ASN CB   C N N 45  
ASN CG   C N N 46  
ASN OD1  O N N 47  
ASN ND2  N N N 48  
ASN OXT  O N N 49  
ASN H    H N N 50  
ASN H2   H N N 51  
ASN HA   H N N 52  
ASN HB2  H N N 53  
ASN HB3  H N N 54  
ASN HD21 H N N 55  
ASN HD22 H N N 56  
ASN HXT  H N N 57  
ASP N    N N N 58  
ASP CA   C N S 59  
ASP C    C N N 60  
ASP O    O N N 61  
ASP CB   C N N 62  
ASP CG   C N N 63  
ASP OD1  O N N 64  
ASP OD2  O N N 65  
ASP OXT  O N N 66  
ASP H    H N N 67  
ASP H2   H N N 68  
ASP HA   H N N 69  
ASP HB2  H N N 70  
ASP HB3  H N N 71  
ASP HD2  H N N 72  
ASP HXT  H N N 73  
CYS N    N N N 74  
CYS CA   C N R 75  
CYS C    C N N 76  
CYS O    O N N 77  
CYS CB   C N N 78  
CYS SG   S N N 79  
CYS OXT  O N N 80  
CYS H    H N N 81  
CYS H2   H N N 82  
CYS HA   H N N 83  
CYS HB2  H N N 84  
CYS HB3  H N N 85  
CYS HG   H N N 86  
CYS HXT  H N N 87  
GLN N    N N N 88  
GLN CA   C N S 89  
GLN C    C N N 90  
GLN O    O N N 91  
GLN CB   C N N 92  
GLN CG   C N N 93  
GLN CD   C N N 94  
GLN OE1  O N N 95  
GLN NE2  N N N 96  
GLN OXT  O N N 97  
GLN H    H N N 98  
GLN H2   H N N 99  
GLN HA   H N N 100 
GLN HB2  H N N 101 
GLN HB3  H N N 102 
GLN HG2  H N N 103 
GLN HG3  H N N 104 
GLN HE21 H N N 105 
GLN HE22 H N N 106 
GLN HXT  H N N 107 
GLU N    N N N 108 
GLU CA   C N S 109 
GLU C    C N N 110 
GLU O    O N N 111 
GLU CB   C N N 112 
GLU CG   C N N 113 
GLU CD   C N N 114 
GLU OE1  O N N 115 
GLU OE2  O N N 116 
GLU OXT  O N N 117 
GLU H    H N N 118 
GLU H2   H N N 119 
GLU HA   H N N 120 
GLU HB2  H N N 121 
GLU HB3  H N N 122 
GLU HG2  H N N 123 
GLU HG3  H N N 124 
GLU HE2  H N N 125 
GLU HXT  H N N 126 
GLY N    N N N 127 
GLY CA   C N N 128 
GLY C    C N N 129 
GLY O    O N N 130 
GLY OXT  O N N 131 
GLY H    H N N 132 
GLY H2   H N N 133 
GLY HA2  H N N 134 
GLY HA3  H N N 135 
GLY HXT  H N N 136 
HIS N    N N N 137 
HIS CA   C N S 138 
HIS C    C N N 139 
HIS O    O N N 140 
HIS CB   C N N 141 
HIS CG   C Y N 142 
HIS ND1  N Y N 143 
HIS CD2  C Y N 144 
HIS CE1  C Y N 145 
HIS NE2  N Y N 146 
HIS OXT  O N N 147 
HIS H    H N N 148 
HIS H2   H N N 149 
HIS HA   H N N 150 
HIS HB2  H N N 151 
HIS HB3  H N N 152 
HIS HD1  H N N 153 
HIS HD2  H N N 154 
HIS HE1  H N N 155 
HIS HE2  H N N 156 
HIS HXT  H N N 157 
ILE N    N N N 158 
ILE CA   C N S 159 
ILE C    C N N 160 
ILE O    O N N 161 
ILE CB   C N S 162 
ILE CG1  C N N 163 
ILE CG2  C N N 164 
ILE CD1  C N N 165 
ILE OXT  O N N 166 
ILE H    H N N 167 
ILE H2   H N N 168 
ILE HA   H N N 169 
ILE HB   H N N 170 
ILE HG12 H N N 171 
ILE HG13 H N N 172 
ILE HG21 H N N 173 
ILE HG22 H N N 174 
ILE HG23 H N N 175 
ILE HD11 H N N 176 
ILE HD12 H N N 177 
ILE HD13 H N N 178 
ILE HXT  H N N 179 
LEU N    N N N 180 
LEU CA   C N S 181 
LEU C    C N N 182 
LEU O    O N N 183 
LEU CB   C N N 184 
LEU CG   C N N 185 
LEU CD1  C N N 186 
LEU CD2  C N N 187 
LEU OXT  O N N 188 
LEU H    H N N 189 
LEU H2   H N N 190 
LEU HA   H N N 191 
LEU HB2  H N N 192 
LEU HB3  H N N 193 
LEU HG   H N N 194 
LEU HD11 H N N 195 
LEU HD12 H N N 196 
LEU HD13 H N N 197 
LEU HD21 H N N 198 
LEU HD22 H N N 199 
LEU HD23 H N N 200 
LEU HXT  H N N 201 
LYS N    N N N 202 
LYS CA   C N S 203 
LYS C    C N N 204 
LYS O    O N N 205 
LYS CB   C N N 206 
LYS CG   C N N 207 
LYS CD   C N N 208 
LYS CE   C N N 209 
LYS NZ   N N N 210 
LYS OXT  O N N 211 
LYS H    H N N 212 
LYS H2   H N N 213 
LYS HA   H N N 214 
LYS HB2  H N N 215 
LYS HB3  H N N 216 
LYS HG2  H N N 217 
LYS HG3  H N N 218 
LYS HD2  H N N 219 
LYS HD3  H N N 220 
LYS HE2  H N N 221 
LYS HE3  H N N 222 
LYS HZ1  H N N 223 
LYS HZ2  H N N 224 
LYS HZ3  H N N 225 
LYS HXT  H N N 226 
MET N    N N N 227 
MET CA   C N S 228 
MET C    C N N 229 
MET O    O N N 230 
MET CB   C N N 231 
MET CG   C N N 232 
MET SD   S N N 233 
MET CE   C N N 234 
MET OXT  O N N 235 
MET H    H N N 236 
MET H2   H N N 237 
MET HA   H N N 238 
MET HB2  H N N 239 
MET HB3  H N N 240 
MET HG2  H N N 241 
MET HG3  H N N 242 
MET HE1  H N N 243 
MET HE2  H N N 244 
MET HE3  H N N 245 
MET HXT  H N N 246 
PHE N    N N N 247 
PHE CA   C N S 248 
PHE C    C N N 249 
PHE O    O N N 250 
PHE CB   C N N 251 
PHE CG   C Y N 252 
PHE CD1  C Y N 253 
PHE CD2  C Y N 254 
PHE CE1  C Y N 255 
PHE CE2  C Y N 256 
PHE CZ   C Y N 257 
PHE OXT  O N N 258 
PHE H    H N N 259 
PHE H2   H N N 260 
PHE HA   H N N 261 
PHE HB2  H N N 262 
PHE HB3  H N N 263 
PHE HD1  H N N 264 
PHE HD2  H N N 265 
PHE HE1  H N N 266 
PHE HE2  H N N 267 
PHE HZ   H N N 268 
PHE HXT  H N N 269 
PRO N    N N N 270 
PRO CA   C N S 271 
PRO C    C N N 272 
PRO O    O N N 273 
PRO CB   C N N 274 
PRO CG   C N N 275 
PRO CD   C N N 276 
PRO OXT  O N N 277 
PRO H    H N N 278 
PRO HA   H N N 279 
PRO HB2  H N N 280 
PRO HB3  H N N 281 
PRO HG2  H N N 282 
PRO HG3  H N N 283 
PRO HD2  H N N 284 
PRO HD3  H N N 285 
PRO HXT  H N N 286 
SER N    N N N 287 
SER CA   C N S 288 
SER C    C N N 289 
SER O    O N N 290 
SER CB   C N N 291 
SER OG   O N N 292 
SER OXT  O N N 293 
SER H    H N N 294 
SER H2   H N N 295 
SER HA   H N N 296 
SER HB2  H N N 297 
SER HB3  H N N 298 
SER HG   H N N 299 
SER HXT  H N N 300 
THR N    N N N 301 
THR CA   C N S 302 
THR C    C N N 303 
THR O    O N N 304 
THR CB   C N R 305 
THR OG1  O N N 306 
THR CG2  C N N 307 
THR OXT  O N N 308 
THR H    H N N 309 
THR H2   H N N 310 
THR HA   H N N 311 
THR HB   H N N 312 
THR HG1  H N N 313 
THR HG21 H N N 314 
THR HG22 H N N 315 
THR HG23 H N N 316 
THR HXT  H N N 317 
TRP N    N N N 318 
TRP CA   C N S 319 
TRP C    C N N 320 
TRP O    O N N 321 
TRP CB   C N N 322 
TRP CG   C Y N 323 
TRP CD1  C Y N 324 
TRP CD2  C Y N 325 
TRP NE1  N Y N 326 
TRP CE2  C Y N 327 
TRP CE3  C Y N 328 
TRP CZ2  C Y N 329 
TRP CZ3  C Y N 330 
TRP CH2  C Y N 331 
TRP OXT  O N N 332 
TRP H    H N N 333 
TRP H2   H N N 334 
TRP HA   H N N 335 
TRP HB2  H N N 336 
TRP HB3  H N N 337 
TRP HD1  H N N 338 
TRP HE1  H N N 339 
TRP HE3  H N N 340 
TRP HZ2  H N N 341 
TRP HZ3  H N N 342 
TRP HH2  H N N 343 
TRP HXT  H N N 344 
TYR N    N N N 345 
TYR CA   C N S 346 
TYR C    C N N 347 
TYR O    O N N 348 
TYR CB   C N N 349 
TYR CG   C Y N 350 
TYR CD1  C Y N 351 
TYR CD2  C Y N 352 
TYR CE1  C Y N 353 
TYR CE2  C Y N 354 
TYR CZ   C Y N 355 
TYR OH   O N N 356 
TYR OXT  O N N 357 
TYR H    H N N 358 
TYR H2   H N N 359 
TYR HA   H N N 360 
TYR HB2  H N N 361 
TYR HB3  H N N 362 
TYR HD1  H N N 363 
TYR HD2  H N N 364 
TYR HE1  H N N 365 
TYR HE2  H N N 366 
TYR HH   H N N 367 
TYR HXT  H N N 368 
VAL N    N N N 369 
VAL CA   C N S 370 
VAL C    C N N 371 
VAL O    O N N 372 
VAL CB   C N N 373 
VAL CG1  C N N 374 
VAL CG2  C N N 375 
VAL OXT  O N N 376 
VAL H    H N N 377 
VAL H2   H N N 378 
VAL HA   H N N 379 
VAL HB   H N N 380 
VAL HG11 H N N 381 
VAL HG12 H N N 382 
VAL HG13 H N N 383 
VAL HG21 H N N 384 
VAL HG22 H N N 385 
VAL HG23 H N N 386 
VAL HXT  H N N 387 
# 
loop_
_chem_comp_bond.comp_id 
_chem_comp_bond.atom_id_1 
_chem_comp_bond.atom_id_2 
_chem_comp_bond.value_order 
_chem_comp_bond.pdbx_aromatic_flag 
_chem_comp_bond.pdbx_stereo_config 
_chem_comp_bond.pdbx_ordinal 
ALA N   CA   sing N N 1   
ALA N   H    sing N N 2   
ALA N   H2   sing N N 3   
ALA CA  C    sing N N 4   
ALA CA  CB   sing N N 5   
ALA CA  HA   sing N N 6   
ALA C   O    doub N N 7   
ALA C   OXT  sing N N 8   
ALA CB  HB1  sing N N 9   
ALA CB  HB2  sing N N 10  
ALA CB  HB3  sing N N 11  
ALA OXT HXT  sing N N 12  
ARG N   CA   sing N N 13  
ARG N   H    sing N N 14  
ARG N   H2   sing N N 15  
ARG CA  C    sing N N 16  
ARG CA  CB   sing N N 17  
ARG CA  HA   sing N N 18  
ARG C   O    doub N N 19  
ARG C   OXT  sing N N 20  
ARG CB  CG   sing N N 21  
ARG CB  HB2  sing N N 22  
ARG CB  HB3  sing N N 23  
ARG CG  CD   sing N N 24  
ARG CG  HG2  sing N N 25  
ARG CG  HG3  sing N N 26  
ARG CD  NE   sing N N 27  
ARG CD  HD2  sing N N 28  
ARG CD  HD3  sing N N 29  
ARG NE  CZ   sing N N 30  
ARG NE  HE   sing N N 31  
ARG CZ  NH1  sing N N 32  
ARG CZ  NH2  doub N N 33  
ARG NH1 HH11 sing N N 34  
ARG NH1 HH12 sing N N 35  
ARG NH2 HH21 sing N N 36  
ARG NH2 HH22 sing N N 37  
ARG OXT HXT  sing N N 38  
ASN N   CA   sing N N 39  
ASN N   H    sing N N 40  
ASN N   H2   sing N N 41  
ASN CA  C    sing N N 42  
ASN CA  CB   sing N N 43  
ASN CA  HA   sing N N 44  
ASN C   O    doub N N 45  
ASN C   OXT  sing N N 46  
ASN CB  CG   sing N N 47  
ASN CB  HB2  sing N N 48  
ASN CB  HB3  sing N N 49  
ASN CG  OD1  doub N N 50  
ASN CG  ND2  sing N N 51  
ASN ND2 HD21 sing N N 52  
ASN ND2 HD22 sing N N 53  
ASN OXT HXT  sing N N 54  
ASP N   CA   sing N N 55  
ASP N   H    sing N N 56  
ASP N   H2   sing N N 57  
ASP CA  C    sing N N 58  
ASP CA  CB   sing N N 59  
ASP CA  HA   sing N N 60  
ASP C   O    doub N N 61  
ASP C   OXT  sing N N 62  
ASP CB  CG   sing N N 63  
ASP CB  HB2  sing N N 64  
ASP CB  HB3  sing N N 65  
ASP CG  OD1  doub N N 66  
ASP CG  OD2  sing N N 67  
ASP OD2 HD2  sing N N 68  
ASP OXT HXT  sing N N 69  
CYS N   CA   sing N N 70  
CYS N   H    sing N N 71  
CYS N   H2   sing N N 72  
CYS CA  C    sing N N 73  
CYS CA  CB   sing N N 74  
CYS CA  HA   sing N N 75  
CYS C   O    doub N N 76  
CYS C   OXT  sing N N 77  
CYS CB  SG   sing N N 78  
CYS CB  HB2  sing N N 79  
CYS CB  HB3  sing N N 80  
CYS SG  HG   sing N N 81  
CYS OXT HXT  sing N N 82  
GLN N   CA   sing N N 83  
GLN N   H    sing N N 84  
GLN N   H2   sing N N 85  
GLN CA  C    sing N N 86  
GLN CA  CB   sing N N 87  
GLN CA  HA   sing N N 88  
GLN C   O    doub N N 89  
GLN C   OXT  sing N N 90  
GLN CB  CG   sing N N 91  
GLN CB  HB2  sing N N 92  
GLN CB  HB3  sing N N 93  
GLN CG  CD   sing N N 94  
GLN CG  HG2  sing N N 95  
GLN CG  HG3  sing N N 96  
GLN CD  OE1  doub N N 97  
GLN CD  NE2  sing N N 98  
GLN NE2 HE21 sing N N 99  
GLN NE2 HE22 sing N N 100 
GLN OXT HXT  sing N N 101 
GLU N   CA   sing N N 102 
GLU N   H    sing N N 103 
GLU N   H2   sing N N 104 
GLU CA  C    sing N N 105 
GLU CA  CB   sing N N 106 
GLU CA  HA   sing N N 107 
GLU C   O    doub N N 108 
GLU C   OXT  sing N N 109 
GLU CB  CG   sing N N 110 
GLU CB  HB2  sing N N 111 
GLU CB  HB3  sing N N 112 
GLU CG  CD   sing N N 113 
GLU CG  HG2  sing N N 114 
GLU CG  HG3  sing N N 115 
GLU CD  OE1  doub N N 116 
GLU CD  OE2  sing N N 117 
GLU OE2 HE2  sing N N 118 
GLU OXT HXT  sing N N 119 
GLY N   CA   sing N N 120 
GLY N   H    sing N N 121 
GLY N   H2   sing N N 122 
GLY CA  C    sing N N 123 
GLY CA  HA2  sing N N 124 
GLY CA  HA3  sing N N 125 
GLY C   O    doub N N 126 
GLY C   OXT  sing N N 127 
GLY OXT HXT  sing N N 128 
HIS N   CA   sing N N 129 
HIS N   H    sing N N 130 
HIS N   H2   sing N N 131 
HIS CA  C    sing N N 132 
HIS CA  CB   sing N N 133 
HIS CA  HA   sing N N 134 
HIS C   O    doub N N 135 
HIS C   OXT  sing N N 136 
HIS CB  CG   sing N N 137 
HIS CB  HB2  sing N N 138 
HIS CB  HB3  sing N N 139 
HIS CG  ND1  sing Y N 140 
HIS CG  CD2  doub Y N 141 
HIS ND1 CE1  doub Y N 142 
HIS ND1 HD1  sing N N 143 
HIS CD2 NE2  sing Y N 144 
HIS CD2 HD2  sing N N 145 
HIS CE1 NE2  sing Y N 146 
HIS CE1 HE1  sing N N 147 
HIS NE2 HE2  sing N N 148 
HIS OXT HXT  sing N N 149 
ILE N   CA   sing N N 150 
ILE N   H    sing N N 151 
ILE N   H2   sing N N 152 
ILE CA  C    sing N N 153 
ILE CA  CB   sing N N 154 
ILE CA  HA   sing N N 155 
ILE C   O    doub N N 156 
ILE C   OXT  sing N N 157 
ILE CB  CG1  sing N N 158 
ILE CB  CG2  sing N N 159 
ILE CB  HB   sing N N 160 
ILE CG1 CD1  sing N N 161 
ILE CG1 HG12 sing N N 162 
ILE CG1 HG13 sing N N 163 
ILE CG2 HG21 sing N N 164 
ILE CG2 HG22 sing N N 165 
ILE CG2 HG23 sing N N 166 
ILE CD1 HD11 sing N N 167 
ILE CD1 HD12 sing N N 168 
ILE CD1 HD13 sing N N 169 
ILE OXT HXT  sing N N 170 
LEU N   CA   sing N N 171 
LEU N   H    sing N N 172 
LEU N   H2   sing N N 173 
LEU CA  C    sing N N 174 
LEU CA  CB   sing N N 175 
LEU CA  HA   sing N N 176 
LEU C   O    doub N N 177 
LEU C   OXT  sing N N 178 
LEU CB  CG   sing N N 179 
LEU CB  HB2  sing N N 180 
LEU CB  HB3  sing N N 181 
LEU CG  CD1  sing N N 182 
LEU CG  CD2  sing N N 183 
LEU CG  HG   sing N N 184 
LEU CD1 HD11 sing N N 185 
LEU CD1 HD12 sing N N 186 
LEU CD1 HD13 sing N N 187 
LEU CD2 HD21 sing N N 188 
LEU CD2 HD22 sing N N 189 
LEU CD2 HD23 sing N N 190 
LEU OXT HXT  sing N N 191 
LYS N   CA   sing N N 192 
LYS N   H    sing N N 193 
LYS N   H2   sing N N 194 
LYS CA  C    sing N N 195 
LYS CA  CB   sing N N 196 
LYS CA  HA   sing N N 197 
LYS C   O    doub N N 198 
LYS C   OXT  sing N N 199 
LYS CB  CG   sing N N 200 
LYS CB  HB2  sing N N 201 
LYS CB  HB3  sing N N 202 
LYS CG  CD   sing N N 203 
LYS CG  HG2  sing N N 204 
LYS CG  HG3  sing N N 205 
LYS CD  CE   sing N N 206 
LYS CD  HD2  sing N N 207 
LYS CD  HD3  sing N N 208 
LYS CE  NZ   sing N N 209 
LYS CE  HE2  sing N N 210 
LYS CE  HE3  sing N N 211 
LYS NZ  HZ1  sing N N 212 
LYS NZ  HZ2  sing N N 213 
LYS NZ  HZ3  sing N N 214 
LYS OXT HXT  sing N N 215 
MET N   CA   sing N N 216 
MET N   H    sing N N 217 
MET N   H2   sing N N 218 
MET CA  C    sing N N 219 
MET CA  CB   sing N N 220 
MET CA  HA   sing N N 221 
MET C   O    doub N N 222 
MET C   OXT  sing N N 223 
MET CB  CG   sing N N 224 
MET CB  HB2  sing N N 225 
MET CB  HB3  sing N N 226 
MET CG  SD   sing N N 227 
MET CG  HG2  sing N N 228 
MET CG  HG3  sing N N 229 
MET SD  CE   sing N N 230 
MET CE  HE1  sing N N 231 
MET CE  HE2  sing N N 232 
MET CE  HE3  sing N N 233 
MET OXT HXT  sing N N 234 
PHE N   CA   sing N N 235 
PHE N   H    sing N N 236 
PHE N   H2   sing N N 237 
PHE CA  C    sing N N 238 
PHE CA  CB   sing N N 239 
PHE CA  HA   sing N N 240 
PHE C   O    doub N N 241 
PHE C   OXT  sing N N 242 
PHE CB  CG   sing N N 243 
PHE CB  HB2  sing N N 244 
PHE CB  HB3  sing N N 245 
PHE CG  CD1  doub Y N 246 
PHE CG  CD2  sing Y N 247 
PHE CD1 CE1  sing Y N 248 
PHE CD1 HD1  sing N N 249 
PHE CD2 CE2  doub Y N 250 
PHE CD2 HD2  sing N N 251 
PHE CE1 CZ   doub Y N 252 
PHE CE1 HE1  sing N N 253 
PHE CE2 CZ   sing Y N 254 
PHE CE2 HE2  sing N N 255 
PHE CZ  HZ   sing N N 256 
PHE OXT HXT  sing N N 257 
PRO N   CA   sing N N 258 
PRO N   CD   sing N N 259 
PRO N   H    sing N N 260 
PRO CA  C    sing N N 261 
PRO CA  CB   sing N N 262 
PRO CA  HA   sing N N 263 
PRO C   O    doub N N 264 
PRO C   OXT  sing N N 265 
PRO CB  CG   sing N N 266 
PRO CB  HB2  sing N N 267 
PRO CB  HB3  sing N N 268 
PRO CG  CD   sing N N 269 
PRO CG  HG2  sing N N 270 
PRO CG  HG3  sing N N 271 
PRO CD  HD2  sing N N 272 
PRO CD  HD3  sing N N 273 
PRO OXT HXT  sing N N 274 
SER N   CA   sing N N 275 
SER N   H    sing N N 276 
SER N   H2   sing N N 277 
SER CA  C    sing N N 278 
SER CA  CB   sing N N 279 
SER CA  HA   sing N N 280 
SER C   O    doub N N 281 
SER C   OXT  sing N N 282 
SER CB  OG   sing N N 283 
SER CB  HB2  sing N N 284 
SER CB  HB3  sing N N 285 
SER OG  HG   sing N N 286 
SER OXT HXT  sing N N 287 
THR N   CA   sing N N 288 
THR N   H    sing N N 289 
THR N   H2   sing N N 290 
THR CA  C    sing N N 291 
THR CA  CB   sing N N 292 
THR CA  HA   sing N N 293 
THR C   O    doub N N 294 
THR C   OXT  sing N N 295 
THR CB  OG1  sing N N 296 
THR CB  CG2  sing N N 297 
THR CB  HB   sing N N 298 
THR OG1 HG1  sing N N 299 
THR CG2 HG21 sing N N 300 
THR CG2 HG22 sing N N 301 
THR CG2 HG23 sing N N 302 
THR OXT HXT  sing N N 303 
TRP N   CA   sing N N 304 
TRP N   H    sing N N 305 
TRP N   H2   sing N N 306 
TRP CA  C    sing N N 307 
TRP CA  CB   sing N N 308 
TRP CA  HA   sing N N 309 
TRP C   O    doub N N 310 
TRP C   OXT  sing N N 311 
TRP CB  CG   sing N N 312 
TRP CB  HB2  sing N N 313 
TRP CB  HB3  sing N N 314 
TRP CG  CD1  doub Y N 315 
TRP CG  CD2  sing Y N 316 
TRP CD1 NE1  sing Y N 317 
TRP CD1 HD1  sing N N 318 
TRP CD2 CE2  doub Y N 319 
TRP CD2 CE3  sing Y N 320 
TRP NE1 CE2  sing Y N 321 
TRP NE1 HE1  sing N N 322 
TRP CE2 CZ2  sing Y N 323 
TRP CE3 CZ3  doub Y N 324 
TRP CE3 HE3  sing N N 325 
TRP CZ2 CH2  doub Y N 326 
TRP CZ2 HZ2  sing N N 327 
TRP CZ3 CH2  sing Y N 328 
TRP CZ3 HZ3  sing N N 329 
TRP CH2 HH2  sing N N 330 
TRP OXT HXT  sing N N 331 
TYR N   CA   sing N N 332 
TYR N   H    sing N N 333 
TYR N   H2   sing N N 334 
TYR CA  C    sing N N 335 
TYR CA  CB   sing N N 336 
TYR CA  HA   sing N N 337 
TYR C   O    doub N N 338 
TYR C   OXT  sing N N 339 
TYR CB  CG   sing N N 340 
TYR CB  HB2  sing N N 341 
TYR CB  HB3  sing N N 342 
TYR CG  CD1  doub Y N 343 
TYR CG  CD2  sing Y N 344 
TYR CD1 CE1  sing Y N 345 
TYR CD1 HD1  sing N N 346 
TYR CD2 CE2  doub Y N 347 
TYR CD2 HD2  sing N N 348 
TYR CE1 CZ   doub Y N 349 
TYR CE1 HE1  sing N N 350 
TYR CE2 CZ   sing Y N 351 
TYR CE2 HE2  sing N N 352 
TYR CZ  OH   sing N N 353 
TYR OH  HH   sing N N 354 
TYR OXT HXT  sing N N 355 
VAL N   CA   sing N N 356 
VAL N   H    sing N N 357 
VAL N   H2   sing N N 358 
VAL CA  C    sing N N 359 
VAL CA  CB   sing N N 360 
VAL CA  HA   sing N N 361 
VAL C   O    doub N N 362 
VAL C   OXT  sing N N 363 
VAL CB  CG1  sing N N 364 
VAL CB  CG2  sing N N 365 
VAL CB  HB   sing N N 366 
VAL CG1 HG11 sing N N 367 
VAL CG1 HG12 sing N N 368 
VAL CG1 HG13 sing N N 369 
VAL CG2 HG21 sing N N 370 
VAL CG2 HG22 sing N N 371 
VAL CG2 HG23 sing N N 372 
VAL OXT HXT  sing N N 373 
# 
_pdbx_initial_refinement_model.id               1 
_pdbx_initial_refinement_model.entity_id_list   ? 
_pdbx_initial_refinement_model.type             'experimental model' 
_pdbx_initial_refinement_model.source_name      PDB 
_pdbx_initial_refinement_model.accession_code   2BA0 
_pdbx_initial_refinement_model.details          'PDB ENTRY 2BA0' 
# 
